data_6RNL
# 
_entry.id   6RNL 
# 
_audit_conform.dict_name       mmcif_pdbx.dic 
_audit_conform.dict_version    5.392 
_audit_conform.dict_location   http://mmcif.pdb.org/dictionaries/ascii/mmcif_pdbx.dic 
# 
loop_
_database_2.database_id 
_database_2.database_code 
_database_2.pdbx_database_accession 
_database_2.pdbx_DOI 
PDB   6RNL         pdb_00006rnl 10.2210/pdb6rnl/pdb 
WWPDB D_1292102248 ?            ?                   
# 
loop_
_pdbx_audit_revision_history.ordinal 
_pdbx_audit_revision_history.data_content_type 
_pdbx_audit_revision_history.major_revision 
_pdbx_audit_revision_history.minor_revision 
_pdbx_audit_revision_history.revision_date 
1 'Structure model' 1 0 2019-08-28 
2 'Structure model' 1 1 2019-09-11 
3 'Structure model' 1 2 2024-05-15 
# 
_pdbx_audit_revision_details.ordinal             1 
_pdbx_audit_revision_details.revision_ordinal    1 
_pdbx_audit_revision_details.data_content_type   'Structure model' 
_pdbx_audit_revision_details.provider            repository 
_pdbx_audit_revision_details.type                'Initial release' 
_pdbx_audit_revision_details.description         ? 
_pdbx_audit_revision_details.details             ? 
# 
loop_
_pdbx_audit_revision_group.ordinal 
_pdbx_audit_revision_group.revision_ordinal 
_pdbx_audit_revision_group.data_content_type 
_pdbx_audit_revision_group.group 
1 2 'Structure model' 'Data collection'      
2 2 'Structure model' 'Database references'  
3 3 'Structure model' 'Data collection'      
4 3 'Structure model' 'Database references'  
5 3 'Structure model' 'Derived calculations' 
# 
loop_
_pdbx_audit_revision_category.ordinal 
_pdbx_audit_revision_category.revision_ordinal 
_pdbx_audit_revision_category.data_content_type 
_pdbx_audit_revision_category.category 
1 2 'Structure model' citation               
2 2 'Structure model' citation_author        
3 3 'Structure model' chem_comp_atom         
4 3 'Structure model' chem_comp_bond         
5 3 'Structure model' database_2             
6 3 'Structure model' pdbx_struct_conn_angle 
7 3 'Structure model' struct_conn            
# 
loop_
_pdbx_audit_revision_item.ordinal 
_pdbx_audit_revision_item.revision_ordinal 
_pdbx_audit_revision_item.data_content_type 
_pdbx_audit_revision_item.item 
1  2 'Structure model' '_citation.country'                         
2  2 'Structure model' '_citation.journal_abbrev'                  
3  2 'Structure model' '_citation.journal_id_ISSN'                 
4  2 'Structure model' '_citation.journal_volume'                  
5  2 'Structure model' '_citation.page_first'                      
6  2 'Structure model' '_citation.page_last'                       
7  2 'Structure model' '_citation.pdbx_database_id_DOI'            
8  2 'Structure model' '_citation.pdbx_database_id_PubMed'         
9  2 'Structure model' '_citation.title'                           
10 2 'Structure model' '_citation.year'                            
11 2 'Structure model' '_citation_author.identifier_ORCID'         
12 2 'Structure model' '_citation_author.name'                     
13 3 'Structure model' '_database_2.pdbx_DOI'                      
14 3 'Structure model' '_database_2.pdbx_database_accession'       
15 3 'Structure model' '_pdbx_struct_conn_angle.ptnr1_auth_seq_id' 
16 3 'Structure model' '_pdbx_struct_conn_angle.ptnr3_auth_seq_id' 
17 3 'Structure model' '_pdbx_struct_conn_angle.value'             
18 3 'Structure model' '_struct_conn.pdbx_dist_value'              
19 3 'Structure model' '_struct_conn.ptnr1_auth_asym_id'           
20 3 'Structure model' '_struct_conn.ptnr1_auth_comp_id'           
21 3 'Structure model' '_struct_conn.ptnr1_auth_seq_id'            
22 3 'Structure model' '_struct_conn.ptnr1_label_asym_id'          
23 3 'Structure model' '_struct_conn.ptnr1_label_atom_id'          
24 3 'Structure model' '_struct_conn.ptnr1_label_comp_id'          
25 3 'Structure model' '_struct_conn.ptnr1_label_seq_id'           
26 3 'Structure model' '_struct_conn.ptnr2_auth_asym_id'           
27 3 'Structure model' '_struct_conn.ptnr2_auth_comp_id'           
28 3 'Structure model' '_struct_conn.ptnr2_auth_seq_id'            
29 3 'Structure model' '_struct_conn.ptnr2_label_asym_id'          
30 3 'Structure model' '_struct_conn.ptnr2_label_atom_id'          
31 3 'Structure model' '_struct_conn.ptnr2_label_comp_id'          
32 3 'Structure model' '_struct_conn.ptnr2_label_seq_id'           
33 3 'Structure model' '_struct_conn.ptnr2_symmetry'               
# 
_pdbx_database_status.status_code                     REL 
_pdbx_database_status.status_code_sf                  REL 
_pdbx_database_status.status_code_mr                  ? 
_pdbx_database_status.entry_id                        6RNL 
_pdbx_database_status.recvd_initial_deposition_date   2019-05-09 
_pdbx_database_status.SG_entry                        N 
_pdbx_database_status.deposit_site                    PDBE 
_pdbx_database_status.process_site                    PDBE 
_pdbx_database_status.status_code_cs                  ? 
_pdbx_database_status.methods_development_category    ? 
_pdbx_database_status.pdb_format_compatible           Y 
_pdbx_database_status.status_code_nmr_data            ? 
# 
loop_
_audit_author.name 
_audit_author.pdbx_ordinal 
_audit_author.identifier_ORCID 
'McQuaid, K.T.' 1 0000-0002-3222-5584 
'Hall, J.P.'    2 0000-0003-3716-4378 
'Cardin, C.J.'  3 0000-0002-2556-9995 
# 
_citation.abstract                  ? 
_citation.abstract_id_CAS           ? 
_citation.book_id_ISBN              ? 
_citation.book_publisher            ? 
_citation.book_publisher_city       ? 
_citation.book_title                ? 
_citation.coordinate_linkage        ? 
_citation.country                   UK 
_citation.database_id_Medline       ? 
_citation.details                   ? 
_citation.id                        primary 
_citation.journal_abbrev            'Chem.Commun.(Camb.)' 
_citation.journal_id_ASTM           ? 
_citation.journal_id_CSD            ? 
_citation.journal_id_ISSN           1364-548X 
_citation.journal_full              ? 
_citation.journal_issue             ? 
_citation.journal_volume            55 
_citation.language                  ? 
_citation.page_first                9116 
_citation.page_last                 9119 
_citation.title                     
;Three thymine/adenine binding modes of the ruthenium complex Lambda-[Ru(TAP)2(dppz)]2+to the G-quadruplex forming sequence d(TAGGGTT) shown by X-ray crystallography.
;
_citation.year                      2019 
_citation.database_id_CSD           ? 
_citation.pdbx_database_id_DOI      10.1039/c9cc04316k 
_citation.pdbx_database_id_PubMed   31298665 
_citation.unpublished_flag          ? 
# 
loop_
_citation_author.citation_id 
_citation_author.name 
_citation_author.ordinal 
_citation_author.identifier_ORCID 
primary 'McQuaid, K.'      1 ? 
primary 'Hall, J.P.'       2 ? 
primary 'Baumgaertner, L.' 3 ? 
primary 'Cardin, D.J.'     4 ? 
primary 'Cardin, C.J.'     5 ? 
# 
loop_
_entity.id 
_entity.type 
_entity.src_method 
_entity.pdbx_description 
_entity.formula_weight 
_entity.pdbx_number_of_molecules 
_entity.pdbx_ec 
_entity.pdbx_mutation 
_entity.pdbx_fragment 
_entity.details 
1 polymer     syn 
;DNA (5'-D(*TP*AP*GP*GP*GP*TP*T)-3')
;
2168.445 4  ? ? ? ? 
2 non-polymer syn 'POTASSIUM ION'                       39.098   2  ? ? ? ? 
3 non-polymer syn 'Ru(tap)2(dppz) complex'              747.732  4  ? ? ? ? 
4 non-polymer syn 'SODIUM ION'                          22.990   1  ? ? ? ? 
5 water       nat water                                 18.015   75 ? ? ? ? 
# 
_entity_poly.entity_id                      1 
_entity_poly.type                           polydeoxyribonucleotide 
_entity_poly.nstd_linkage                   no 
_entity_poly.nstd_monomer                   no 
_entity_poly.pdbx_seq_one_letter_code       '(DT)(DA)(DG)(DG)(DG)(DT)(DT)' 
_entity_poly.pdbx_seq_one_letter_code_can   TAGGGTT 
_entity_poly.pdbx_strand_id                 A,B,C,D 
_entity_poly.pdbx_target_identifier         ? 
# 
loop_
_pdbx_entity_nonpoly.entity_id 
_pdbx_entity_nonpoly.name 
_pdbx_entity_nonpoly.comp_id 
2 'POTASSIUM ION'          K   
3 'Ru(tap)2(dppz) complex' RKL 
4 'SODIUM ION'             NA  
5 water                    HOH 
# 
loop_
_entity_poly_seq.entity_id 
_entity_poly_seq.num 
_entity_poly_seq.mon_id 
_entity_poly_seq.hetero 
1 1 DT n 
1 2 DA n 
1 3 DG n 
1 4 DG n 
1 5 DG n 
1 6 DT n 
1 7 DT n 
# 
_pdbx_entity_src_syn.entity_id              1 
_pdbx_entity_src_syn.pdbx_src_id            1 
_pdbx_entity_src_syn.pdbx_alt_source_flag   sample 
_pdbx_entity_src_syn.pdbx_beg_seq_num       1 
_pdbx_entity_src_syn.pdbx_end_seq_num       7 
_pdbx_entity_src_syn.organism_scientific    'synthetic construct' 
_pdbx_entity_src_syn.organism_common_name   ? 
_pdbx_entity_src_syn.ncbi_taxonomy_id       32630 
_pdbx_entity_src_syn.details                ? 
# 
loop_
_chem_comp.id 
_chem_comp.type 
_chem_comp.mon_nstd_flag 
_chem_comp.name 
_chem_comp.pdbx_synonyms 
_chem_comp.formula 
_chem_comp.formula_weight 
DA  'DNA linking' y "2'-DEOXYADENOSINE-5'-MONOPHOSPHATE" ? 'C10 H14 N5 O6 P'  331.222 
DG  'DNA linking' y "2'-DEOXYGUANOSINE-5'-MONOPHOSPHATE" ? 'C10 H14 N5 O7 P'  347.221 
DT  'DNA linking' y "THYMIDINE-5'-MONOPHOSPHATE"         ? 'C10 H15 N2 O8 P'  322.208 
HOH non-polymer   . WATER                                ? 'H2 O'             18.015  
K   non-polymer   . 'POTASSIUM ION'                      ? 'K 1'              39.098  
NA  non-polymer   . 'SODIUM ION'                         ? 'Na 1'             22.990  
RKL non-polymer   . 'Ru(tap)2(dppz) complex'             ? 'C38 H22 N12 Ru 2' 747.732 
# 
loop_
_pdbx_poly_seq_scheme.asym_id 
_pdbx_poly_seq_scheme.entity_id 
_pdbx_poly_seq_scheme.seq_id 
_pdbx_poly_seq_scheme.mon_id 
_pdbx_poly_seq_scheme.ndb_seq_num 
_pdbx_poly_seq_scheme.pdb_seq_num 
_pdbx_poly_seq_scheme.auth_seq_num 
_pdbx_poly_seq_scheme.pdb_mon_id 
_pdbx_poly_seq_scheme.auth_mon_id 
_pdbx_poly_seq_scheme.pdb_strand_id 
_pdbx_poly_seq_scheme.pdb_ins_code 
_pdbx_poly_seq_scheme.hetero 
A 1 1 DT 1 1 1 DT DT A . n 
A 1 2 DA 2 2 2 DA DA A . n 
A 1 3 DG 3 3 3 DG DG A . n 
A 1 4 DG 4 4 4 DG DG A . n 
A 1 5 DG 5 5 5 DG DG A . n 
A 1 6 DT 6 6 6 DT DT A . n 
A 1 7 DT 7 7 7 DT DT A . n 
B 1 1 DT 1 1 1 DT DT B . n 
B 1 2 DA 2 2 2 DA DA B . n 
B 1 3 DG 3 3 3 DG DG B . n 
B 1 4 DG 4 4 4 DG DG B . n 
B 1 5 DG 5 5 5 DG DG B . n 
B 1 6 DT 6 6 6 DT DT B . n 
B 1 7 DT 7 7 7 DT DT B . n 
C 1 1 DT 1 1 1 DT DT C . n 
C 1 2 DA 2 2 2 DA DA C . n 
C 1 3 DG 3 3 3 DG DG C . n 
C 1 4 DG 4 4 4 DG DG C . n 
C 1 5 DG 5 5 5 DG DG C . n 
C 1 6 DT 6 6 6 DT DT C . n 
C 1 7 DT 7 7 7 DT DT C . n 
D 1 1 DT 1 1 1 DT DT D . n 
D 1 2 DA 2 2 2 DA DA D . n 
D 1 3 DG 3 3 3 DG DG D . n 
D 1 4 DG 4 4 4 DG DG D . n 
D 1 5 DG 5 5 5 DG DG D . n 
D 1 6 DT 6 6 6 DT DT D . n 
D 1 7 DT 7 7 7 DT DT D . n 
# 
loop_
_pdbx_nonpoly_scheme.asym_id 
_pdbx_nonpoly_scheme.entity_id 
_pdbx_nonpoly_scheme.mon_id 
_pdbx_nonpoly_scheme.ndb_seq_num 
_pdbx_nonpoly_scheme.pdb_seq_num 
_pdbx_nonpoly_scheme.auth_seq_num 
_pdbx_nonpoly_scheme.pdb_mon_id 
_pdbx_nonpoly_scheme.auth_mon_id 
_pdbx_nonpoly_scheme.pdb_strand_id 
_pdbx_nonpoly_scheme.pdb_ins_code 
E 2 K   1  101 1  K   K   A . 
F 3 RKL 1  102 1  RKL RKL A . 
G 3 RKL 1  103 3  RKL RKL A . 
H 4 NA  1  104 1  NA  NA  A . 
I 2 K   1  101 2  K   K   C . 
J 3 RKL 1  102 2  RKL RKL C . 
K 3 RKL 1  101 4  RKL RKL D . 
L 5 HOH 1  201 31 HOH HOH A . 
L 5 HOH 2  202 71 HOH HOH A . 
L 5 HOH 3  203 57 HOH HOH A . 
L 5 HOH 4  204 12 HOH HOH A . 
L 5 HOH 5  205 17 HOH HOH A . 
L 5 HOH 6  206 24 HOH HOH A . 
L 5 HOH 7  207 21 HOH HOH A . 
L 5 HOH 8  208 45 HOH HOH A . 
L 5 HOH 9  209 63 HOH HOH A . 
L 5 HOH 10 210 52 HOH HOH A . 
L 5 HOH 11 211 3  HOH HOH A . 
L 5 HOH 12 212 39 HOH HOH A . 
L 5 HOH 13 213 27 HOH HOH A . 
L 5 HOH 14 214 53 HOH HOH A . 
L 5 HOH 15 215 30 HOH HOH A . 
L 5 HOH 16 216 32 HOH HOH A . 
L 5 HOH 17 217 34 HOH HOH A . 
L 5 HOH 18 218 43 HOH HOH A . 
L 5 HOH 19 219 35 HOH HOH A . 
L 5 HOH 20 220 23 HOH HOH A . 
L 5 HOH 21 221 10 HOH HOH A . 
L 5 HOH 22 222 41 HOH HOH A . 
L 5 HOH 23 223 61 HOH HOH A . 
L 5 HOH 24 224 40 HOH HOH A . 
L 5 HOH 25 225 70 HOH HOH A . 
L 5 HOH 26 226 68 HOH HOH A . 
M 5 HOH 1  101 15 HOH HOH B . 
M 5 HOH 2  102 26 HOH HOH B . 
M 5 HOH 3  103 4  HOH HOH B . 
M 5 HOH 4  104 13 HOH HOH B . 
M 5 HOH 5  105 47 HOH HOH B . 
M 5 HOH 6  106 2  HOH HOH B . 
M 5 HOH 7  107 8  HOH HOH B . 
M 5 HOH 8  108 5  HOH HOH B . 
M 5 HOH 9  109 11 HOH HOH B . 
M 5 HOH 10 110 6  HOH HOH B . 
M 5 HOH 11 111 44 HOH HOH B . 
M 5 HOH 12 112 22 HOH HOH B . 
M 5 HOH 13 113 54 HOH HOH B . 
M 5 HOH 14 114 50 HOH HOH B . 
M 5 HOH 15 115 72 HOH HOH B . 
M 5 HOH 16 116 55 HOH HOH B . 
M 5 HOH 17 117 46 HOH HOH B . 
M 5 HOH 18 118 37 HOH HOH B . 
M 5 HOH 19 119 66 HOH HOH B . 
M 5 HOH 20 120 14 HOH HOH B . 
M 5 HOH 21 121 60 HOH HOH B . 
M 5 HOH 22 122 59 HOH HOH B . 
N 5 HOH 1  201 9  HOH HOH C . 
N 5 HOH 2  202 16 HOH HOH C . 
N 5 HOH 3  203 48 HOH HOH C . 
N 5 HOH 4  204 1  HOH HOH C . 
N 5 HOH 5  205 38 HOH HOH C . 
N 5 HOH 6  206 36 HOH HOH C . 
N 5 HOH 7  207 73 HOH HOH C . 
N 5 HOH 8  208 28 HOH HOH C . 
N 5 HOH 9  209 25 HOH HOH C . 
N 5 HOH 10 210 7  HOH HOH C . 
N 5 HOH 11 211 74 HOH HOH C . 
N 5 HOH 12 212 58 HOH HOH C . 
O 5 HOH 1  201 69 HOH HOH D . 
O 5 HOH 2  202 49 HOH HOH D . 
O 5 HOH 3  203 33 HOH HOH D . 
O 5 HOH 4  204 64 HOH HOH D . 
O 5 HOH 5  205 29 HOH HOH D . 
O 5 HOH 6  206 65 HOH HOH D . 
O 5 HOH 7  207 20 HOH HOH D . 
O 5 HOH 8  208 51 HOH HOH D . 
O 5 HOH 9  209 75 HOH HOH D . 
O 5 HOH 10 210 42 HOH HOH D . 
O 5 HOH 11 211 67 HOH HOH D . 
O 5 HOH 12 212 19 HOH HOH D . 
O 5 HOH 13 213 56 HOH HOH D . 
O 5 HOH 14 214 18 HOH HOH D . 
O 5 HOH 15 215 62 HOH HOH D . 
# 
loop_
_software.citation_id 
_software.classification 
_software.compiler_name 
_software.compiler_version 
_software.contact_author 
_software.contact_author_email 
_software.date 
_software.description 
_software.dependencies 
_software.hardware 
_software.language 
_software.location 
_software.mods 
_software.name 
_software.os 
_software.os_version 
_software.type 
_software.version 
_software.pdbx_ordinal 
? refinement       ? ? ? ? ? ? ? ? ? ? ? PHENIX  ? ? ? '(1.15rc2_3433: ???)' 1 
? 'data reduction' ? ? ? ? ? ? ? ? ? ? ? DIALS   ? ? ? .                     2 
? 'data scaling'   ? ? ? ? ? ? ? ? ? ? ? DIALS   ? ? ? .                     3 
? phasing          ? ? ? ? ? ? ? ? ? ? ? SHELXDE ? ? ? .                     4 
? 'data scaling'   ? ? ? ? ? ? ? ? ? ? ? xia2    ? ? ? .                     5 
# 
_cell.angle_alpha                  90.00 
_cell.angle_alpha_esd              ? 
_cell.angle_beta                   90.00 
_cell.angle_beta_esd               ? 
_cell.angle_gamma                  120.00 
_cell.angle_gamma_esd              ? 
_cell.entry_id                     6RNL 
_cell.details                      ? 
_cell.formula_units_Z              ? 
_cell.length_a                     38.514 
_cell.length_a_esd                 ? 
_cell.length_b                     38.514 
_cell.length_b_esd                 ? 
_cell.length_c                     128.804 
_cell.length_c_esd                 ? 
_cell.volume                       ? 
_cell.volume_esd                   ? 
_cell.Z_PDB                        24 
_cell.reciprocal_angle_alpha       ? 
_cell.reciprocal_angle_beta        ? 
_cell.reciprocal_angle_gamma       ? 
_cell.reciprocal_angle_alpha_esd   ? 
_cell.reciprocal_angle_beta_esd    ? 
_cell.reciprocal_angle_gamma_esd   ? 
_cell.reciprocal_length_a          ? 
_cell.reciprocal_length_b          ? 
_cell.reciprocal_length_c          ? 
_cell.reciprocal_length_a_esd      ? 
_cell.reciprocal_length_b_esd      ? 
_cell.reciprocal_length_c_esd      ? 
_cell.pdbx_unique_axis             ? 
# 
_symmetry.entry_id                         6RNL 
_symmetry.cell_setting                     ? 
_symmetry.Int_Tables_number                170 
_symmetry.space_group_name_Hall            ? 
_symmetry.space_group_name_H-M             'P 65' 
_symmetry.pdbx_full_space_group_name_H-M   ? 
# 
_exptl.absorpt_coefficient_mu     ? 
_exptl.absorpt_correction_T_max   ? 
_exptl.absorpt_correction_T_min   ? 
_exptl.absorpt_correction_type    ? 
_exptl.absorpt_process_details    ? 
_exptl.entry_id                   6RNL 
_exptl.crystals_number            1 
_exptl.details                    ? 
_exptl.method                     'X-RAY DIFFRACTION' 
_exptl.method_details             ? 
# 
_exptl_crystal.colour                      ? 
_exptl_crystal.density_diffrn              ? 
_exptl_crystal.density_Matthews            3.18 
_exptl_crystal.density_method              ? 
_exptl_crystal.density_percent_sol         40 
_exptl_crystal.description                 'Red Rods' 
_exptl_crystal.F_000                       ? 
_exptl_crystal.id                          1 
_exptl_crystal.preparation                 ? 
_exptl_crystal.size_max                    ? 
_exptl_crystal.size_mid                    ? 
_exptl_crystal.size_min                    ? 
_exptl_crystal.size_rad                    ? 
_exptl_crystal.colour_lustre               ? 
_exptl_crystal.colour_modifier             ? 
_exptl_crystal.colour_primary              ? 
_exptl_crystal.density_meas                ? 
_exptl_crystal.density_meas_esd            ? 
_exptl_crystal.density_meas_gt             ? 
_exptl_crystal.density_meas_lt             ? 
_exptl_crystal.density_meas_temp           ? 
_exptl_crystal.density_meas_temp_esd       ? 
_exptl_crystal.density_meas_temp_gt        ? 
_exptl_crystal.density_meas_temp_lt        ? 
_exptl_crystal.pdbx_crystal_image_url      ? 
_exptl_crystal.pdbx_crystal_image_format   ? 
_exptl_crystal.pdbx_mosaicity              ? 
_exptl_crystal.pdbx_mosaicity_esd          ? 
# 
_exptl_crystal_grow.apparatus       ? 
_exptl_crystal_grow.atmosphere      ? 
_exptl_crystal_grow.crystal_id      1 
_exptl_crystal_grow.details         ? 
_exptl_crystal_grow.method          'VAPOR DIFFUSION, SITTING DROP' 
_exptl_crystal_grow.method_ref      ? 
_exptl_crystal_grow.pH              6.0 
_exptl_crystal_grow.pressure        ? 
_exptl_crystal_grow.pressure_esd    ? 
_exptl_crystal_grow.seeding         ? 
_exptl_crystal_grow.seeding_ref     ? 
_exptl_crystal_grow.temp            293 
_exptl_crystal_grow.temp_details    ? 
_exptl_crystal_grow.temp_esd        ? 
_exptl_crystal_grow.time            ? 
_exptl_crystal_grow.pdbx_details    
'0.1 M potassium chloride, 0.025 sodium cacodylate, 17.5% Tacsimate pH 6.0, and 0.0005 M spermine.' 
_exptl_crystal_grow.pdbx_pH_range   ? 
# 
_diffrn.ambient_environment              ? 
_diffrn.ambient_temp                     100 
_diffrn.ambient_temp_details             ? 
_diffrn.ambient_temp_esd                 ? 
_diffrn.crystal_id                       1 
_diffrn.crystal_support                  ? 
_diffrn.crystal_treatment                ? 
_diffrn.details                          ? 
_diffrn.id                               1 
_diffrn.ambient_pressure                 ? 
_diffrn.ambient_pressure_esd             ? 
_diffrn.ambient_pressure_gt              ? 
_diffrn.ambient_pressure_lt              ? 
_diffrn.ambient_temp_gt                  ? 
_diffrn.ambient_temp_lt                  ? 
_diffrn.pdbx_serial_crystal_experiment   N 
# 
_diffrn_detector.details                      ? 
_diffrn_detector.detector                     PIXEL 
_diffrn_detector.diffrn_id                    1 
_diffrn_detector.type                         'DECTRIS PILATUS 6M-F' 
_diffrn_detector.area_resol_mean              ? 
_diffrn_detector.dtime                        ? 
_diffrn_detector.pdbx_frames_total            ? 
_diffrn_detector.pdbx_collection_time_total   ? 
_diffrn_detector.pdbx_collection_date         2018-07-23 
_diffrn_detector.pdbx_frequency               ? 
# 
_diffrn_radiation.collimation                      ? 
_diffrn_radiation.diffrn_id                        1 
_diffrn_radiation.filter_edge                      ? 
_diffrn_radiation.inhomogeneity                    ? 
_diffrn_radiation.monochromator                    ? 
_diffrn_radiation.polarisn_norm                    ? 
_diffrn_radiation.polarisn_ratio                   ? 
_diffrn_radiation.probe                            ? 
_diffrn_radiation.type                             ? 
_diffrn_radiation.xray_symbol                      ? 
_diffrn_radiation.wavelength_id                    1 
_diffrn_radiation.pdbx_monochromatic_or_laue_m_l   M 
_diffrn_radiation.pdbx_wavelength_list             ? 
_diffrn_radiation.pdbx_wavelength                  ? 
_diffrn_radiation.pdbx_diffrn_protocol             'SINGLE WAVELENGTH' 
_diffrn_radiation.pdbx_analyzer                    ? 
_diffrn_radiation.pdbx_scattering_type             x-ray 
# 
_diffrn_radiation_wavelength.id           1 
_diffrn_radiation_wavelength.wavelength   0.5570 
_diffrn_radiation_wavelength.wt           1.0 
# 
_diffrn_source.current                     ? 
_diffrn_source.details                     ? 
_diffrn_source.diffrn_id                   1 
_diffrn_source.power                       ? 
_diffrn_source.size                        ? 
_diffrn_source.source                      SYNCHROTRON 
_diffrn_source.target                      ? 
_diffrn_source.type                        'DIAMOND BEAMLINE I03' 
_diffrn_source.voltage                     ? 
_diffrn_source.take-off_angle              ? 
_diffrn_source.pdbx_wavelength_list        0.5570 
_diffrn_source.pdbx_wavelength             ? 
_diffrn_source.pdbx_synchrotron_beamline   I03 
_diffrn_source.pdbx_synchrotron_site       Diamond 
# 
_reflns.B_iso_Wilson_estimate            ? 
_reflns.entry_id                         6RNL 
_reflns.data_reduction_details           ? 
_reflns.data_reduction_method            ? 
_reflns.d_resolution_high                1.88 
_reflns.d_resolution_low                 32.289 
_reflns.details                          ? 
_reflns.limit_h_max                      ? 
_reflns.limit_h_min                      ? 
_reflns.limit_k_max                      ? 
_reflns.limit_k_min                      ? 
_reflns.limit_l_max                      ? 
_reflns.limit_l_min                      ? 
_reflns.number_all                       ? 
_reflns.number_obs                       17170 
_reflns.observed_criterion               ? 
_reflns.observed_criterion_F_max         ? 
_reflns.observed_criterion_F_min         ? 
_reflns.observed_criterion_I_max         ? 
_reflns.observed_criterion_I_min         ? 
_reflns.observed_criterion_sigma_F       ? 
_reflns.observed_criterion_sigma_I       ? 
_reflns.percent_possible_obs             99 
_reflns.R_free_details                   ? 
_reflns.Rmerge_F_all                     ? 
_reflns.Rmerge_F_obs                     ? 
_reflns.Friedel_coverage                 ? 
_reflns.number_gt                        ? 
_reflns.threshold_expression             ? 
_reflns.pdbx_redundancy                  19.9 
_reflns.pdbx_Rmerge_I_obs                0.1202 
_reflns.pdbx_Rmerge_I_all                ? 
_reflns.pdbx_Rsym_value                  ? 
_reflns.pdbx_netI_over_av_sigmaI         ? 
_reflns.pdbx_netI_over_sigmaI            14.36 
_reflns.pdbx_res_netI_over_av_sigmaI_2   ? 
_reflns.pdbx_res_netI_over_sigmaI_2      ? 
_reflns.pdbx_chi_squared                 ? 
_reflns.pdbx_scaling_rejects             ? 
_reflns.pdbx_d_res_high_opt              ? 
_reflns.pdbx_d_res_low_opt               ? 
_reflns.pdbx_d_res_opt_method            ? 
_reflns.phase_calculation_details        ? 
_reflns.pdbx_Rrim_I_all                  ? 
_reflns.pdbx_Rpim_I_all                  ? 
_reflns.pdbx_d_opt                       ? 
_reflns.pdbx_number_measured_all         ? 
_reflns.pdbx_diffrn_id                   1 
_reflns.pdbx_ordinal                     1 
_reflns.pdbx_CC_half                     0.999 
_reflns.pdbx_R_split                     ? 
# 
_reflns_shell.d_res_high                  1.88 
_reflns_shell.d_res_low                   1.947 
_reflns_shell.meanI_over_sigI_all         ? 
_reflns_shell.meanI_over_sigI_obs         1.10 
_reflns_shell.number_measured_all         ? 
_reflns_shell.number_measured_obs         ? 
_reflns_shell.number_possible             ? 
_reflns_shell.number_unique_all           ? 
_reflns_shell.number_unique_obs           884 
_reflns_shell.percent_possible_all        90.72 
_reflns_shell.percent_possible_obs        ? 
_reflns_shell.Rmerge_F_all                ? 
_reflns_shell.Rmerge_F_obs                ? 
_reflns_shell.Rmerge_I_all                ? 
_reflns_shell.Rmerge_I_obs                ? 
_reflns_shell.meanI_over_sigI_gt          ? 
_reflns_shell.meanI_over_uI_all           ? 
_reflns_shell.meanI_over_uI_gt            ? 
_reflns_shell.number_measured_gt          ? 
_reflns_shell.number_unique_gt            ? 
_reflns_shell.percent_possible_gt         ? 
_reflns_shell.Rmerge_F_gt                 ? 
_reflns_shell.Rmerge_I_gt                 ? 
_reflns_shell.pdbx_redundancy             ? 
_reflns_shell.pdbx_Rsym_value             ? 
_reflns_shell.pdbx_chi_squared            ? 
_reflns_shell.pdbx_netI_over_sigmaI_all   ? 
_reflns_shell.pdbx_netI_over_sigmaI_obs   ? 
_reflns_shell.pdbx_Rrim_I_all             ? 
_reflns_shell.pdbx_Rpim_I_all             ? 
_reflns_shell.pdbx_rejects                ? 
_reflns_shell.pdbx_ordinal                1 
_reflns_shell.pdbx_diffrn_id              1 
_reflns_shell.pdbx_CC_half                0.737 
_reflns_shell.pdbx_R_split                ? 
# 
_refine.aniso_B[1][1]                            ? 
_refine.aniso_B[1][2]                            ? 
_refine.aniso_B[1][3]                            ? 
_refine.aniso_B[2][2]                            ? 
_refine.aniso_B[2][3]                            ? 
_refine.aniso_B[3][3]                            ? 
_refine.B_iso_max                                ? 
_refine.B_iso_mean                               ? 
_refine.B_iso_min                                ? 
_refine.correlation_coeff_Fo_to_Fc               ? 
_refine.correlation_coeff_Fo_to_Fc_free          ? 
_refine.details                                  ? 
_refine.diff_density_max                         ? 
_refine.diff_density_max_esd                     ? 
_refine.diff_density_min                         ? 
_refine.diff_density_min_esd                     ? 
_refine.diff_density_rms                         ? 
_refine.diff_density_rms_esd                     ? 
_refine.entry_id                                 6RNL 
_refine.pdbx_refine_id                           'X-RAY DIFFRACTION' 
_refine.ls_abs_structure_details                 ? 
_refine.ls_abs_structure_Flack                   ? 
_refine.ls_abs_structure_Flack_esd               ? 
_refine.ls_abs_structure_Rogers                  ? 
_refine.ls_abs_structure_Rogers_esd              ? 
_refine.ls_d_res_high                            1.880 
_refine.ls_d_res_low                             32.289 
_refine.ls_extinction_coef                       ? 
_refine.ls_extinction_coef_esd                   ? 
_refine.ls_extinction_expression                 ? 
_refine.ls_extinction_method                     ? 
_refine.ls_goodness_of_fit_all                   ? 
_refine.ls_goodness_of_fit_all_esd               ? 
_refine.ls_goodness_of_fit_obs                   ? 
_refine.ls_goodness_of_fit_obs_esd               ? 
_refine.ls_hydrogen_treatment                    ? 
_refine.ls_matrix_type                           ? 
_refine.ls_number_constraints                    ? 
_refine.ls_number_parameters                     ? 
_refine.ls_number_reflns_all                     ? 
_refine.ls_number_reflns_obs                     17170 
_refine.ls_number_reflns_R_free                  830 
_refine.ls_number_reflns_R_work                  ? 
_refine.ls_number_restraints                     ? 
_refine.ls_percent_reflns_obs                    98.69 
_refine.ls_percent_reflns_R_free                 4.83 
_refine.ls_R_factor_all                          ? 
_refine.ls_R_factor_obs                          0.1885 
_refine.ls_R_factor_R_free                       0.2145 
_refine.ls_R_factor_R_free_error                 ? 
_refine.ls_R_factor_R_free_error_details         ? 
_refine.ls_R_factor_R_work                       0.1872 
_refine.ls_R_Fsqd_factor_obs                     ? 
_refine.ls_R_I_factor_obs                        ? 
_refine.ls_redundancy_reflns_all                 ? 
_refine.ls_redundancy_reflns_obs                 ? 
_refine.ls_restrained_S_all                      ? 
_refine.ls_restrained_S_obs                      ? 
_refine.ls_shift_over_esd_max                    ? 
_refine.ls_shift_over_esd_mean                   ? 
_refine.ls_structure_factor_coef                 ? 
_refine.ls_weighting_details                     ? 
_refine.ls_weighting_scheme                      ? 
_refine.ls_wR_factor_all                         ? 
_refine.ls_wR_factor_obs                         ? 
_refine.ls_wR_factor_R_free                      ? 
_refine.ls_wR_factor_R_work                      ? 
_refine.occupancy_max                            ? 
_refine.occupancy_min                            ? 
_refine.solvent_model_details                    ? 
_refine.solvent_model_param_bsol                 ? 
_refine.solvent_model_param_ksol                 ? 
_refine.ls_R_factor_gt                           ? 
_refine.ls_goodness_of_fit_gt                    ? 
_refine.ls_goodness_of_fit_ref                   ? 
_refine.ls_shift_over_su_max                     ? 
_refine.ls_shift_over_su_max_lt                  ? 
_refine.ls_shift_over_su_mean                    ? 
_refine.ls_shift_over_su_mean_lt                 ? 
_refine.pdbx_ls_sigma_I                          ? 
_refine.pdbx_ls_sigma_F                          1.34 
_refine.pdbx_ls_sigma_Fsqd                       ? 
_refine.pdbx_data_cutoff_high_absF               ? 
_refine.pdbx_data_cutoff_high_rms_absF           ? 
_refine.pdbx_data_cutoff_low_absF                ? 
_refine.pdbx_isotropic_thermal_model             ? 
_refine.pdbx_ls_cross_valid_method               'FREE R-VALUE' 
_refine.pdbx_method_to_determine_struct          SAD 
_refine.pdbx_starting_model                      ? 
_refine.pdbx_stereochemistry_target_values       ? 
_refine.pdbx_R_Free_selection_details            ? 
_refine.pdbx_stereochem_target_val_spec_case     ? 
_refine.pdbx_overall_ESU_R                       ? 
_refine.pdbx_overall_ESU_R_Free                  ? 
_refine.pdbx_solvent_vdw_probe_radii             1.11 
_refine.pdbx_solvent_ion_probe_radii             ? 
_refine.pdbx_solvent_shrinkage_radii             0.90 
_refine.pdbx_real_space_R                        ? 
_refine.pdbx_density_correlation                 ? 
_refine.pdbx_pd_number_of_powder_patterns        ? 
_refine.pdbx_pd_number_of_points                 ? 
_refine.pdbx_pd_meas_number_of_points            ? 
_refine.pdbx_pd_proc_ls_prof_R_factor            ? 
_refine.pdbx_pd_proc_ls_prof_wR_factor           ? 
_refine.pdbx_pd_Marquardt_correlation_coeff      ? 
_refine.pdbx_pd_Fsqrd_R_factor                   ? 
_refine.pdbx_pd_ls_matrix_band_width             ? 
_refine.pdbx_overall_phase_error                 34.26 
_refine.pdbx_overall_SU_R_free_Cruickshank_DPI   ? 
_refine.pdbx_overall_SU_R_free_Blow_DPI          ? 
_refine.pdbx_overall_SU_R_Blow_DPI               ? 
_refine.pdbx_TLS_residual_ADP_flag               ? 
_refine.pdbx_diffrn_id                           1 
_refine.overall_SU_B                             ? 
_refine.overall_SU_ML                            0.34 
_refine.overall_SU_R_Cruickshank_DPI             ? 
_refine.overall_SU_R_free                        ? 
_refine.overall_FOM_free_R_set                   ? 
_refine.overall_FOM_work_R_set                   ? 
_refine.pdbx_average_fsc_overall                 ? 
_refine.pdbx_average_fsc_work                    ? 
_refine.pdbx_average_fsc_free                    ? 
# 
_refine_hist.pdbx_refine_id                   'X-RAY DIFFRACTION' 
_refine_hist.cycle_id                         LAST 
_refine_hist.pdbx_number_atoms_protein        0 
_refine_hist.pdbx_number_atoms_nucleic_acid   576 
_refine_hist.pdbx_number_atoms_ligand         207 
_refine_hist.number_atoms_solvent             75 
_refine_hist.number_atoms_total               858 
_refine_hist.d_res_high                       1.880 
_refine_hist.d_res_low                        32.289 
# 
loop_
_refine_ls_restr.pdbx_refine_id 
_refine_ls_restr.criterion 
_refine_ls_restr.dev_ideal 
_refine_ls_restr.dev_ideal_target 
_refine_ls_restr.number 
_refine_ls_restr.rejects 
_refine_ls_restr.type 
_refine_ls_restr.weight 
_refine_ls_restr.pdbx_restraint_function 
'X-RAY DIFFRACTION' ? 0.012  ? 900  ? f_bond_d           ? ? 
'X-RAY DIFFRACTION' ? 2.287  ? 1428 ? f_angle_d          ? ? 
'X-RAY DIFFRACTION' ? 34.296 ? 264  ? f_dihedral_angle_d ? ? 
'X-RAY DIFFRACTION' ? 0.052  ? 108  ? f_chiral_restr     ? ? 
'X-RAY DIFFRACTION' ? 0.015  ? 40   ? f_plane_restr      ? ? 
# 
loop_
_refine_ls_shell.pdbx_refine_id 
_refine_ls_shell.d_res_high 
_refine_ls_shell.d_res_low 
_refine_ls_shell.number_reflns_all 
_refine_ls_shell.number_reflns_obs 
_refine_ls_shell.number_reflns_R_free 
_refine_ls_shell.number_reflns_R_work 
_refine_ls_shell.percent_reflns_obs 
_refine_ls_shell.percent_reflns_R_free 
_refine_ls_shell.R_factor_all 
_refine_ls_shell.R_factor_obs 
_refine_ls_shell.R_factor_R_free 
_refine_ls_shell.R_factor_R_free_error 
_refine_ls_shell.R_factor_R_work 
_refine_ls_shell.redundancy_reflns_all 
_refine_ls_shell.redundancy_reflns_obs 
_refine_ls_shell.wR_factor_all 
_refine_ls_shell.wR_factor_obs 
_refine_ls_shell.wR_factor_R_free 
_refine_ls_shell.wR_factor_R_work 
_refine_ls_shell.pdbx_total_number_of_bins_used 
_refine_ls_shell.pdbx_phase_error 
_refine_ls_shell.pdbx_fsc_work 
_refine_ls_shell.pdbx_fsc_free 
'X-RAY DIFFRACTION' 1.8803 1.9981  . . 141 2561 93.00  . . . 0.3905 . 0.4118 . . . . . . . . . . 
'X-RAY DIFFRACTION' 1.9981 2.1523  . . 154 2774 100.00 . . . 0.3399 . 0.3143 . . . . . . . . . . 
'X-RAY DIFFRACTION' 2.1523 2.3688  . . 112 2754 100.00 . . . 0.3513 . 0.3056 . . . . . . . . . . 
'X-RAY DIFFRACTION' 2.3688 2.7115  . . 149 2718 100.00 . . . 0.2770 . 0.2461 . . . . . . . . . . 
'X-RAY DIFFRACTION' 2.7115 3.4156  . . 128 2785 100.00 . . . 0.2214 . 0.1763 . . . . . . . . . . 
'X-RAY DIFFRACTION' 3.4156 32.2941 . . 146 2748 100.00 . . . 0.1475 . 0.1242 . . . . . . . . . . 
# 
_struct.entry_id                     6RNL 
_struct.title                        'L-[Ru(TAP)2(dppz)]2+ bound to the G-quadruplex forming sequence d(TAGGGTT)' 
_struct.pdbx_model_details           ? 
_struct.pdbx_formula_weight          ? 
_struct.pdbx_formula_weight_method   ? 
_struct.pdbx_model_type_details      ? 
_struct.pdbx_CASP_flag               N 
# 
_struct_keywords.entry_id        6RNL 
_struct_keywords.text            'Ruthenium, intercalation, DNA, asymmetric' 
_struct_keywords.pdbx_keywords   DNA 
# 
loop_
_struct_asym.id 
_struct_asym.pdbx_blank_PDB_chainid_flag 
_struct_asym.pdbx_modified 
_struct_asym.entity_id 
_struct_asym.details 
A N N 1 ? 
B N N 1 ? 
C N N 1 ? 
D N N 1 ? 
E N N 2 ? 
F N N 3 ? 
G N N 3 ? 
H N N 4 ? 
I N N 2 ? 
J N N 3 ? 
K N N 3 ? 
L N N 5 ? 
M N N 5 ? 
N N N 5 ? 
O N N 5 ? 
# 
_struct_ref.id                         1 
_struct_ref.db_name                    PDB 
_struct_ref.db_code                    6RNL 
_struct_ref.pdbx_db_accession          6RNL 
_struct_ref.pdbx_db_isoform            ? 
_struct_ref.entity_id                  1 
_struct_ref.pdbx_seq_one_letter_code   ? 
_struct_ref.pdbx_align_begin           1 
# 
loop_
_struct_ref_seq.align_id 
_struct_ref_seq.ref_id 
_struct_ref_seq.pdbx_PDB_id_code 
_struct_ref_seq.pdbx_strand_id 
_struct_ref_seq.seq_align_beg 
_struct_ref_seq.pdbx_seq_align_beg_ins_code 
_struct_ref_seq.seq_align_end 
_struct_ref_seq.pdbx_seq_align_end_ins_code 
_struct_ref_seq.pdbx_db_accession 
_struct_ref_seq.db_align_beg 
_struct_ref_seq.pdbx_db_align_beg_ins_code 
_struct_ref_seq.db_align_end 
_struct_ref_seq.pdbx_db_align_end_ins_code 
_struct_ref_seq.pdbx_auth_seq_align_beg 
_struct_ref_seq.pdbx_auth_seq_align_end 
1 1 6RNL A 1 ? 7 ? 6RNL 1 ? 7 ? 1 7 
2 1 6RNL B 1 ? 7 ? 6RNL 1 ? 7 ? 1 7 
3 1 6RNL C 1 ? 7 ? 6RNL 1 ? 7 ? 1 7 
4 1 6RNL D 1 ? 7 ? 6RNL 1 ? 7 ? 1 7 
# 
_pdbx_struct_assembly.id                   1 
_pdbx_struct_assembly.details              author_and_software_defined_assembly 
_pdbx_struct_assembly.method_details       PISA 
_pdbx_struct_assembly.oligomeric_details   tetrameric 
_pdbx_struct_assembly.oligomeric_count     4 
# 
loop_
_pdbx_struct_assembly_prop.biol_id 
_pdbx_struct_assembly_prop.type 
_pdbx_struct_assembly_prop.value 
_pdbx_struct_assembly_prop.details 
1 'ABSA (A^2)' 4610 ? 
1 MORE         -42  ? 
1 'SSA (A^2)'  5620 ? 
# 
_pdbx_struct_assembly_gen.assembly_id       1 
_pdbx_struct_assembly_gen.oper_expression   1 
_pdbx_struct_assembly_gen.asym_id_list      A,B,C,D,E,F,G,H,I,J,K,L,M,N,O 
# 
_pdbx_struct_assembly_auth_evidence.id                     1 
_pdbx_struct_assembly_auth_evidence.assembly_id            1 
_pdbx_struct_assembly_auth_evidence.experimental_support   none 
_pdbx_struct_assembly_auth_evidence.details                ? 
# 
_pdbx_struct_oper_list.id                   1 
_pdbx_struct_oper_list.type                 'identity operation' 
_pdbx_struct_oper_list.name                 1_555 
_pdbx_struct_oper_list.symmetry_operation   x,y,z 
_pdbx_struct_oper_list.matrix[1][1]         1.0000000000 
_pdbx_struct_oper_list.matrix[1][2]         0.0000000000 
_pdbx_struct_oper_list.matrix[1][3]         0.0000000000 
_pdbx_struct_oper_list.vector[1]            0.0000000000 
_pdbx_struct_oper_list.matrix[2][1]         0.0000000000 
_pdbx_struct_oper_list.matrix[2][2]         1.0000000000 
_pdbx_struct_oper_list.matrix[2][3]         0.0000000000 
_pdbx_struct_oper_list.vector[2]            0.0000000000 
_pdbx_struct_oper_list.matrix[3][1]         0.0000000000 
_pdbx_struct_oper_list.matrix[3][2]         0.0000000000 
_pdbx_struct_oper_list.matrix[3][3]         1.0000000000 
_pdbx_struct_oper_list.vector[3]            0.0000000000 
# 
loop_
_struct_conn.id 
_struct_conn.conn_type_id 
_struct_conn.pdbx_leaving_atom_flag 
_struct_conn.pdbx_PDB_id 
_struct_conn.ptnr1_label_asym_id 
_struct_conn.ptnr1_label_comp_id 
_struct_conn.ptnr1_label_seq_id 
_struct_conn.ptnr1_label_atom_id 
_struct_conn.pdbx_ptnr1_label_alt_id 
_struct_conn.pdbx_ptnr1_PDB_ins_code 
_struct_conn.pdbx_ptnr1_standard_comp_id 
_struct_conn.ptnr1_symmetry 
_struct_conn.ptnr2_label_asym_id 
_struct_conn.ptnr2_label_comp_id 
_struct_conn.ptnr2_label_seq_id 
_struct_conn.ptnr2_label_atom_id 
_struct_conn.pdbx_ptnr2_label_alt_id 
_struct_conn.pdbx_ptnr2_PDB_ins_code 
_struct_conn.ptnr1_auth_asym_id 
_struct_conn.ptnr1_auth_comp_id 
_struct_conn.ptnr1_auth_seq_id 
_struct_conn.ptnr2_auth_asym_id 
_struct_conn.ptnr2_auth_comp_id 
_struct_conn.ptnr2_auth_seq_id 
_struct_conn.ptnr2_symmetry 
_struct_conn.pdbx_ptnr3_label_atom_id 
_struct_conn.pdbx_ptnr3_label_seq_id 
_struct_conn.pdbx_ptnr3_label_comp_id 
_struct_conn.pdbx_ptnr3_label_asym_id 
_struct_conn.pdbx_ptnr3_label_alt_id 
_struct_conn.pdbx_ptnr3_PDB_ins_code 
_struct_conn.details 
_struct_conn.pdbx_dist_value 
_struct_conn.pdbx_value_order 
_struct_conn.pdbx_role 
metalc1  metalc ? ? A DG 3 O6 ? ? ? 1_555 I K   . K  ? ? A DG 3   C K   101 1_555 ? ? ? ? ? ? ?                       2.640 ? ? 
metalc2  metalc ? ? A DG 4 O6 ? ? ? 1_555 E K   . K  ? ? A DG 4   A K   101 1_555 ? ? ? ? ? ? ?                       2.810 ? ? 
metalc3  metalc ? ? A DG 4 O6 ? ? ? 1_555 I K   . K  ? ? A DG 4   C K   101 1_555 ? ? ? ? ? ? ?                       2.999 ? ? 
metalc4  metalc ? ? A DG 5 O6 ? ? ? 1_555 E K   . K  ? ? A DG 5   A K   101 1_555 ? ? ? ? ? ? ?                       2.761 ? ? 
metalc5  metalc ? ? E K  . K  ? ? ? 1_555 B DG  4 O6 ? ? A K  101 B DG  4   1_555 ? ? ? ? ? ? ?                       2.770 ? ? 
metalc6  metalc ? ? E K  . K  ? ? ? 1_555 B DG  5 O6 ? ? A K  101 B DG  5   1_555 ? ? ? ? ? ? ?                       2.767 ? ? 
metalc7  metalc ? ? E K  . K  ? ? ? 1_555 C DG  4 O6 ? ? A K  101 C DG  4   1_555 ? ? ? ? ? ? ?                       2.740 ? ? 
metalc8  metalc ? ? E K  . K  ? ? ? 1_555 C DG  5 O6 ? ? A K  101 C DG  5   1_555 ? ? ? ? ? ? ?                       2.804 ? ? 
metalc9  metalc ? ? E K  . K  ? ? ? 1_555 D DG  4 O6 ? ? A K  101 D DG  4   1_555 ? ? ? ? ? ? ?                       2.734 ? ? 
metalc10 metalc ? ? E K  . K  ? ? ? 1_555 D DG  5 O6 ? ? A K  101 D DG  5   1_555 ? ? ? ? ? ? ?                       2.768 ? ? 
metalc11 metalc ? ? H NA . NA ? ? ? 1_555 L HOH . O  ? ? A NA 104 A HOH 211 1_555 ? ? ? ? ? ? ?                       2.496 ? ? 
metalc12 metalc ? ? H NA . NA ? ? ? 1_555 L HOH . O  ? ? A NA 104 A HOH 216 1_555 ? ? ? ? ? ? ?                       2.496 ? ? 
metalc13 metalc ? ? H NA . NA ? ? ? 1_555 L HOH . O  ? ? A NA 104 A HOH 221 1_555 ? ? ? ? ? ? ?                       2.390 ? ? 
metalc14 metalc ? ? H NA . NA ? ? ? 1_555 M HOH . O  ? ? A NA 104 B HOH 120 6_554 ? ? ? ? ? ? ?                       2.470 ? ? 
metalc15 metalc ? ? B DG 3 O6 ? ? ? 1_555 I K   . K  ? ? B DG 3   C K   101 1_555 ? ? ? ? ? ? ?                       2.632 ? ? 
metalc16 metalc ? ? B DG 4 O6 ? ? ? 1_555 I K   . K  ? ? B DG 4   C K   101 1_555 ? ? ? ? ? ? ?                       2.826 ? ? 
metalc17 metalc ? ? C DG 3 O6 ? ? ? 1_555 I K   . K  ? ? C DG 3   C K   101 1_555 ? ? ? ? ? ? ?                       2.577 ? ? 
metalc18 metalc ? ? C DG 4 O6 ? ? ? 1_555 I K   . K  ? ? C DG 4   C K   101 1_555 ? ? ? ? ? ? ?                       2.924 ? ? 
metalc19 metalc ? ? I K  . K  ? ? ? 1_555 D DG  3 O6 ? ? C K  101 D DG  3   1_555 ? ? ? ? ? ? ?                       2.447 ? ? 
metalc20 metalc ? ? I K  . K  ? ? ? 1_555 D DG  4 O6 ? ? C K  101 D DG  4   1_555 ? ? ? ? ? ? ?                       3.284 ? ? 
hydrog1  hydrog ? ? A DG 3 N1 ? ? ? 1_555 B DG  3 O6 ? ? A DG 3   B DG  3   1_555 ? ? ? ? ? ? TYPE_6_PAIR             ?     ? ? 
hydrog2  hydrog ? ? A DG 3 N2 ? ? ? 1_555 B DG  3 N7 ? ? A DG 3   B DG  3   1_555 ? ? ? ? ? ? TYPE_6_PAIR             ?     ? ? 
hydrog3  hydrog ? ? A DG 3 N7 ? ? ? 1_555 D DG  3 N2 ? ? A DG 3   D DG  3   1_555 ? ? ? ? ? ? TYPE_6_PAIR             ?     ? ? 
hydrog4  hydrog ? ? A DG 3 O6 ? ? ? 1_555 D DG  3 N1 ? ? A DG 3   D DG  3   1_555 ? ? ? ? ? ? TYPE_6_PAIR             ?     ? ? 
hydrog5  hydrog ? ? A DG 4 N1 ? ? ? 1_555 B DG  4 O6 ? ? A DG 4   B DG  4   1_555 ? ? ? ? ? ? TYPE_6_PAIR             ?     ? ? 
hydrog6  hydrog ? ? A DG 4 N2 ? ? ? 1_555 B DG  4 N7 ? ? A DG 4   B DG  4   1_555 ? ? ? ? ? ? TYPE_6_PAIR             ?     ? ? 
hydrog7  hydrog ? ? A DG 4 N7 ? ? ? 1_555 D DG  4 N2 ? ? A DG 4   D DG  4   1_555 ? ? ? ? ? ? TYPE_6_PAIR             ?     ? ? 
hydrog8  hydrog ? ? A DG 4 O6 ? ? ? 1_555 D DG  4 N1 ? ? A DG 4   D DG  4   1_555 ? ? ? ? ? ? TYPE_6_PAIR             ?     ? ? 
hydrog9  hydrog ? ? A DG 5 N1 ? ? ? 1_555 B DG  5 O6 ? ? A DG 5   B DG  5   1_555 ? ? ? ? ? ? TYPE_6_PAIR             ?     ? ? 
hydrog10 hydrog ? ? A DG 5 N2 ? ? ? 1_555 B DG  5 N7 ? ? A DG 5   B DG  5   1_555 ? ? ? ? ? ? TYPE_6_PAIR             ?     ? ? 
hydrog11 hydrog ? ? A DG 5 N7 ? ? ? 1_555 D DG  5 N2 ? ? A DG 5   D DG  5   1_555 ? ? ? ? ? ? TYPE_6_PAIR             ?     ? ? 
hydrog12 hydrog ? ? A DG 5 O6 ? ? ? 1_555 D DG  5 N1 ? ? A DG 5   D DG  5   1_555 ? ? ? ? ? ? TYPE_6_PAIR             ?     ? ? 
hydrog13 hydrog ? ? B DT 1 N3 ? ? ? 1_555 D DA  2 N1 ? ? B DT 1   D DA  2   1_555 ? ? ? ? ? ? 'REVERSED WATSON-CRICK' ?     ? ? 
hydrog14 hydrog ? ? B DT 1 O2 ? ? ? 1_555 D DA  2 N6 ? ? B DT 1   D DA  2   1_555 ? ? ? ? ? ? 'REVERSED WATSON-CRICK' ?     ? ? 
hydrog15 hydrog ? ? B DA 2 N1 ? ? ? 1_555 D DT  1 N3 ? ? B DA 2   D DT  1   1_555 ? ? ? ? ? ? 'REVERSED WATSON-CRICK' ?     ? ? 
hydrog16 hydrog ? ? B DA 2 N6 ? ? ? 1_555 D DT  1 O2 ? ? B DA 2   D DT  1   1_555 ? ? ? ? ? ? 'REVERSED WATSON-CRICK' ?     ? ? 
hydrog17 hydrog ? ? B DG 3 N1 ? ? ? 1_555 C DG  3 O6 ? ? B DG 3   C DG  3   1_555 ? ? ? ? ? ? TYPE_6_PAIR             ?     ? ? 
hydrog18 hydrog ? ? B DG 3 N2 ? ? ? 1_555 C DG  3 N7 ? ? B DG 3   C DG  3   1_555 ? ? ? ? ? ? TYPE_6_PAIR             ?     ? ? 
hydrog19 hydrog ? ? B DG 4 N1 ? ? ? 1_555 C DG  4 O6 ? ? B DG 4   C DG  4   1_555 ? ? ? ? ? ? TYPE_6_PAIR             ?     ? ? 
hydrog20 hydrog ? ? B DG 4 N2 ? ? ? 1_555 C DG  4 N7 ? ? B DG 4   C DG  4   1_555 ? ? ? ? ? ? TYPE_6_PAIR             ?     ? ? 
hydrog21 hydrog ? ? B DG 5 N1 ? ? ? 1_555 C DG  5 O6 ? ? B DG 5   C DG  5   1_555 ? ? ? ? ? ? TYPE_6_PAIR             ?     ? ? 
hydrog22 hydrog ? ? B DG 5 N2 ? ? ? 1_555 C DG  5 N7 ? ? B DG 5   C DG  5   1_555 ? ? ? ? ? ? TYPE_6_PAIR             ?     ? ? 
hydrog23 hydrog ? ? B DT 7 N3 ? ? ? 1_555 D DT  7 O2 ? ? B DT 7   D DT  7   1_555 ? ? ? ? ? ? TYPE_13_PAIR            ?     ? ? 
hydrog24 hydrog ? ? B DT 7 O2 ? ? ? 1_555 D DT  7 N3 ? ? B DT 7   D DT  7   1_555 ? ? ? ? ? ? TYPE_13_PAIR            ?     ? ? 
hydrog25 hydrog ? ? C DG 3 N1 ? ? ? 1_555 D DG  3 O6 ? ? C DG 3   D DG  3   1_555 ? ? ? ? ? ? TYPE_6_PAIR             ?     ? ? 
hydrog26 hydrog ? ? C DG 3 N2 ? ? ? 1_555 D DG  3 N7 ? ? C DG 3   D DG  3   1_555 ? ? ? ? ? ? TYPE_6_PAIR             ?     ? ? 
hydrog27 hydrog ? ? C DG 4 N1 ? ? ? 1_555 D DG  4 O6 ? ? C DG 4   D DG  4   1_555 ? ? ? ? ? ? TYPE_6_PAIR             ?     ? ? 
hydrog28 hydrog ? ? C DG 4 N2 ? ? ? 1_555 D DG  4 N7 ? ? C DG 4   D DG  4   1_555 ? ? ? ? ? ? TYPE_6_PAIR             ?     ? ? 
hydrog29 hydrog ? ? C DG 5 N1 ? ? ? 1_555 D DG  5 O6 ? ? C DG 5   D DG  5   1_555 ? ? ? ? ? ? TYPE_6_PAIR             ?     ? ? 
hydrog30 hydrog ? ? C DG 5 N2 ? ? ? 1_555 D DG  5 N7 ? ? C DG 5   D DG  5   1_555 ? ? ? ? ? ? TYPE_6_PAIR             ?     ? ? 
# 
loop_
_struct_conn_type.id 
_struct_conn_type.criteria 
_struct_conn_type.reference 
metalc ? ? 
hydrog ? ? 
# 
loop_
_pdbx_struct_conn_angle.id 
_pdbx_struct_conn_angle.ptnr1_label_atom_id 
_pdbx_struct_conn_angle.ptnr1_label_alt_id 
_pdbx_struct_conn_angle.ptnr1_label_asym_id 
_pdbx_struct_conn_angle.ptnr1_label_comp_id 
_pdbx_struct_conn_angle.ptnr1_label_seq_id 
_pdbx_struct_conn_angle.ptnr1_auth_atom_id 
_pdbx_struct_conn_angle.ptnr1_auth_asym_id 
_pdbx_struct_conn_angle.ptnr1_auth_comp_id 
_pdbx_struct_conn_angle.ptnr1_auth_seq_id 
_pdbx_struct_conn_angle.ptnr1_PDB_ins_code 
_pdbx_struct_conn_angle.ptnr1_symmetry 
_pdbx_struct_conn_angle.ptnr2_label_atom_id 
_pdbx_struct_conn_angle.ptnr2_label_alt_id 
_pdbx_struct_conn_angle.ptnr2_label_asym_id 
_pdbx_struct_conn_angle.ptnr2_label_comp_id 
_pdbx_struct_conn_angle.ptnr2_label_seq_id 
_pdbx_struct_conn_angle.ptnr2_auth_atom_id 
_pdbx_struct_conn_angle.ptnr2_auth_asym_id 
_pdbx_struct_conn_angle.ptnr2_auth_comp_id 
_pdbx_struct_conn_angle.ptnr2_auth_seq_id 
_pdbx_struct_conn_angle.ptnr2_PDB_ins_code 
_pdbx_struct_conn_angle.ptnr2_symmetry 
_pdbx_struct_conn_angle.ptnr3_label_atom_id 
_pdbx_struct_conn_angle.ptnr3_label_alt_id 
_pdbx_struct_conn_angle.ptnr3_label_asym_id 
_pdbx_struct_conn_angle.ptnr3_label_comp_id 
_pdbx_struct_conn_angle.ptnr3_label_seq_id 
_pdbx_struct_conn_angle.ptnr3_auth_atom_id 
_pdbx_struct_conn_angle.ptnr3_auth_asym_id 
_pdbx_struct_conn_angle.ptnr3_auth_comp_id 
_pdbx_struct_conn_angle.ptnr3_auth_seq_id 
_pdbx_struct_conn_angle.ptnr3_PDB_ins_code 
_pdbx_struct_conn_angle.ptnr3_symmetry 
_pdbx_struct_conn_angle.value 
_pdbx_struct_conn_angle.value_esd 
1  O6 ? A DG  3 ? A DG  3   ? 1_555 K  ? I K  . ? C K  101 ? 1_555 O6 ? A DG  4 ? A DG  4   ? 1_555 68.6  ? 
2  O6 ? A DG  3 ? A DG  3   ? 1_555 K  ? I K  . ? C K  101 ? 1_555 O6 ? B DG  3 ? B DG  3   ? 1_555 74.0  ? 
3  O6 ? A DG  4 ? A DG  4   ? 1_555 K  ? I K  . ? C K  101 ? 1_555 O6 ? B DG  3 ? B DG  3   ? 1_555 88.7  ? 
4  O6 ? A DG  3 ? A DG  3   ? 1_555 K  ? I K  . ? C K  101 ? 1_555 O6 ? B DG  4 ? B DG  4   ? 1_555 123.8 ? 
5  O6 ? A DG  4 ? A DG  4   ? 1_555 K  ? I K  . ? C K  101 ? 1_555 O6 ? B DG  4 ? B DG  4   ? 1_555 66.3  ? 
6  O6 ? B DG  3 ? B DG  3   ? 1_555 K  ? I K  . ? C K  101 ? 1_555 O6 ? B DG  4 ? B DG  4   ? 1_555 73.2  ? 
7  O6 ? A DG  3 ? A DG  3   ? 1_555 K  ? I K  . ? C K  101 ? 1_555 O6 ? C DG  3 ? C DG  3   ? 1_555 125.2 ? 
8  O6 ? A DG  4 ? A DG  4   ? 1_555 K  ? I K  . ? C K  101 ? 1_555 O6 ? C DG  3 ? C DG  3   ? 1_555 151.3 ? 
9  O6 ? B DG  3 ? B DG  3   ? 1_555 K  ? I K  . ? C K  101 ? 1_555 O6 ? C DG  3 ? C DG  3   ? 1_555 73.9  ? 
10 O6 ? B DG  4 ? B DG  4   ? 1_555 K  ? I K  . ? C K  101 ? 1_555 O6 ? C DG  3 ? C DG  3   ? 1_555 86.6  ? 
11 O6 ? A DG  3 ? A DG  3   ? 1_555 K  ? I K  . ? C K  101 ? 1_555 O6 ? C DG  4 ? C DG  4   ? 1_555 148.5 ? 
12 O6 ? A DG  4 ? A DG  4   ? 1_555 K  ? I K  . ? C K  101 ? 1_555 O6 ? C DG  4 ? C DG  4   ? 1_555 98.3  ? 
13 O6 ? B DG  3 ? B DG  3   ? 1_555 K  ? I K  . ? C K  101 ? 1_555 O6 ? C DG  4 ? C DG  4   ? 1_555 136.1 ? 
14 O6 ? B DG  4 ? B DG  4   ? 1_555 K  ? I K  . ? C K  101 ? 1_555 O6 ? C DG  4 ? C DG  4   ? 1_555 70.4  ? 
15 O6 ? C DG  3 ? C DG  3   ? 1_555 K  ? I K  . ? C K  101 ? 1_555 O6 ? C DG  4 ? C DG  4   ? 1_555 80.2  ? 
16 O6 ? A DG  3 ? A DG  3   ? 1_555 K  ? I K  . ? C K  101 ? 1_555 O6 ? D DG  3 ? D DG  3   ? 1_555 82.5  ? 
17 O6 ? A DG  4 ? A DG  4   ? 1_555 K  ? I K  . ? C K  101 ? 1_555 O6 ? D DG  3 ? D DG  3   ? 1_555 124.7 ? 
18 O6 ? B DG  3 ? B DG  3   ? 1_555 K  ? I K  . ? C K  101 ? 1_555 O6 ? D DG  3 ? D DG  3   ? 1_555 127.9 ? 
19 O6 ? B DG  4 ? B DG  4   ? 1_555 K  ? I K  . ? C K  101 ? 1_555 O6 ? D DG  3 ? D DG  3   ? 1_555 152.3 ? 
20 O6 ? C DG  3 ? C DG  3   ? 1_555 K  ? I K  . ? C K  101 ? 1_555 O6 ? D DG  3 ? D DG  3   ? 1_555 83.8  ? 
21 O6 ? C DG  4 ? C DG  4   ? 1_555 K  ? I K  . ? C K  101 ? 1_555 O6 ? D DG  3 ? D DG  3   ? 1_555 82.4  ? 
22 O6 ? A DG  3 ? A DG  3   ? 1_555 K  ? I K  . ? C K  101 ? 1_555 O6 ? D DG  4 ? D DG  4   ? 1_555 91.3  ? 
23 O6 ? A DG  4 ? A DG  4   ? 1_555 K  ? I K  . ? C K  101 ? 1_555 O6 ? D DG  4 ? D DG  4   ? 1_555 63.3  ? 
24 O6 ? B DG  3 ? B DG  3   ? 1_555 K  ? I K  . ? C K  101 ? 1_555 O6 ? D DG  4 ? D DG  4   ? 1_555 151.7 ? 
25 O6 ? B DG  4 ? B DG  4   ? 1_555 K  ? I K  . ? C K  101 ? 1_555 O6 ? D DG  4 ? D DG  4   ? 1_555 96.9  ? 
26 O6 ? C DG  3 ? C DG  3   ? 1_555 K  ? I K  . ? C K  101 ? 1_555 O6 ? D DG  4 ? D DG  4   ? 1_555 133.0 ? 
27 O6 ? C DG  4 ? C DG  4   ? 1_555 K  ? I K  . ? C K  101 ? 1_555 O6 ? D DG  4 ? D DG  4   ? 1_555 57.8  ? 
28 O6 ? D DG  3 ? D DG  3   ? 1_555 K  ? I K  . ? C K  101 ? 1_555 O6 ? D DG  4 ? D DG  4   ? 1_555 71.7  ? 
29 O6 ? A DG  4 ? A DG  4   ? 1_555 K  ? E K  . ? A K  101 ? 1_555 O6 ? A DG  5 ? A DG  5   ? 1_555 73.2  ? 
30 O6 ? A DG  4 ? A DG  4   ? 1_555 K  ? E K  . ? A K  101 ? 1_555 O6 ? B DG  4 ? B DG  4   ? 1_555 69.7  ? 
31 O6 ? A DG  5 ? A DG  5   ? 1_555 K  ? E K  . ? A K  101 ? 1_555 O6 ? B DG  4 ? B DG  4   ? 1_555 89.9  ? 
32 O6 ? A DG  4 ? A DG  4   ? 1_555 K  ? E K  . ? A K  101 ? 1_555 O6 ? B DG  5 ? B DG  5   ? 1_555 126.8 ? 
33 O6 ? A DG  5 ? A DG  5   ? 1_555 K  ? E K  . ? A K  101 ? 1_555 O6 ? B DG  5 ? B DG  5   ? 1_555 71.3  ? 
34 O6 ? B DG  4 ? B DG  4   ? 1_555 K  ? E K  . ? A K  101 ? 1_555 O6 ? B DG  5 ? B DG  5   ? 1_555 71.9  ? 
35 O6 ? A DG  4 ? A DG  4   ? 1_555 K  ? E K  . ? A K  101 ? 1_555 O6 ? C DG  4 ? C DG  4   ? 1_555 107.7 ? 
36 O6 ? A DG  5 ? A DG  5   ? 1_555 K  ? E K  . ? A K  101 ? 1_555 O6 ? C DG  4 ? C DG  4   ? 1_555 161.8 ? 
37 O6 ? B DG  4 ? B DG  4   ? 1_555 K  ? E K  . ? A K  101 ? 1_555 O6 ? C DG  4 ? C DG  4   ? 1_555 73.9  ? 
38 O6 ? B DG  5 ? B DG  5   ? 1_555 K  ? E K  . ? A K  101 ? 1_555 O6 ? C DG  4 ? C DG  4   ? 1_555 95.2  ? 
39 O6 ? A DG  4 ? A DG  4   ? 1_555 K  ? E K  . ? A K  101 ? 1_555 O6 ? C DG  5 ? C DG  5   ? 1_555 161.0 ? 
40 O6 ? A DG  5 ? A DG  5   ? 1_555 K  ? E K  . ? A K  101 ? 1_555 O6 ? C DG  5 ? C DG  5   ? 1_555 107.7 ? 
41 O6 ? B DG  4 ? B DG  4   ? 1_555 K  ? E K  . ? A K  101 ? 1_555 O6 ? C DG  5 ? C DG  5   ? 1_555 128.8 ? 
42 O6 ? B DG  5 ? B DG  5   ? 1_555 K  ? E K  . ? A K  101 ? 1_555 O6 ? C DG  5 ? C DG  5   ? 1_555 69.4  ? 
43 O6 ? C DG  4 ? C DG  4   ? 1_555 K  ? E K  . ? A K  101 ? 1_555 O6 ? C DG  5 ? C DG  5   ? 1_555 77.6  ? 
44 O6 ? A DG  4 ? A DG  4   ? 1_555 K  ? E K  . ? A K  101 ? 1_555 O6 ? D DG  4 ? D DG  4   ? 1_555 73.2  ? 
45 O6 ? A DG  5 ? A DG  5   ? 1_555 K  ? E K  . ? A K  101 ? 1_555 O6 ? D DG  4 ? D DG  4   ? 1_555 128.9 ? 
46 O6 ? B DG  4 ? B DG  4   ? 1_555 K  ? E K  . ? A K  101 ? 1_555 O6 ? D DG  4 ? D DG  4   ? 1_555 112.7 ? 
47 O6 ? B DG  5 ? B DG  5   ? 1_555 K  ? E K  . ? A K  101 ? 1_555 O6 ? D DG  4 ? D DG  4   ? 1_555 157.8 ? 
48 O6 ? C DG  4 ? C DG  4   ? 1_555 K  ? E K  . ? A K  101 ? 1_555 O6 ? D DG  4 ? D DG  4   ? 1_555 66.8  ? 
49 O6 ? C DG  5 ? C DG  5   ? 1_555 K  ? E K  . ? A K  101 ? 1_555 O6 ? D DG  4 ? D DG  4   ? 1_555 93.2  ? 
50 O6 ? A DG  4 ? A DG  4   ? 1_555 K  ? E K  . ? A K  101 ? 1_555 O6 ? D DG  5 ? D DG  5   ? 1_555 89.2  ? 
51 O6 ? A DG  5 ? A DG  5   ? 1_555 K  ? E K  . ? A K  101 ? 1_555 O6 ? D DG  5 ? D DG  5   ? 1_555 70.0  ? 
52 O6 ? B DG  4 ? B DG  4   ? 1_555 K  ? E K  . ? A K  101 ? 1_555 O6 ? D DG  5 ? D DG  5   ? 1_555 154.6 ? 
53 O6 ? B DG  5 ? B DG  5   ? 1_555 K  ? E K  . ? A K  101 ? 1_555 O6 ? D DG  5 ? D DG  5   ? 1_555 113.5 ? 
54 O6 ? C DG  4 ? C DG  4   ? 1_555 K  ? E K  . ? A K  101 ? 1_555 O6 ? D DG  5 ? D DG  5   ? 1_555 127.9 ? 
55 O6 ? C DG  5 ? C DG  5   ? 1_555 K  ? E K  . ? A K  101 ? 1_555 O6 ? D DG  5 ? D DG  5   ? 1_555 73.8  ? 
56 O6 ? D DG  4 ? D DG  4   ? 1_555 K  ? E K  . ? A K  101 ? 1_555 O6 ? D DG  5 ? D DG  5   ? 1_555 72.2  ? 
57 O  ? L HOH . ? A HOH 211 ? 1_555 NA ? H NA . ? A NA 104 ? 1_555 O  ? L HOH . ? A HOH 216 ? 1_555 102.5 ? 
58 O  ? L HOH . ? A HOH 211 ? 1_555 NA ? H NA . ? A NA 104 ? 1_555 O  ? L HOH . ? A HOH 221 ? 1_555 85.6  ? 
59 O  ? L HOH . ? A HOH 216 ? 1_555 NA ? H NA . ? A NA 104 ? 1_555 O  ? L HOH . ? A HOH 221 ? 1_555 165.9 ? 
60 O  ? L HOH . ? A HOH 211 ? 1_555 NA ? H NA . ? A NA 104 ? 1_555 O  ? M HOH . ? B HOH 120 ? 6_554 89.3  ? 
61 O  ? L HOH . ? A HOH 216 ? 1_555 NA ? H NA . ? A NA 104 ? 1_555 O  ? M HOH . ? B HOH 120 ? 6_554 97.4  ? 
62 O  ? L HOH . ? A HOH 221 ? 1_555 NA ? H NA . ? A NA 104 ? 1_555 O  ? M HOH . ? B HOH 120 ? 6_554 94.1  ? 
# 
loop_
_struct_site.id 
_struct_site.pdbx_evidence_code 
_struct_site.pdbx_auth_asym_id 
_struct_site.pdbx_auth_comp_id 
_struct_site.pdbx_auth_seq_id 
_struct_site.pdbx_auth_ins_code 
_struct_site.pdbx_num_residues 
_struct_site.details 
AC1 Software A K   101 ? 9  'binding site for residue K A 101'   
AC2 Software A RKL 102 ? 7  'binding site for residue RKL A 102' 
AC3 Software A RKL 103 ? 17 'binding site for residue RKL A 103' 
AC4 Software A NA  104 ? 5  'binding site for residue NA A 104'  
AC5 Software C K   101 ? 9  'binding site for residue K C 101'   
AC6 Software C RKL 102 ? 6  'binding site for residue RKL C 102' 
AC7 Software D RKL 101 ? 10 'binding site for residue RKL D 101' 
# 
loop_
_struct_site_gen.id 
_struct_site_gen.site_id 
_struct_site_gen.pdbx_num_res 
_struct_site_gen.label_comp_id 
_struct_site_gen.label_asym_id 
_struct_site_gen.label_seq_id 
_struct_site_gen.pdbx_auth_ins_code 
_struct_site_gen.auth_comp_id 
_struct_site_gen.auth_asym_id 
_struct_site_gen.auth_seq_id 
_struct_site_gen.label_atom_id 
_struct_site_gen.label_alt_id 
_struct_site_gen.symmetry 
_struct_site_gen.details 
1  AC1 9  DG  A 4 ? DG  A 4   . ? 1_555 ? 
2  AC1 9  DG  A 5 ? DG  A 5   . ? 1_555 ? 
3  AC1 9  DG  B 4 ? DG  B 4   . ? 1_555 ? 
4  AC1 9  DG  B 5 ? DG  B 5   . ? 1_555 ? 
5  AC1 9  DG  C 4 ? DG  C 4   . ? 1_555 ? 
6  AC1 9  DG  C 5 ? DG  C 5   . ? 1_555 ? 
7  AC1 9  K   I . ? K   C 101 . ? 1_555 ? 
8  AC1 9  DG  D 4 ? DG  D 4   . ? 1_555 ? 
9  AC1 9  DG  D 5 ? DG  D 5   . ? 1_555 ? 
10 AC2 7  DT  A 6 ? DT  A 6   . ? 1_555 ? 
11 AC2 7  DT  A 7 ? DT  A 7   . ? 1_555 ? 
12 AC2 7  RKL G . ? RKL A 103 . ? 1_555 ? 
13 AC2 7  NA  H . ? NA  A 104 . ? 1_555 ? 
14 AC2 7  DT  C 1 ? DT  C 1   . ? 6_554 ? 
15 AC2 7  DA  C 2 ? DA  C 2   . ? 6_554 ? 
16 AC2 7  DT  C 7 ? DT  C 7   . ? 1_655 ? 
17 AC3 17 DT  A 6 ? DT  A 6   . ? 1_555 ? 
18 AC3 17 RKL F . ? RKL A 102 . ? 1_555 ? 
19 AC3 17 HOH L . ? HOH A 211 . ? 1_555 ? 
20 AC3 17 HOH L . ? HOH A 215 . ? 1_555 ? 
21 AC3 17 HOH L . ? HOH A 218 . ? 1_555 ? 
22 AC3 17 DT  B 1 ? DT  B 1   . ? 6_554 ? 
23 AC3 17 DA  B 2 ? DA  B 2   . ? 6_554 ? 
24 AC3 17 DG  B 3 ? DG  B 3   . ? 6_554 ? 
25 AC3 17 DG  B 4 ? DG  B 4   . ? 6_554 ? 
26 AC3 17 DT  B 6 ? DT  B 6   . ? 1_555 ? 
27 AC3 17 DT  B 7 ? DT  B 7   . ? 1_555 ? 
28 AC3 17 HOH M . ? HOH B 108 . ? 1_555 ? 
29 AC3 17 DA  C 2 ? DA  C 2   . ? 6_554 ? 
30 AC3 17 DT  D 1 ? DT  D 1   . ? 6_554 ? 
31 AC3 17 DA  D 2 ? DA  D 2   . ? 6_554 ? 
32 AC3 17 DT  D 7 ? DT  D 7   . ? 1_555 ? 
33 AC3 17 RKL K . ? RKL D 101 . ? 1_555 ? 
34 AC4 5  RKL F . ? RKL A 102 . ? 1_555 ? 
35 AC4 5  HOH L . ? HOH A 211 . ? 1_555 ? 
36 AC4 5  HOH L . ? HOH A 216 . ? 1_555 ? 
37 AC4 5  HOH L . ? HOH A 221 . ? 1_555 ? 
38 AC4 5  HOH M . ? HOH B 120 . ? 6_554 ? 
39 AC5 9  DG  A 3 ? DG  A 3   . ? 1_555 ? 
40 AC5 9  DG  A 4 ? DG  A 4   . ? 1_555 ? 
41 AC5 9  K   E . ? K   A 101 . ? 1_555 ? 
42 AC5 9  DG  B 3 ? DG  B 3   . ? 1_555 ? 
43 AC5 9  DG  B 4 ? DG  B 4   . ? 1_555 ? 
44 AC5 9  DG  C 3 ? DG  C 3   . ? 1_555 ? 
45 AC5 9  DG  C 4 ? DG  C 4   . ? 1_555 ? 
46 AC5 9  DG  D 3 ? DG  D 3   . ? 1_555 ? 
47 AC5 9  DG  D 4 ? DG  D 4   . ? 1_555 ? 
48 AC6 6  DT  A 1 ? DT  A 1   . ? 6_554 ? 
49 AC6 6  DA  A 2 ? DA  A 2   . ? 6_554 ? 
50 AC6 6  DT  A 7 ? DT  A 7   . ? 1_455 ? 
51 AC6 6  DT  C 6 ? DT  C 6   . ? 1_555 ? 
52 AC6 6  DT  C 7 ? DT  C 7   . ? 1_555 ? 
53 AC6 6  HOH N . ? HOH C 207 . ? 1_555 ? 
54 AC7 10 DA  A 2 ? DA  A 2   . ? 6_554 ? 
55 AC7 10 RKL G . ? RKL A 103 . ? 1_555 ? 
56 AC7 10 DT  B 6 ? DT  B 6   . ? 1_555 ? 
57 AC7 10 DT  B 7 ? DT  B 7   . ? 1_555 ? 
58 AC7 10 HOH M . ? HOH B 107 . ? 1_555 ? 
59 AC7 10 DG  C 5 ? DG  C 5   . ? 1_555 ? 
60 AC7 10 DT  C 6 ? DT  C 6   . ? 1_555 ? 
61 AC7 10 DT  D 6 ? DT  D 6   . ? 1_555 ? 
62 AC7 10 DT  D 7 ? DT  D 7   . ? 1_555 ? 
63 AC7 10 HOH O . ? HOH D 208 . ? 1_555 ? 
# 
_pdbx_validate_rmsd_bond.id                        1 
_pdbx_validate_rmsd_bond.PDB_model_num             1 
_pdbx_validate_rmsd_bond.auth_atom_id_1            "O3'" 
_pdbx_validate_rmsd_bond.auth_asym_id_1            D 
_pdbx_validate_rmsd_bond.auth_comp_id_1            DG 
_pdbx_validate_rmsd_bond.auth_seq_id_1             5 
_pdbx_validate_rmsd_bond.PDB_ins_code_1            ? 
_pdbx_validate_rmsd_bond.label_alt_id_1            ? 
_pdbx_validate_rmsd_bond.auth_atom_id_2            "C3'" 
_pdbx_validate_rmsd_bond.auth_asym_id_2            D 
_pdbx_validate_rmsd_bond.auth_comp_id_2            DG 
_pdbx_validate_rmsd_bond.auth_seq_id_2             5 
_pdbx_validate_rmsd_bond.PDB_ins_code_2            ? 
_pdbx_validate_rmsd_bond.label_alt_id_2            ? 
_pdbx_validate_rmsd_bond.bond_value                1.377 
_pdbx_validate_rmsd_bond.bond_target_value         1.419 
_pdbx_validate_rmsd_bond.bond_deviation            -0.042 
_pdbx_validate_rmsd_bond.bond_standard_deviation   0.006 
_pdbx_validate_rmsd_bond.linker_flag               N 
# 
loop_
_pdbx_refine_tls.id 
_pdbx_refine_tls.pdbx_refine_id 
_pdbx_refine_tls.details 
_pdbx_refine_tls.method 
_pdbx_refine_tls.origin_x 
_pdbx_refine_tls.origin_y 
_pdbx_refine_tls.origin_z 
_pdbx_refine_tls.T[1][1] 
_pdbx_refine_tls.T[1][1]_esd 
_pdbx_refine_tls.T[1][2] 
_pdbx_refine_tls.T[1][2]_esd 
_pdbx_refine_tls.T[1][3] 
_pdbx_refine_tls.T[1][3]_esd 
_pdbx_refine_tls.T[2][2] 
_pdbx_refine_tls.T[2][2]_esd 
_pdbx_refine_tls.T[2][3] 
_pdbx_refine_tls.T[2][3]_esd 
_pdbx_refine_tls.T[3][3] 
_pdbx_refine_tls.T[3][3]_esd 
_pdbx_refine_tls.L[1][1] 
_pdbx_refine_tls.L[1][1]_esd 
_pdbx_refine_tls.L[1][2] 
_pdbx_refine_tls.L[1][2]_esd 
_pdbx_refine_tls.L[1][3] 
_pdbx_refine_tls.L[1][3]_esd 
_pdbx_refine_tls.L[2][2] 
_pdbx_refine_tls.L[2][2]_esd 
_pdbx_refine_tls.L[2][3] 
_pdbx_refine_tls.L[2][3]_esd 
_pdbx_refine_tls.L[3][3] 
_pdbx_refine_tls.L[3][3]_esd 
_pdbx_refine_tls.S[1][1] 
_pdbx_refine_tls.S[1][1]_esd 
_pdbx_refine_tls.S[1][2] 
_pdbx_refine_tls.S[1][2]_esd 
_pdbx_refine_tls.S[1][3] 
_pdbx_refine_tls.S[1][3]_esd 
_pdbx_refine_tls.S[2][1] 
_pdbx_refine_tls.S[2][1]_esd 
_pdbx_refine_tls.S[2][2] 
_pdbx_refine_tls.S[2][2]_esd 
_pdbx_refine_tls.S[2][3] 
_pdbx_refine_tls.S[2][3]_esd 
_pdbx_refine_tls.S[3][1] 
_pdbx_refine_tls.S[3][1]_esd 
_pdbx_refine_tls.S[3][2] 
_pdbx_refine_tls.S[3][2]_esd 
_pdbx_refine_tls.S[3][3] 
_pdbx_refine_tls.S[3][3]_esd 
1 'X-RAY DIFFRACTION' ? refined 2.0675  8.6940  -0.5041 0.2795 ? -0.0055 ? 0.0001 ? 0.4491 ? 0.1241 ? 0.4792 ? 0.2819 ? -0.1320 ? -0.9322 ? 2.1854 ? -1.2951 ? 4.7569 ? -0.4959 ? 0.2846 ? 0.4466  ? 0.3074  ? 0.1009  ? -0.3029 ? -0.1797 ? 0.3649 ? 0.2060 ? 
2 'X-RAY DIFFRACTION' ? refined -3.5244 3.0527  -1.9789 0.3119 ? 0.0613  ? 0.0329 ? 0.3663 ? 0.0522 ? 0.3628 ? 4.0430 ? -1.6996 ? 0.1881  ? 5.5999 ? -1.5044 ? 4.7947 ? 0.1895  ? 0.1651 ? 0.1657  ? -0.1435 ? -0.3720 ? -0.0306 ? 0.2164  ? 0.5500 ? 0.2285 ? 
3 'X-RAY DIFFRACTION' ? refined -2.2355 -3.4616 -5.8757 0.4410 ? 0.1544  ? 0.0782 ? 0.5065 ? 0.0192 ? 0.3976 ? 3.1171 ? -3.0533 ? 2.0446  ? 6.2523 ? -2.0219 ? 1.3298 ? 0.2114  ? 0.5290 ? -0.8080 ? -0.5456 ? -0.2322 ? 0.5232  ? 0.6830  ? 0.3714 ? 0.0325 ? 
4 'X-RAY DIFFRACTION' ? refined 4.5853  1.2644  -4.7040 0.4551 ? 0.1405  ? 0.1136 ? 0.6559 ? 0.1037 ? 0.4481 ? 5.9170 ? 0.0214  ? 2.7978  ? 3.9097 ? -2.1118 ? 3.0821 ? 0.4367  ? 0.9238 ? 0.2379  ? -0.1579 ? -0.4305 ? -0.3232 ? 0.0197  ? 0.9512 ? 0.0611 ? 
# 
loop_
_pdbx_refine_tls_group.id 
_pdbx_refine_tls_group.pdbx_refine_id 
_pdbx_refine_tls_group.refine_tls_id 
_pdbx_refine_tls_group.beg_label_asym_id 
_pdbx_refine_tls_group.beg_label_seq_id 
_pdbx_refine_tls_group.beg_auth_asym_id 
_pdbx_refine_tls_group.beg_auth_seq_id 
_pdbx_refine_tls_group.end_label_asym_id 
_pdbx_refine_tls_group.end_label_seq_id 
_pdbx_refine_tls_group.end_auth_asym_id 
_pdbx_refine_tls_group.end_auth_seq_id 
_pdbx_refine_tls_group.selection 
_pdbx_refine_tls_group.selection_details 
1 'X-RAY DIFFRACTION' 1 ? ? ? ? ? ? ? ? ? 
;(chain 'A' and resid 1 through 7)
;
2 'X-RAY DIFFRACTION' 2 ? ? ? ? ? ? ? ? ? 
;(chain 'B' and resid 1 through 7)
;
3 'X-RAY DIFFRACTION' 3 ? ? ? ? ? ? ? ? ? 
;(chain 'C' and resid 1 through 7)
;
4 'X-RAY DIFFRACTION' 4 ? ? ? ? ? ? ? ? ? 
;(chain 'D' and resid 1 through 7)
;
# 
_pdbx_distant_solvent_atoms.id                                1 
_pdbx_distant_solvent_atoms.PDB_model_num                     1 
_pdbx_distant_solvent_atoms.auth_atom_id                      O 
_pdbx_distant_solvent_atoms.label_alt_id                      ? 
_pdbx_distant_solvent_atoms.auth_asym_id                      A 
_pdbx_distant_solvent_atoms.auth_comp_id                      HOH 
_pdbx_distant_solvent_atoms.auth_seq_id                       226 
_pdbx_distant_solvent_atoms.PDB_ins_code                      ? 
_pdbx_distant_solvent_atoms.neighbor_macromolecule_distance   6.22 
_pdbx_distant_solvent_atoms.neighbor_ligand_distance          . 
# 
loop_
_chem_comp_atom.comp_id 
_chem_comp_atom.atom_id 
_chem_comp_atom.type_symbol 
_chem_comp_atom.pdbx_aromatic_flag 
_chem_comp_atom.pdbx_stereo_config 
_chem_comp_atom.pdbx_ordinal 
DA  OP3    O  N N 1   
DA  P      P  N N 2   
DA  OP1    O  N N 3   
DA  OP2    O  N N 4   
DA  "O5'"  O  N N 5   
DA  "C5'"  C  N N 6   
DA  "C4'"  C  N R 7   
DA  "O4'"  O  N N 8   
DA  "C3'"  C  N S 9   
DA  "O3'"  O  N N 10  
DA  "C2'"  C  N N 11  
DA  "C1'"  C  N R 12  
DA  N9     N  Y N 13  
DA  C8     C  Y N 14  
DA  N7     N  Y N 15  
DA  C5     C  Y N 16  
DA  C6     C  Y N 17  
DA  N6     N  N N 18  
DA  N1     N  Y N 19  
DA  C2     C  Y N 20  
DA  N3     N  Y N 21  
DA  C4     C  Y N 22  
DA  HOP3   H  N N 23  
DA  HOP2   H  N N 24  
DA  "H5'"  H  N N 25  
DA  "H5''" H  N N 26  
DA  "H4'"  H  N N 27  
DA  "H3'"  H  N N 28  
DA  "HO3'" H  N N 29  
DA  "H2'"  H  N N 30  
DA  "H2''" H  N N 31  
DA  "H1'"  H  N N 32  
DA  H8     H  N N 33  
DA  H61    H  N N 34  
DA  H62    H  N N 35  
DA  H2     H  N N 36  
DG  OP3    O  N N 37  
DG  P      P  N N 38  
DG  OP1    O  N N 39  
DG  OP2    O  N N 40  
DG  "O5'"  O  N N 41  
DG  "C5'"  C  N N 42  
DG  "C4'"  C  N R 43  
DG  "O4'"  O  N N 44  
DG  "C3'"  C  N S 45  
DG  "O3'"  O  N N 46  
DG  "C2'"  C  N N 47  
DG  "C1'"  C  N R 48  
DG  N9     N  Y N 49  
DG  C8     C  Y N 50  
DG  N7     N  Y N 51  
DG  C5     C  Y N 52  
DG  C6     C  N N 53  
DG  O6     O  N N 54  
DG  N1     N  N N 55  
DG  C2     C  N N 56  
DG  N2     N  N N 57  
DG  N3     N  N N 58  
DG  C4     C  Y N 59  
DG  HOP3   H  N N 60  
DG  HOP2   H  N N 61  
DG  "H5'"  H  N N 62  
DG  "H5''" H  N N 63  
DG  "H4'"  H  N N 64  
DG  "H3'"  H  N N 65  
DG  "HO3'" H  N N 66  
DG  "H2'"  H  N N 67  
DG  "H2''" H  N N 68  
DG  "H1'"  H  N N 69  
DG  H8     H  N N 70  
DG  H1     H  N N 71  
DG  H21    H  N N 72  
DG  H22    H  N N 73  
DT  OP3    O  N N 74  
DT  P      P  N N 75  
DT  OP1    O  N N 76  
DT  OP2    O  N N 77  
DT  "O5'"  O  N N 78  
DT  "C5'"  C  N N 79  
DT  "C4'"  C  N R 80  
DT  "O4'"  O  N N 81  
DT  "C3'"  C  N S 82  
DT  "O3'"  O  N N 83  
DT  "C2'"  C  N N 84  
DT  "C1'"  C  N R 85  
DT  N1     N  N N 86  
DT  C2     C  N N 87  
DT  O2     O  N N 88  
DT  N3     N  N N 89  
DT  C4     C  N N 90  
DT  O4     O  N N 91  
DT  C5     C  N N 92  
DT  C7     C  N N 93  
DT  C6     C  N N 94  
DT  HOP3   H  N N 95  
DT  HOP2   H  N N 96  
DT  "H5'"  H  N N 97  
DT  "H5''" H  N N 98  
DT  "H4'"  H  N N 99  
DT  "H3'"  H  N N 100 
DT  "HO3'" H  N N 101 
DT  "H2'"  H  N N 102 
DT  "H2''" H  N N 103 
DT  "H1'"  H  N N 104 
DT  H3     H  N N 105 
DT  H71    H  N N 106 
DT  H72    H  N N 107 
DT  H73    H  N N 108 
DT  H6     H  N N 109 
HOH O      O  N N 110 
HOH H1     H  N N 111 
HOH H2     H  N N 112 
K   K      K  N N 113 
NA  NA     NA N N 114 
RKL RU     RU N N 115 
RKL C1     C  Y N 116 
RKL N1     N  Y N 117 
RKL C2     C  Y N 118 
RKL N2     N  Y N 119 
RKL C3     C  Y N 120 
RKL N3     N  Y N 121 
RKL C4     C  Y N 122 
RKL N4     N  Y N 123 
RKL C5     C  Y N 124 
RKL N5     N  Y N 125 
RKL C6     C  Y N 126 
RKL N6     N  Y N 127 
RKL C7     C  Y N 128 
RKL N7     N  Y N 129 
RKL C8     C  Y N 130 
RKL N8     N  Y N 131 
RKL C9     C  Y N 132 
RKL N9     N  Y N 133 
RKL C10    C  Y N 134 
RKL N10    N  Y N 135 
RKL C11    C  Y N 136 
RKL N11    N  Y N 137 
RKL C12    C  Y N 138 
RKL N12    N  Y N 139 
RKL C13    C  Y N 140 
RKL C14    C  Y N 141 
RKL C15    C  Y N 142 
RKL C16    C  Y N 143 
RKL C17    C  Y N 144 
RKL C18    C  Y N 145 
RKL C19    C  Y N 146 
RKL C20    C  Y N 147 
RKL C21    C  Y N 148 
RKL C22    C  Y N 149 
RKL C23    C  Y N 150 
RKL C24    C  Y N 151 
RKL C25    C  Y N 152 
RKL C26    C  Y N 153 
RKL C27    C  Y N 154 
RKL C28    C  Y N 155 
RKL C29    C  Y N 156 
RKL C30    C  Y N 157 
RKL C31    C  Y N 158 
RKL C32    C  Y N 159 
RKL C33    C  Y N 160 
RKL C34    C  Y N 161 
RKL C35    C  Y N 162 
RKL C36    C  Y N 163 
RKL C37    C  Y N 164 
RKL C38    C  Y N 165 
RKL H2     H  N N 166 
RKL H3     H  N N 167 
RKL H4     H  N N 168 
RKL H9     H  N N 169 
RKL H11    H  N N 170 
RKL H12    H  N N 171 
RKL H14    H  N N 172 
RKL H16    H  N N 173 
RKL H17    H  N N 174 
RKL H18    H  N N 175 
RKL H20    H  N N 176 
RKL H21    H  N N 177 
RKL H23    H  N N 178 
RKL H24    H  N N 179 
RKL H27    H  N N 180 
RKL H28    H  N N 181 
RKL H30    H  N N 182 
RKL H31    H  N N 183 
RKL H33    H  N N 184 
RKL H34    H  N N 185 
RKL H37    H  N N 186 
RKL H38    H  N N 187 
# 
loop_
_chem_comp_bond.comp_id 
_chem_comp_bond.atom_id_1 
_chem_comp_bond.atom_id_2 
_chem_comp_bond.value_order 
_chem_comp_bond.pdbx_aromatic_flag 
_chem_comp_bond.pdbx_stereo_config 
_chem_comp_bond.pdbx_ordinal 
DA  OP3   P      sing N N 1   
DA  OP3   HOP3   sing N N 2   
DA  P     OP1    doub N N 3   
DA  P     OP2    sing N N 4   
DA  P     "O5'"  sing N N 5   
DA  OP2   HOP2   sing N N 6   
DA  "O5'" "C5'"  sing N N 7   
DA  "C5'" "C4'"  sing N N 8   
DA  "C5'" "H5'"  sing N N 9   
DA  "C5'" "H5''" sing N N 10  
DA  "C4'" "O4'"  sing N N 11  
DA  "C4'" "C3'"  sing N N 12  
DA  "C4'" "H4'"  sing N N 13  
DA  "O4'" "C1'"  sing N N 14  
DA  "C3'" "O3'"  sing N N 15  
DA  "C3'" "C2'"  sing N N 16  
DA  "C3'" "H3'"  sing N N 17  
DA  "O3'" "HO3'" sing N N 18  
DA  "C2'" "C1'"  sing N N 19  
DA  "C2'" "H2'"  sing N N 20  
DA  "C2'" "H2''" sing N N 21  
DA  "C1'" N9     sing N N 22  
DA  "C1'" "H1'"  sing N N 23  
DA  N9    C8     sing Y N 24  
DA  N9    C4     sing Y N 25  
DA  C8    N7     doub Y N 26  
DA  C8    H8     sing N N 27  
DA  N7    C5     sing Y N 28  
DA  C5    C6     sing Y N 29  
DA  C5    C4     doub Y N 30  
DA  C6    N6     sing N N 31  
DA  C6    N1     doub Y N 32  
DA  N6    H61    sing N N 33  
DA  N6    H62    sing N N 34  
DA  N1    C2     sing Y N 35  
DA  C2    N3     doub Y N 36  
DA  C2    H2     sing N N 37  
DA  N3    C4     sing Y N 38  
DG  OP3   P      sing N N 39  
DG  OP3   HOP3   sing N N 40  
DG  P     OP1    doub N N 41  
DG  P     OP2    sing N N 42  
DG  P     "O5'"  sing N N 43  
DG  OP2   HOP2   sing N N 44  
DG  "O5'" "C5'"  sing N N 45  
DG  "C5'" "C4'"  sing N N 46  
DG  "C5'" "H5'"  sing N N 47  
DG  "C5'" "H5''" sing N N 48  
DG  "C4'" "O4'"  sing N N 49  
DG  "C4'" "C3'"  sing N N 50  
DG  "C4'" "H4'"  sing N N 51  
DG  "O4'" "C1'"  sing N N 52  
DG  "C3'" "O3'"  sing N N 53  
DG  "C3'" "C2'"  sing N N 54  
DG  "C3'" "H3'"  sing N N 55  
DG  "O3'" "HO3'" sing N N 56  
DG  "C2'" "C1'"  sing N N 57  
DG  "C2'" "H2'"  sing N N 58  
DG  "C2'" "H2''" sing N N 59  
DG  "C1'" N9     sing N N 60  
DG  "C1'" "H1'"  sing N N 61  
DG  N9    C8     sing Y N 62  
DG  N9    C4     sing Y N 63  
DG  C8    N7     doub Y N 64  
DG  C8    H8     sing N N 65  
DG  N7    C5     sing Y N 66  
DG  C5    C6     sing N N 67  
DG  C5    C4     doub Y N 68  
DG  C6    O6     doub N N 69  
DG  C6    N1     sing N N 70  
DG  N1    C2     sing N N 71  
DG  N1    H1     sing N N 72  
DG  C2    N2     sing N N 73  
DG  C2    N3     doub N N 74  
DG  N2    H21    sing N N 75  
DG  N2    H22    sing N N 76  
DG  N3    C4     sing N N 77  
DT  OP3   P      sing N N 78  
DT  OP3   HOP3   sing N N 79  
DT  P     OP1    doub N N 80  
DT  P     OP2    sing N N 81  
DT  P     "O5'"  sing N N 82  
DT  OP2   HOP2   sing N N 83  
DT  "O5'" "C5'"  sing N N 84  
DT  "C5'" "C4'"  sing N N 85  
DT  "C5'" "H5'"  sing N N 86  
DT  "C5'" "H5''" sing N N 87  
DT  "C4'" "O4'"  sing N N 88  
DT  "C4'" "C3'"  sing N N 89  
DT  "C4'" "H4'"  sing N N 90  
DT  "O4'" "C1'"  sing N N 91  
DT  "C3'" "O3'"  sing N N 92  
DT  "C3'" "C2'"  sing N N 93  
DT  "C3'" "H3'"  sing N N 94  
DT  "O3'" "HO3'" sing N N 95  
DT  "C2'" "C1'"  sing N N 96  
DT  "C2'" "H2'"  sing N N 97  
DT  "C2'" "H2''" sing N N 98  
DT  "C1'" N1     sing N N 99  
DT  "C1'" "H1'"  sing N N 100 
DT  N1    C2     sing N N 101 
DT  N1    C6     sing N N 102 
DT  C2    O2     doub N N 103 
DT  C2    N3     sing N N 104 
DT  N3    C4     sing N N 105 
DT  N3    H3     sing N N 106 
DT  C4    O4     doub N N 107 
DT  C4    C5     sing N N 108 
DT  C5    C7     sing N N 109 
DT  C5    C6     doub N N 110 
DT  C7    H71    sing N N 111 
DT  C7    H72    sing N N 112 
DT  C7    H73    sing N N 113 
DT  C6    H6     sing N N 114 
HOH O     H1     sing N N 115 
HOH O     H2     sing N N 116 
RKL RU    N1     sing N N 117 
RKL RU    N2     sing N N 118 
RKL RU    N5     sing N N 119 
RKL RU    N8     sing N N 120 
RKL RU    N9     sing N N 121 
RKL RU    N12    sing N N 122 
RKL C1    N2     doub Y N 123 
RKL C1    C5     sing Y N 124 
RKL C1    C10    sing Y N 125 
RKL N1    C10    doub Y N 126 
RKL N1    C12    sing Y N 127 
RKL C2    N2     sing Y N 128 
RKL C2    C3     doub Y N 129 
RKL C2    H2     sing N N 130 
RKL C3    C4     sing Y N 131 
RKL C3    H3     sing N N 132 
RKL N3    C6     doub Y N 133 
RKL N3    C15    sing Y N 134 
RKL C4    C5     doub Y N 135 
RKL C4    H4     sing N N 136 
RKL N4    C7     doub Y N 137 
RKL N4    C13    sing Y N 138 
RKL C5    C6     sing Y N 139 
RKL N5    C19    doub Y N 140 
RKL N5    C20    sing Y N 141 
RKL C6    C7     sing Y N 142 
RKL N6    C21    sing Y N 143 
RKL N6    C22    doub Y N 144 
RKL C7    C8     sing Y N 145 
RKL N7    C25    doub Y N 146 
RKL N7    C27    sing Y N 147 
RKL C8    C9     doub Y N 148 
RKL C8    C10    sing Y N 149 
RKL N8    C26    doub Y N 150 
RKL N8    C28    sing Y N 151 
RKL C9    C11    sing Y N 152 
RKL C9    H9     sing N N 153 
RKL N9    C29    doub Y N 154 
RKL N9    C30    sing Y N 155 
RKL N10   C31    sing Y N 156 
RKL N10   C32    doub Y N 157 
RKL C11   C12    doub Y N 158 
RKL C11   H11    sing N N 159 
RKL N11   C35    doub Y N 160 
RKL N11   C37    sing Y N 161 
RKL C12   H12    sing N N 162 
RKL N12   C36    doub Y N 163 
RKL N12   C38    sing Y N 164 
RKL C13   C14    sing Y N 165 
RKL C13   C15    doub Y N 166 
RKL C14   C18    doub Y N 167 
RKL C14   H14    sing N N 168 
RKL C15   C16    sing Y N 169 
RKL C16   C17    doub Y N 170 
RKL C16   H16    sing N N 171 
RKL C17   C18    sing Y N 172 
RKL C17   H17    sing N N 173 
RKL C18   H18    sing N N 174 
RKL C19   C22    sing Y N 175 
RKL C19   C26    sing Y N 176 
RKL C20   C21    doub Y N 177 
RKL C20   H20    sing N N 178 
RKL C21   H21    sing N N 179 
RKL C22   C23    sing Y N 180 
RKL C23   C24    doub Y N 181 
RKL C23   H23    sing N N 182 
RKL C24   C25    sing Y N 183 
RKL C24   H24    sing N N 184 
RKL C25   C26    sing Y N 185 
RKL C27   C28    doub Y N 186 
RKL C27   H27    sing N N 187 
RKL C28   H28    sing N N 188 
RKL C29   C32    sing Y N 189 
RKL C29   C36    sing Y N 190 
RKL C30   C31    doub Y N 191 
RKL C30   H30    sing N N 192 
RKL C31   H31    sing N N 193 
RKL C32   C33    sing Y N 194 
RKL C33   C34    doub Y N 195 
RKL C33   H33    sing N N 196 
RKL C34   C35    sing Y N 197 
RKL C34   H34    sing N N 198 
RKL C35   C36    sing Y N 199 
RKL C37   C38    doub Y N 200 
RKL C37   H37    sing N N 201 
RKL C38   H38    sing N N 202 
# 
_ndb_struct_conf_na.entry_id   6RNL 
_ndb_struct_conf_na.feature    'double helix' 
# 
loop_
_ndb_struct_na_base_pair.model_number 
_ndb_struct_na_base_pair.i_label_asym_id 
_ndb_struct_na_base_pair.i_label_comp_id 
_ndb_struct_na_base_pair.i_label_seq_id 
_ndb_struct_na_base_pair.i_symmetry 
_ndb_struct_na_base_pair.j_label_asym_id 
_ndb_struct_na_base_pair.j_label_comp_id 
_ndb_struct_na_base_pair.j_label_seq_id 
_ndb_struct_na_base_pair.j_symmetry 
_ndb_struct_na_base_pair.shear 
_ndb_struct_na_base_pair.stretch 
_ndb_struct_na_base_pair.stagger 
_ndb_struct_na_base_pair.buckle 
_ndb_struct_na_base_pair.propeller 
_ndb_struct_na_base_pair.opening 
_ndb_struct_na_base_pair.pair_number 
_ndb_struct_na_base_pair.pair_name 
_ndb_struct_na_base_pair.i_auth_asym_id 
_ndb_struct_na_base_pair.i_auth_seq_id 
_ndb_struct_na_base_pair.i_PDB_ins_code 
_ndb_struct_na_base_pair.j_auth_asym_id 
_ndb_struct_na_base_pair.j_auth_seq_id 
_ndb_struct_na_base_pair.j_PDB_ins_code 
_ndb_struct_na_base_pair.hbond_type_28 
_ndb_struct_na_base_pair.hbond_type_12 
1 B DT 1 1_555 D DA 2 1_555 -0.087 -0.981 0.238  -5.396 5.592   -173.990 1 B_DT1:DA2_D B 1 ? D 2 ? 21 2 
1 A DG 3 1_555 D DG 3 1_555 -1.818 -3.271 0.056  -1.414 1.467   89.475   2 A_DG3:DG3_D A 3 ? D 3 ? 6  3 
1 B DG 3 1_555 C DG 3 1_555 1.590  3.166  0.002  1.677  4.645   -93.290  3 B_DG3:DG3_C B 3 ? C 3 ? 6  3 
1 B DA 2 1_555 D DT 1 1_555 0.205  1.014  -0.086 8.348  -14.772 168.569  4 B_DA2:DT1_D B 2 ? D 1 ? 21 2 
1 B DT 7 1_555 D DT 7 1_555 2.060  3.203  -0.200 9.940  -11.567 173.095  5 B_DT7:DT7_D B 7 ? D 7 ? 13 2 
# 
loop_
_ndb_struct_na_base_pair_step.model_number 
_ndb_struct_na_base_pair_step.i_label_asym_id_1 
_ndb_struct_na_base_pair_step.i_label_comp_id_1 
_ndb_struct_na_base_pair_step.i_label_seq_id_1 
_ndb_struct_na_base_pair_step.i_symmetry_1 
_ndb_struct_na_base_pair_step.j_label_asym_id_1 
_ndb_struct_na_base_pair_step.j_label_comp_id_1 
_ndb_struct_na_base_pair_step.j_label_seq_id_1 
_ndb_struct_na_base_pair_step.j_symmetry_1 
_ndb_struct_na_base_pair_step.i_label_asym_id_2 
_ndb_struct_na_base_pair_step.i_label_comp_id_2 
_ndb_struct_na_base_pair_step.i_label_seq_id_2 
_ndb_struct_na_base_pair_step.i_symmetry_2 
_ndb_struct_na_base_pair_step.j_label_asym_id_2 
_ndb_struct_na_base_pair_step.j_label_comp_id_2 
_ndb_struct_na_base_pair_step.j_label_seq_id_2 
_ndb_struct_na_base_pair_step.j_symmetry_2 
_ndb_struct_na_base_pair_step.shift 
_ndb_struct_na_base_pair_step.slide 
_ndb_struct_na_base_pair_step.rise 
_ndb_struct_na_base_pair_step.tilt 
_ndb_struct_na_base_pair_step.roll 
_ndb_struct_na_base_pair_step.twist 
_ndb_struct_na_base_pair_step.x_displacement 
_ndb_struct_na_base_pair_step.y_displacement 
_ndb_struct_na_base_pair_step.helical_rise 
_ndb_struct_na_base_pair_step.inclination 
_ndb_struct_na_base_pair_step.tip 
_ndb_struct_na_base_pair_step.helical_twist 
_ndb_struct_na_base_pair_step.step_number 
_ndb_struct_na_base_pair_step.step_name 
_ndb_struct_na_base_pair_step.i_auth_asym_id_1 
_ndb_struct_na_base_pair_step.i_auth_seq_id_1 
_ndb_struct_na_base_pair_step.i_PDB_ins_code_1 
_ndb_struct_na_base_pair_step.j_auth_asym_id_1 
_ndb_struct_na_base_pair_step.j_auth_seq_id_1 
_ndb_struct_na_base_pair_step.j_PDB_ins_code_1 
_ndb_struct_na_base_pair_step.i_auth_asym_id_2 
_ndb_struct_na_base_pair_step.i_auth_seq_id_2 
_ndb_struct_na_base_pair_step.i_PDB_ins_code_2 
_ndb_struct_na_base_pair_step.j_auth_asym_id_2 
_ndb_struct_na_base_pair_step.j_auth_seq_id_2 
_ndb_struct_na_base_pair_step.j_PDB_ins_code_2 
1 B DT 1 1_555 D DA 2 1_555 A DG 3 1_555 D DG 3 1_555 2.925 -1.113 3.170 -1.332 -0.672 165.419  -0.560 -1.477 3.166 -0.338 0.671  
165.420  1 BA_DT1DG3:DG3DA2_DD B 1 ? D 2 ? A 3 ? D 3 ? 
1 A DG 3 1_555 D DG 3 1_555 B DG 3 1_555 C DG 3 1_555 1.737 3.234  0.021 -1.465 -5.008 -179.994 -1.617 0.869  0.021 2.504  -0.732 
-179.994 2 AB_DG3DG3:DG3DG3_CD A 3 ? D 3 ? B 3 ? C 3 ? 
# 
loop_
_pdbx_audit_support.funding_organization 
_pdbx_audit_support.country 
_pdbx_audit_support.grant_number 
_pdbx_audit_support.ordinal 
'Biotechnology and Biological Sciences Research Council' 'United Kingdom' BB/K019279/1 1 
'Biotechnology and Biological Sciences Research Council' 'United Kingdom' BB/M004635/1 2 
# 
_pdbx_entity_instance_feature.ordinal        1 
_pdbx_entity_instance_feature.comp_id        RKL 
_pdbx_entity_instance_feature.asym_id        ? 
_pdbx_entity_instance_feature.seq_num        ? 
_pdbx_entity_instance_feature.auth_comp_id   RKL 
_pdbx_entity_instance_feature.auth_asym_id   ? 
_pdbx_entity_instance_feature.auth_seq_num   ? 
_pdbx_entity_instance_feature.feature_type   'SUBJECT OF INVESTIGATION' 
_pdbx_entity_instance_feature.details        ? 
# 
_atom_sites.entry_id                    6RNL 
_atom_sites.fract_transf_matrix[1][1]   -0.00544530 
_atom_sites.fract_transf_matrix[1][2]   0.02763975 
_atom_sites.fract_transf_matrix[1][3]   0.01025925 
_atom_sites.fract_transf_matrix[2][1]   0.02067798 
_atom_sites.fract_transf_matrix[2][2]   0.02148618 
_atom_sites.fract_transf_matrix[2][3]   -0.00310252 
_atom_sites.fract_transf_matrix[3][1]   -0.00305388 
_atom_sites.fract_transf_matrix[3][2]   0.00194738 
_atom_sites.fract_transf_matrix[3][3]   -0.00686740 
_atom_sites.fract_transf_vector[1]      -0.293895 
_atom_sites.fract_transf_vector[2]      0.111839 
_atom_sites.fract_transf_vector[3]      -0.032198 
# 
loop_
_atom_type.symbol 
C  
H  
K  
N  
NA 
O  
P  
RU 
# 
loop_
_atom_site.group_PDB 
_atom_site.id 
_atom_site.type_symbol 
_atom_site.label_atom_id 
_atom_site.label_alt_id 
_atom_site.label_comp_id 
_atom_site.label_asym_id 
_atom_site.label_entity_id 
_atom_site.label_seq_id 
_atom_site.pdbx_PDB_ins_code 
_atom_site.Cartn_x 
_atom_site.Cartn_y 
_atom_site.Cartn_z 
_atom_site.occupancy 
_atom_site.B_iso_or_equiv 
_atom_site.pdbx_formal_charge 
_atom_site.auth_seq_id 
_atom_site.auth_comp_id 
_atom_site.auth_asym_id 
_atom_site.auth_atom_id 
_atom_site.pdbx_PDB_model_num 
ATOM   1   O  "O5'" . DT  A 1 1 ? 11.976  11.012  -14.782 1.00 52.20 ? 1   DT  A "O5'" 1 
ATOM   2   C  "C5'" . DT  A 1 1 ? 13.296  10.706  -14.224 1.00 52.91 ? 1   DT  A "C5'" 1 
ATOM   3   C  "C4'" . DT  A 1 1 ? 13.596  11.544  -12.989 1.00 52.29 ? 1   DT  A "C4'" 1 
ATOM   4   O  "O4'" . DT  A 1 1 ? 14.155  12.814  -13.404 1.00 53.19 ? 1   DT  A "O4'" 1 
ATOM   5   C  "C3'" . DT  A 1 1 ? 12.389  11.886  -12.117 1.00 50.41 ? 1   DT  A "C3'" 1 
ATOM   6   O  "O3'" . DT  A 1 1 ? 12.798  12.063  -10.755 1.00 53.80 ? 1   DT  A "O3'" 1 
ATOM   7   C  "C2'" . DT  A 1 1 ? 11.922  13.205  -12.713 1.00 49.13 ? 1   DT  A "C2'" 1 
ATOM   8   C  "C1'" . DT  A 1 1 ? 13.236  13.855  -13.135 1.00 51.21 ? 1   DT  A "C1'" 1 
ATOM   9   N  N1    . DT  A 1 1 ? 13.105  14.690  -14.353 1.00 51.26 ? 1   DT  A N1    1 
ATOM   10  C  C2    . DT  A 1 1 ? 12.627  15.998  -14.248 1.00 51.43 ? 1   DT  A C2    1 
ATOM   11  O  O2    . DT  A 1 1 ? 12.285  16.516  -13.189 1.00 50.99 ? 1   DT  A O2    1 
ATOM   12  N  N3    . DT  A 1 1 ? 12.539  16.676  -15.447 1.00 52.01 ? 1   DT  A N3    1 
ATOM   13  C  C4    . DT  A 1 1 ? 12.886  16.205  -16.704 1.00 52.49 ? 1   DT  A C4    1 
ATOM   14  O  O4    . DT  A 1 1 ? 12.803  16.911  -17.712 1.00 53.29 ? 1   DT  A O4    1 
ATOM   15  C  C5    . DT  A 1 1 ? 13.399  14.837  -16.740 1.00 52.36 ? 1   DT  A C5    1 
ATOM   16  C  C7    . DT  A 1 1 ? 13.823  14.223  -18.042 1.00 52.96 ? 1   DT  A C7    1 
ATOM   17  C  C6    . DT  A 1 1 ? 13.465  14.150  -15.580 1.00 51.45 ? 1   DT  A C6    1 
ATOM   18  P  P     . DA  A 1 2 ? 12.008  11.356  -9.545  1.00 56.23 ? 2   DA  A P     1 
ATOM   19  O  OP1   . DA  A 1 2 ? 12.812  11.643  -8.330  1.00 59.11 ? 2   DA  A OP1   1 
ATOM   20  O  OP2   . DA  A 1 2 ? 11.666  9.978   -9.978  1.00 54.29 ? 2   DA  A OP2   1 
ATOM   21  O  "O5'" . DA  A 1 2 ? 10.618  12.138  -9.441  1.00 55.63 ? 2   DA  A "O5'" 1 
ATOM   22  C  "C5'" . DA  A 1 2 ? 10.611  13.524  -9.121  1.00 55.88 ? 2   DA  A "C5'" 1 
ATOM   23  C  "C4'" . DA  A 1 2 ? 9.193   14.004  -8.884  1.00 53.12 ? 2   DA  A "C4'" 1 
ATOM   24  O  "O4'" . DA  A 1 2 ? 8.555   14.359  -10.151 1.00 52.45 ? 2   DA  A "O4'" 1 
ATOM   25  C  "C3'" . DA  A 1 2 ? 8.290   12.967  -8.245  1.00 50.67 ? 2   DA  A "C3'" 1 
ATOM   26  O  "O3'" . DA  A 1 2 ? 7.404   13.597  -7.355  1.00 50.46 ? 2   DA  A "O3'" 1 
ATOM   27  C  "C2'" . DA  A 1 2 ? 7.554   12.373  -9.440  1.00 49.54 ? 2   DA  A "C2'" 1 
ATOM   28  C  "C1'" . DA  A 1 2 ? 7.376   13.585  -10.336 1.00 49.69 ? 2   DA  A "C1'" 1 
ATOM   29  N  N9    . DA  A 1 2 ? 7.319   13.252  -11.747 1.00 48.78 ? 2   DA  A N9    1 
ATOM   30  C  C8    . DA  A 1 2 ? 7.864   12.152  -12.357 1.00 48.56 ? 2   DA  A C8    1 
ATOM   31  N  N7    . DA  A 1 2 ? 7.694   12.132  -13.659 1.00 48.72 ? 2   DA  A N7    1 
ATOM   32  C  C5    . DA  A 1 2 ? 7.019   13.313  -13.920 1.00 48.28 ? 2   DA  A C5    1 
ATOM   33  C  C6    . DA  A 1 2 ? 6.582   13.893  -15.116 1.00 46.41 ? 2   DA  A C6    1 
ATOM   34  N  N6    . DA  A 1 2 ? 6.756   13.317  -16.306 1.00 45.99 ? 2   DA  A N6    1 
ATOM   35  N  N1    . DA  A 1 2 ? 5.934   15.076  -15.040 1.00 45.73 ? 2   DA  A N1    1 
ATOM   36  C  C2    . DA  A 1 2 ? 5.754   15.642  -13.832 1.00 46.03 ? 2   DA  A C2    1 
ATOM   37  N  N3    . DA  A 1 2 ? 6.121   15.188  -12.631 1.00 46.98 ? 2   DA  A N3    1 
ATOM   38  C  C4    . DA  A 1 2 ? 6.767   14.011  -12.751 1.00 48.18 ? 2   DA  A C4    1 
ATOM   39  P  P     . DG  A 1 3 ? 7.638   13.433  -5.776  1.00 51.32 ? 3   DG  A P     1 
ATOM   40  O  OP1   . DG  A 1 3 ? 6.381   13.871  -5.128  1.00 52.65 ? 3   DG  A OP1   1 
ATOM   41  O  OP2   . DG  A 1 3 ? 8.928   14.076  -5.442  1.00 51.17 ? 3   DG  A OP2   1 
ATOM   42  O  "O5'" . DG  A 1 3 ? 7.685   11.817  -5.562  1.00 48.48 ? 3   DG  A "O5'" 1 
ATOM   43  C  "C5'" . DG  A 1 3 ? 8.203   11.264  -4.380  1.00 47.61 ? 3   DG  A "C5'" 1 
ATOM   44  C  "C4'" . DG  A 1 3 ? 7.214   11.415  -3.237  1.00 46.91 ? 3   DG  A "C4'" 1 
ATOM   45  O  "O4'" . DG  A 1 3 ? 5.934   10.873  -3.636  1.00 44.90 ? 3   DG  A "O4'" 1 
ATOM   46  C  "C3'" . DG  A 1 3 ? 7.594   10.697  -1.938  1.00 47.70 ? 3   DG  A "C3'" 1 
ATOM   47  O  "O3'" . DG  A 1 3 ? 7.189   11.491  -0.861  1.00 50.06 ? 3   DG  A "O3'" 1 
ATOM   48  C  "C2'" . DG  A 1 3 ? 6.807   9.390   -2.022  1.00 45.45 ? 3   DG  A "C2'" 1 
ATOM   49  C  "C1'" . DG  A 1 3 ? 5.552   9.820   -2.771  1.00 43.91 ? 3   DG  A "C1'" 1 
ATOM   50  N  N9    . DG  A 1 3 ? 4.968   8.750   -3.596  1.00 42.88 ? 3   DG  A N9    1 
ATOM   51  C  C8    . DG  A 1 3 ? 5.652   7.868   -4.417  1.00 42.51 ? 3   DG  A C8    1 
ATOM   52  N  N7    . DG  A 1 3 ? 4.872   7.031   -5.047  1.00 40.89 ? 3   DG  A N7    1 
ATOM   53  C  C5    . DG  A 1 3 ? 3.577   7.405   -4.646  1.00 40.46 ? 3   DG  A C5    1 
ATOM   54  C  C6    . DG  A 1 3 ? 2.302   6.847   -4.980  1.00 37.41 ? 3   DG  A C6    1 
ATOM   55  O  O6    . DG  A 1 3 ? 2.056   5.915   -5.740  1.00 37.14 ? 3   DG  A O6    1 
ATOM   56  N  N1    . DG  A 1 3 ? 1.257   7.490   -4.330  1.00 35.78 ? 3   DG  A N1    1 
ATOM   57  C  C2    . DG  A 1 3 ? 1.414   8.536   -3.479  1.00 37.65 ? 3   DG  A C2    1 
ATOM   58  N  N2    . DG  A 1 3 ? 0.304   9.030   -2.965  1.00 38.12 ? 3   DG  A N2    1 
ATOM   59  N  N3    . DG  A 1 3 ? 2.587   9.072   -3.145  1.00 40.02 ? 3   DG  A N3    1 
ATOM   60  C  C4    . DG  A 1 3 ? 3.622   8.471   -3.777  1.00 40.83 ? 3   DG  A C4    1 
ATOM   61  P  P     . DG  A 1 4 ? 7.309   10.966  0.650   1.00 51.73 ? 4   DG  A P     1 
ATOM   62  O  OP1   . DG  A 1 4 ? 7.662   12.160  1.460   1.00 53.36 ? 4   DG  A OP1   1 
ATOM   63  O  OP2   . DG  A 1 4 ? 8.169   9.752   0.658   1.00 53.21 ? 4   DG  A OP2   1 
ATOM   64  O  "O5'" . DG  A 1 4 ? 5.827   10.460  0.990   1.00 49.36 ? 4   DG  A "O5'" 1 
ATOM   65  C  "C5'" . DG  A 1 4 ? 4.777   11.352  0.978   1.00 48.96 ? 4   DG  A "C5'" 1 
ATOM   66  C  "C4'" . DG  A 1 4 ? 3.512   10.667  1.409   1.00 48.33 ? 4   DG  A "C4'" 1 
ATOM   67  O  "O4'" . DG  A 1 4 ? 3.065   9.783   0.368   1.00 47.51 ? 4   DG  A "O4'" 1 
ATOM   68  C  "C3'" . DG  A 1 4 ? 3.631   9.820   2.670   1.00 49.34 ? 4   DG  A "C3'" 1 
ATOM   69  O  "O3'" . DG  A 1 4 ? 2.658   10.252  3.637   1.00 49.97 ? 4   DG  A "O3'" 1 
ATOM   70  C  "C2'" . DG  A 1 4 ? 3.370   8.384   2.191   1.00 47.10 ? 4   DG  A "C2'" 1 
ATOM   71  C  "C1'" . DG  A 1 4 ? 2.532   8.619   0.949   1.00 44.83 ? 4   DG  A "C1'" 1 
ATOM   72  N  N9    . DG  A 1 4 ? 2.640   7.565   -0.040  1.00 40.43 ? 4   DG  A N9    1 
ATOM   73  C  C8    . DG  A 1 4 ? 3.794   7.146   -0.661  1.00 39.60 ? 4   DG  A C8    1 
ATOM   74  N  N7    . DG  A 1 4 ? 3.593   6.185   -1.509  1.00 39.27 ? 4   DG  A N7    1 
ATOM   75  C  C5    . DG  A 1 4 ? 2.206   5.964   -1.460  1.00 37.78 ? 4   DG  A C5    1 
ATOM   76  C  C6    . DG  A 1 4 ? 1.398   5.040   -2.179  1.00 35.08 ? 4   DG  A C6    1 
ATOM   77  O  O6    . DG  A 1 4 ? 1.755   4.231   -3.046  1.00 32.76 ? 4   DG  A O6    1 
ATOM   78  N  N1    . DG  A 1 4 ? 0.052   5.112   -1.799  1.00 35.25 ? 4   DG  A N1    1 
ATOM   79  C  C2    . DG  A 1 4 ? -0.450  6.006   -0.877  1.00 35.92 ? 4   DG  A C2    1 
ATOM   80  N  N2    . DG  A 1 4 ? -1.780  5.958   -0.660  1.00 33.65 ? 4   DG  A N2    1 
ATOM   81  N  N3    . DG  A 1 4 ? 0.305   6.891   -0.213  1.00 37.62 ? 4   DG  A N3    1 
ATOM   82  C  C4    . DG  A 1 4 ? 1.614   6.805   -0.559  1.00 37.89 ? 4   DG  A C4    1 
ATOM   83  P  P     . DG  A 1 5 ? 2.711   9.673   5.137   1.00 48.34 ? 5   DG  A P     1 
ATOM   84  O  OP1   . DG  A 1 5 ? 2.360   10.801  6.039   1.00 49.87 ? 5   DG  A OP1   1 
ATOM   85  O  OP2   . DG  A 1 5 ? 3.965   8.888   5.343   1.00 45.75 ? 5   DG  A OP2   1 
ATOM   86  O  "O5'" . DG  A 1 5 ? 1.490   8.639   5.139   1.00 44.99 ? 5   DG  A "O5'" 1 
ATOM   87  C  "C5'" . DG  A 1 5 ? 0.214   9.101   4.818   1.00 42.84 ? 5   DG  A "C5'" 1 
ATOM   88  C  "C4'" . DG  A 1 5 ? -0.795  8.002   5.004   1.00 40.55 ? 5   DG  A "C4'" 1 
ATOM   89  O  "O4'" . DG  A 1 5 ? -0.812  7.188   3.813   1.00 39.40 ? 5   DG  A "O4'" 1 
ATOM   90  C  "C3'" . DG  A 1 5 ? -0.518  7.057   6.186   1.00 39.19 ? 5   DG  A "C3'" 1 
ATOM   91  O  "O3'" . DG  A 1 5 ? -1.726  6.810   6.859   1.00 39.22 ? 5   DG  A "O3'" 1 
ATOM   92  C  "C2'" . DG  A 1 5 ? 0.022   5.794   5.516   1.00 37.82 ? 5   DG  A "C2'" 1 
ATOM   93  C  "C1'" . DG  A 1 5 ? -0.713  5.833   4.164   1.00 37.25 ? 5   DG  A "C1'" 1 
ATOM   94  N  N9    . DG  A 1 5 ? -0.019  5.111   3.088   1.00 34.45 ? 5   DG  A N9    1 
ATOM   95  C  C8    . DG  A 1 5 ? 1.308   5.191   2.770   1.00 34.27 ? 5   DG  A C8    1 
ATOM   96  N  N7    . DG  A 1 5 ? 1.653   4.408   1.788   1.00 34.18 ? 5   DG  A N7    1 
ATOM   97  C  C5    . DG  A 1 5 ? 0.464   3.801   1.399   1.00 33.37 ? 5   DG  A C5    1 
ATOM   98  C  C6    . DG  A 1 5 ? 0.214   2.853   0.379   1.00 30.91 ? 5   DG  A C6    1 
ATOM   99  O  O6    . DG  A 1 5 ? 1.013   2.359   -0.405  1.00 31.97 ? 5   DG  A O6    1 
ATOM   100 N  N1    . DG  A 1 5 ? -1.120  2.472   0.341   1.00 28.88 ? 5   DG  A N1    1 
ATOM   101 C  C2    . DG  A 1 5 ? -2.103  2.980   1.200   1.00 29.86 ? 5   DG  A C2    1 
ATOM   102 N  N2    . DG  A 1 5 ? -3.367  2.509   1.083   1.00 28.29 ? 5   DG  A N2    1 
ATOM   103 N  N3    . DG  A 1 5 ? -1.867  3.881   2.125   1.00 31.30 ? 5   DG  A N3    1 
ATOM   104 C  C4    . DG  A 1 5 ? -0.570  4.217   2.192   1.00 32.89 ? 5   DG  A C4    1 
ATOM   105 P  P     . DT  A 1 6 ? -1.758  6.230   8.353   1.00 41.08 ? 6   DT  A P     1 
ATOM   106 O  OP1   . DT  A 1 6 ? -1.938  7.339   9.336   1.00 43.28 ? 6   DT  A OP1   1 
ATOM   107 O  OP2   . DT  A 1 6 ? -0.607  5.332   8.426   1.00 41.43 ? 6   DT  A OP2   1 
ATOM   108 O  "O5'" . DT  A 1 6 ? -3.091  5.354   8.352   1.00 40.49 ? 6   DT  A "O5'" 1 
ATOM   109 C  "C5'" . DT  A 1 6 ? -3.242  4.349   7.391   1.00 39.30 ? 6   DT  A "C5'" 1 
ATOM   110 C  "C4'" . DT  A 1 6 ? -4.589  3.706   7.522   1.00 37.64 ? 6   DT  A "C4'" 1 
ATOM   111 O  "O4'" . DT  A 1 6 ? -4.656  2.959   8.780   1.00 34.94 ? 6   DT  A "O4'" 1 
ATOM   112 C  "C3'" . DT  A 1 6 ? -5.753  4.691   7.519   1.00 37.70 ? 6   DT  A "C3'" 1 
ATOM   113 O  "O3'" . DT  A 1 6 ? -6.842  4.098   6.826   1.00 40.89 ? 6   DT  A "O3'" 1 
ATOM   114 C  "C2'" . DT  A 1 6 ? -6.062  4.830   9.004   1.00 34.81 ? 6   DT  A "C2'" 1 
ATOM   115 C  "C1'" . DT  A 1 6 ? -5.710  3.431   9.538   1.00 32.84 ? 6   DT  A "C1'" 1 
ATOM   116 N  N1    . DT  A 1 6 ? -5.292  3.427   10.923  1.00 32.80 ? 6   DT  A N1    1 
ATOM   117 C  C2    . DT  A 1 6 ? -5.747  2.402   11.716  1.00 33.44 ? 6   DT  A C2    1 
ATOM   118 O  O2    . DT  A 1 6 ? -6.437  1.487   11.283  1.00 34.97 ? 6   DT  A O2    1 
ATOM   119 N  N3    . DT  A 1 6 ? -5.355  2.454   13.022  1.00 31.91 ? 6   DT  A N3    1 
ATOM   120 C  C4    . DT  A 1 6 ? -4.572  3.417   13.619  1.00 32.41 ? 6   DT  A C4    1 
ATOM   121 O  O4    . DT  A 1 6 ? -4.283  3.371   14.835  1.00 32.56 ? 6   DT  A O4    1 
ATOM   122 C  C5    . DT  A 1 6 ? -4.107  4.482   12.724  1.00 32.44 ? 6   DT  A C5    1 
ATOM   123 C  C7    . DT  A 1 6 ? -3.216  5.542   13.260  1.00 33.82 ? 6   DT  A C7    1 
ATOM   124 C  C6    . DT  A 1 6 ? -4.482  4.444   11.421  1.00 32.33 ? 6   DT  A C6    1 
ATOM   125 P  P     . DT  A 1 7 ? -7.957  4.988   6.088   1.00 43.31 ? 7   DT  A P     1 
ATOM   126 O  OP1   . DT  A 1 7 ? -8.505  4.141   4.983   1.00 42.42 ? 7   DT  A OP1   1 
ATOM   127 O  OP2   . DT  A 1 7 ? -7.309  6.305   5.897   1.00 44.59 ? 7   DT  A OP2   1 
ATOM   128 O  "O5'" . DT  A 1 7 ? -9.118  5.197   7.191   1.00 45.64 ? 7   DT  A "O5'" 1 
ATOM   129 C  "C5'" . DT  A 1 7 ? -9.725  4.065   7.797   1.00 45.31 ? 7   DT  A "C5'" 1 
ATOM   130 C  "C4'" . DT  A 1 7 ? -10.831 4.462   8.756   1.00 44.82 ? 7   DT  A "C4'" 1 
ATOM   131 O  "O4'" . DT  A 1 7 ? -10.258 4.973   9.948   1.00 42.03 ? 7   DT  A "O4'" 1 
ATOM   132 C  "C3'" . DT  A 1 7 ? -11.769 5.573   8.291   1.00 47.42 ? 7   DT  A "C3'" 1 
ATOM   133 O  "O3'" . DT  A 1 7 ? -12.878 4.996   7.681   1.00 52.24 ? 7   DT  A "O3'" 1 
ATOM   134 C  "C2'" . DT  A 1 7 ? -12.188 6.277   9.607   1.00 44.65 ? 7   DT  A "C2'" 1 
ATOM   135 C  "C1'" . DT  A 1 7 ? -11.275 5.611   10.658  1.00 41.83 ? 7   DT  A "C1'" 1 
ATOM   136 N  N1    . DT  A 1 7 ? -10.655 6.563   11.577  1.00 39.21 ? 7   DT  A N1    1 
ATOM   137 C  C2    . DT  A 1 7 ? -10.782 6.350   12.933  1.00 38.17 ? 7   DT  A C2    1 
ATOM   138 O  O2    . DT  A 1 7 ? -11.350 5.372   13.396  1.00 37.99 ? 7   DT  A O2    1 
ATOM   139 N  N3    . DT  A 1 7 ? -10.212 7.321   13.730  1.00 37.99 ? 7   DT  A N3    1 
ATOM   140 C  C4    . DT  A 1 7 ? -9.537  8.451   13.293  1.00 38.92 ? 7   DT  A C4    1 
ATOM   141 O  O4    . DT  A 1 7 ? -9.067  9.267   14.068  1.00 40.48 ? 7   DT  A O4    1 
ATOM   142 C  C5    . DT  A 1 7 ? -9.480  8.637   11.853  1.00 38.86 ? 7   DT  A C5    1 
ATOM   143 C  C7    . DT  A 1 7 ? -8.784  9.836   11.285  1.00 39.26 ? 7   DT  A C7    1 
ATOM   144 C  C6    . DT  A 1 7 ? -10.032 7.693   11.067  1.00 38.39 ? 7   DT  A C6    1 
ATOM   145 O  "O5'" . DT  B 1 1 ? 4.403   14.609  -7.978  1.00 59.65 ? 1   DT  B "O5'" 1 
ATOM   146 C  "C5'" . DT  B 1 1 ? 4.244   13.211  -8.032  1.00 55.47 ? 1   DT  B "C5'" 1 
ATOM   147 C  "C4'" . DT  B 1 1 ? 3.001   12.814  -7.314  1.00 50.43 ? 1   DT  B "C4'" 1 
ATOM   148 O  "O4'" . DT  B 1 1 ? 2.674   11.474  -7.697  1.00 48.76 ? 1   DT  B "O4'" 1 
ATOM   149 C  "C3'" . DT  B 1 1 ? 3.131   12.770  -5.811  1.00 51.09 ? 1   DT  B "C3'" 1 
ATOM   150 O  "O3'" . DT  B 1 1 ? 1.860   12.951  -5.211  1.00 49.44 ? 1   DT  B "O3'" 1 
ATOM   151 C  "C2'" . DT  B 1 1 ? 3.684   11.361  -5.557  1.00 49.89 ? 1   DT  B "C2'" 1 
ATOM   152 C  "C1'" . DT  B 1 1 ? 3.064   10.552  -6.694  1.00 47.25 ? 1   DT  B "C1'" 1 
ATOM   153 N  N1    . DT  B 1 1 ? 4.011   9.585   -7.340  1.00 47.29 ? 1   DT  B N1    1 
ATOM   154 C  C2    . DT  B 1 1 ? 3.501   8.506   -8.046  1.00 45.86 ? 1   DT  B C2    1 
ATOM   155 O  O2    . DT  B 1 1 ? 2.304   8.275   -8.149  1.00 43.98 ? 1   DT  B O2    1 
ATOM   156 N  N3    . DT  B 1 1 ? 4.445   7.713   -8.640  1.00 46.79 ? 1   DT  B N3    1 
ATOM   157 C  C4    . DT  B 1 1 ? 5.824   7.865   -8.568  1.00 49.80 ? 1   DT  B C4    1 
ATOM   158 O  O4    . DT  B 1 1 ? 6.594   7.085   -9.107  1.00 52.74 ? 1   DT  B O4    1 
ATOM   159 C  C5    . DT  B 1 1 ? 6.293   9.014   -7.817  1.00 49.84 ? 1   DT  B C5    1 
ATOM   160 C  C7    . DT  B 1 1 ? 7.777   9.280   -7.684  1.00 52.30 ? 1   DT  B C7    1 
ATOM   161 C  C6    . DT  B 1 1 ? 5.370   9.816   -7.256  1.00 48.86 ? 1   DT  B C6    1 
ATOM   162 P  P     . DA  B 1 2 ? 1.554   14.264  -4.339  1.00 50.10 ? 2   DA  B P     1 
ATOM   163 O  OP1   . DA  B 1 2 ? 1.703   15.461  -5.205  1.00 52.41 ? 2   DA  B OP1   1 
ATOM   164 O  OP2   . DA  B 1 2 ? 2.368   14.151  -3.107  1.00 51.46 ? 2   DA  B OP2   1 
ATOM   165 O  "O5'" . DA  B 1 2 ? 0.000   14.109  -3.991  1.00 47.49 ? 2   DA  B "O5'" 1 
ATOM   166 C  "C5'" . DA  B 1 2 ? -0.938  14.984  -4.592  1.00 47.02 ? 2   DA  B "C5'" 1 
ATOM   167 C  "C4'" . DA  B 1 2 ? -2.339  14.443  -4.439  1.00 44.47 ? 2   DA  B "C4'" 1 
ATOM   168 O  "O4'" . DA  B 1 2 ? -2.555  13.352  -5.374  1.00 42.86 ? 2   DA  B "O4'" 1 
ATOM   169 C  "C3'" . DA  B 1 2 ? -2.666  13.879  -3.071  1.00 43.41 ? 2   DA  B "C3'" 1 
ATOM   170 O  "O3'" . DA  B 1 2 ? -4.052  14.161  -2.763  1.00 42.89 ? 2   DA  B "O3'" 1 
ATOM   171 C  "C2'" . DA  B 1 2 ? -2.390  12.370  -3.236  1.00 40.85 ? 2   DA  B "C2'" 1 
ATOM   172 C  "C1'" . DA  B 1 2 ? -2.805  12.130  -4.681  1.00 40.53 ? 2   DA  B "C1'" 1 
ATOM   173 N  N9    . DA  B 1 2 ? -2.028  11.091  -5.367  1.00 40.01 ? 2   DA  B N9    1 
ATOM   174 C  C8    . DA  B 1 2 ? -0.663  11.072  -5.565  1.00 41.02 ? 2   DA  B C8    1 
ATOM   175 N  N7    . DA  B 1 2 ? -0.248  10.058  -6.292  1.00 40.64 ? 2   DA  B N7    1 
ATOM   176 C  C5    . DA  B 1 2 ? -1.420  9.373   -6.608  1.00 39.41 ? 2   DA  B C5    1 
ATOM   177 C  C6    . DA  B 1 2 ? -1.671  8.201   -7.368  1.00 39.19 ? 2   DA  B C6    1 
ATOM   178 N  N6    . DA  B 1 2 ? -0.682  7.484   -7.932  1.00 40.64 ? 2   DA  B N6    1 
ATOM   179 N  N1    . DA  B 1 2 ? -2.978  7.805   -7.542  1.00 36.92 ? 2   DA  B N1    1 
ATOM   180 C  C2    . DA  B 1 2 ? -3.943  8.523   -6.950  1.00 37.05 ? 2   DA  B C2    1 
ATOM   181 N  N3    . DA  B 1 2 ? -3.815  9.634   -6.200  1.00 38.62 ? 2   DA  B N3    1 
ATOM   182 C  C4    . DA  B 1 2 ? -2.525  10.008  -6.069  1.00 38.89 ? 2   DA  B C4    1 
ATOM   183 P  P     . DG  B 1 3 ? -4.684  13.649  -1.373  1.00 40.06 ? 3   DG  B P     1 
ATOM   184 O  OP1   . DG  B 1 3 ? -5.856  14.539  -1.129  1.00 39.92 ? 3   DG  B OP1   1 
ATOM   185 O  OP2   . DG  B 1 3 ? -3.554  13.525  -0.398  1.00 41.01 ? 3   DG  B OP2   1 
ATOM   186 O  "O5'" . DG  B 1 3 ? -5.111  12.140  -1.656  1.00 36.54 ? 3   DG  B "O5'" 1 
ATOM   187 C  "C5'" . DG  B 1 3 ? -5.631  11.335  -0.613  1.00 35.27 ? 3   DG  B "C5'" 1 
ATOM   188 C  "C4'" . DG  B 1 3 ? -6.616  10.333  -1.176  1.00 33.60 ? 3   DG  B "C4'" 1 
ATOM   189 O  "O4'" . DG  B 1 3 ? -6.028  9.737   -2.365  1.00 32.44 ? 3   DG  B "O4'" 1 
ATOM   190 C  "C3'" . DG  B 1 3 ? -6.941  9.161   -0.236  1.00 32.91 ? 3   DG  B "C3'" 1 
ATOM   191 O  "O3'" . DG  B 1 3 ? -8.213  8.696   -0.524  1.00 33.62 ? 3   DG  B "O3'" 1 
ATOM   192 C  "C2'" . DG  B 1 3 ? -5.891  8.126   -0.625  1.00 31.62 ? 3   DG  B "C2'" 1 
ATOM   193 C  "C1'" . DG  B 1 3 ? -5.810  8.352   -2.153  1.00 31.82 ? 3   DG  B "C1'" 1 
ATOM   194 N  N9    . DG  B 1 3 ? -4.502  8.016   -2.718  1.00 32.69 ? 3   DG  B N9    1 
ATOM   195 C  C8    . DG  B 1 3 ? -3.286  8.647   -2.438  1.00 33.23 ? 3   DG  B C8    1 
ATOM   196 N  N7    . DG  B 1 3 ? -2.280  8.160   -3.098  1.00 33.65 ? 3   DG  B N7    1 
ATOM   197 C  C5    . DG  B 1 3 ? -2.853  7.125   -3.866  1.00 33.24 ? 3   DG  B C5    1 
ATOM   198 C  C6    . DG  B 1 3 ? -2.237  6.229   -4.780  1.00 31.96 ? 3   DG  B C6    1 
ATOM   199 O  O6    . DG  B 1 3 ? -1.035  6.148   -5.072  1.00 32.79 ? 3   DG  B O6    1 
ATOM   200 N  N1    . DG  B 1 3 ? -3.161  5.357   -5.354  1.00 30.83 ? 3   DG  B N1    1 
ATOM   201 C  C2    . DG  B 1 3 ? -4.526  5.353   -5.080  1.00 31.70 ? 3   DG  B C2    1 
ATOM   202 N  N2    . DG  B 1 3 ? -5.272  4.448   -5.754  1.00 32.06 ? 3   DG  B N2    1 
ATOM   203 N  N3    . DG  B 1 3 ? -5.119  6.188   -4.211  1.00 30.48 ? 3   DG  B N3    1 
ATOM   204 C  C4    . DG  B 1 3 ? -4.227  7.047   -3.661  1.00 32.20 ? 3   DG  B C4    1 
ATOM   205 P  P     . DG  B 1 4 ? -8.869  7.494   0.310   1.00 33.01 ? 4   DG  B P     1 
ATOM   206 O  OP1   . DG  B 1 4 ? -10.334 7.776   0.296   1.00 34.26 ? 4   DG  B OP1   1 
ATOM   207 O  OP2   . DG  B 1 4 ? -8.191  7.380   1.612   1.00 32.19 ? 4   DG  B OP2   1 
ATOM   208 O  "O5'" . DG  B 1 4 ? -8.525  6.193   -0.569  1.00 30.91 ? 4   DG  B "O5'" 1 
ATOM   209 C  "C5'" . DG  B 1 4 ? -9.137  6.003   -1.800  1.00 31.31 ? 4   DG  B "C5'" 1 
ATOM   210 C  "C4'" . DG  B 1 4 ? -9.085  4.548   -2.215  1.00 32.18 ? 4   DG  B "C4'" 1 
ATOM   211 O  "O4'" . DG  B 1 4 ? -7.796  4.242   -2.807  1.00 33.49 ? 4   DG  B "O4'" 1 
ATOM   212 C  "C3'" . DG  B 1 4 ? -9.265  3.557   -1.097  1.00 32.99 ? 4   DG  B "C3'" 1 
ATOM   213 O  "O3'" . DG  B 1 4 ? -10.013 2.488   -1.608  1.00 34.80 ? 4   DG  B "O3'" 1 
ATOM   214 C  "C2'" . DG  B 1 4 ? -7.813  3.161   -0.746  1.00 32.22 ? 4   DG  B "C2'" 1 
ATOM   215 C  "C1'" . DG  B 1 4 ? -7.181  3.153   -2.129  1.00 31.97 ? 4   DG  B "C1'" 1 
ATOM   216 N  N9    . DG  B 1 4 ? -5.733  3.390   -2.186  1.00 29.67 ? 4   DG  B N9    1 
ATOM   217 C  C8    . DG  B 1 4 ? -5.032  4.359   -1.530  1.00 28.77 ? 4   DG  B C8    1 
ATOM   218 N  N7    . DG  B 1 4 ? -3.755  4.340   -1.785  1.00 29.46 ? 4   DG  B N7    1 
ATOM   219 C  C5    . DG  B 1 4 ? -3.607  3.348   -2.739  1.00 30.07 ? 4   DG  B C5    1 
ATOM   220 C  C6    . DG  B 1 4 ? -2.452  2.936   -3.476  1.00 30.34 ? 4   DG  B C6    1 
ATOM   221 O  O6    . DG  B 1 4 ? -1.297  3.369   -3.388  1.00 30.72 ? 4   DG  B O6    1 
ATOM   222 N  N1    . DG  B 1 4 ? -2.732  1.863   -4.327  1.00 30.13 ? 4   DG  B N1    1 
ATOM   223 C  C2    . DG  B 1 4 ? -3.989  1.314   -4.494  1.00 31.00 ? 4   DG  B C2    1 
ATOM   224 N  N2    . DG  B 1 4 ? -4.094  0.321   -5.384  1.00 33.12 ? 4   DG  B N2    1 
ATOM   225 N  N3    . DG  B 1 4 ? -5.081  1.727   -3.842  1.00 29.87 ? 4   DG  B N3    1 
ATOM   226 C  C4    . DG  B 1 4 ? -4.819  2.762   -3.009  1.00 29.48 ? 4   DG  B C4    1 
ATOM   227 P  P     . DG  B 1 5 ? -10.529 1.335   -0.622  1.00 37.65 ? 5   DG  B P     1 
ATOM   228 O  OP1   . DG  B 1 5 ? -11.921 1.030   -1.039  1.00 38.54 ? 5   DG  B OP1   1 
ATOM   229 O  OP2   . DG  B 1 5 ? -10.210 1.719   0.779   1.00 36.74 ? 5   DG  B OP2   1 
ATOM   230 O  "O5'" . DG  B 1 5 ? -9.630  0.083   -1.014  1.00 37.07 ? 5   DG  B "O5'" 1 
ATOM   231 C  "C5'" . DG  B 1 5 ? -9.787  -0.546  -2.282  1.00 37.13 ? 5   DG  B "C5'" 1 
ATOM   232 C  "C4'" . DG  B 1 5 ? -8.977  -1.837  -2.344  1.00 38.18 ? 5   DG  B "C4'" 1 
ATOM   233 O  "O4'" . DG  B 1 5 ? -7.586  -1.515  -2.629  1.00 37.44 ? 5   DG  B "O4'" 1 
ATOM   234 C  "C3'" . DG  B 1 5 ? -8.977  -2.680  -1.053  1.00 38.11 ? 5   DG  B "C3'" 1 
ATOM   235 O  "O3'" . DG  B 1 5 ? -9.030  -4.070  -1.389  1.00 40.52 ? 5   DG  B "O3'" 1 
ATOM   236 C  "C2'" . DG  B 1 5 ? -7.643  -2.294  -0.421  1.00 37.27 ? 5   DG  B "C2'" 1 
ATOM   237 C  "C1'" . DG  B 1 5 ? -6.766  -2.127  -1.668  1.00 36.77 ? 5   DG  B "C1'" 1 
ATOM   238 N  N9    . DG  B 1 5 ? -5.600  -1.279  -1.454  1.00 34.64 ? 5   DG  B N9    1 
ATOM   239 C  C8    . DG  B 1 5 ? -5.524  -0.179  -0.628  1.00 32.68 ? 5   DG  B C8    1 
ATOM   240 N  N7    . DG  B 1 5 ? -4.347  0.382   -0.620  1.00 32.35 ? 5   DG  B N7    1 
ATOM   241 C  C5    . DG  B 1 5 ? -3.594  -0.379  -1.533  1.00 33.62 ? 5   DG  B C5    1 
ATOM   242 C  C6    . DG  B 1 5 ? -2.228  -0.236  -1.987  1.00 32.21 ? 5   DG  B C6    1 
ATOM   243 O  O6    . DG  B 1 5 ? -1.391  0.618   -1.661  1.00 30.18 ? 5   DG  B O6    1 
ATOM   244 N  N1    . DG  B 1 5 ? -1.888  -1.209  -2.946  1.00 33.19 ? 5   DG  B N1    1 
ATOM   245 C  C2    . DG  B 1 5 ? -2.745  -2.199  -3.379  1.00 34.34 ? 5   DG  B C2    1 
ATOM   246 N  N2    . DG  B 1 5 ? -2.251  -3.075  -4.262  1.00 35.01 ? 5   DG  B N2    1 
ATOM   247 N  N3    . DG  B 1 5 ? -4.016  -2.324  -2.973  1.00 35.30 ? 5   DG  B N3    1 
ATOM   248 C  C4    . DG  B 1 5 ? -4.369  -1.385  -2.068  1.00 34.20 ? 5   DG  B C4    1 
ATOM   249 P  P     . DT  B 1 6 ? -9.030  -5.214  -0.254  1.00 42.48 ? 6   DT  B P     1 
ATOM   250 O  OP1   . DT  B 1 6 ? -9.779  -6.317  -0.914  1.00 44.95 ? 6   DT  B OP1   1 
ATOM   251 O  OP2   . DT  B 1 6 ? -9.458  -4.624  1.054   1.00 42.08 ? 6   DT  B OP2   1 
ATOM   252 O  "O5'" . DT  B 1 6 ? -7.497  -5.638  -0.109  1.00 41.46 ? 6   DT  B "O5'" 1 
ATOM   253 C  "C5'" . DT  B 1 6 ? -6.810  -6.184  -1.221  1.00 39.95 ? 6   DT  B "C5'" 1 
ATOM   254 C  "C4'" . DT  B 1 6 ? -5.334  -6.272  -0.931  1.00 38.21 ? 6   DT  B "C4'" 1 
ATOM   255 O  "O4'" . DT  B 1 6 ? -4.786  -4.961  -0.861  1.00 35.82 ? 6   DT  B "O4'" 1 
ATOM   256 C  "C3'" . DT  B 1 6 ? -4.936  -6.921  0.407   1.00 38.16 ? 6   DT  B "C3'" 1 
ATOM   257 O  "O3'" . DT  B 1 6 ? -4.774  -8.302  0.231   1.00 38.24 ? 6   DT  B "O3'" 1 
ATOM   258 C  "C2'" . DT  B 1 6 ? -3.581  -6.246  0.713   1.00 38.83 ? 6   DT  B "C2'" 1 
ATOM   259 C  "C1'" . DT  B 1 6 ? -3.502  -5.098  -0.337  1.00 38.01 ? 6   DT  B "C1'" 1 
ATOM   260 N  N1    . DT  B 1 6 ? -3.080  -3.773  0.235   1.00 37.87 ? 6   DT  B N1    1 
ATOM   261 C  C2    . DT  B 1 6 ? -1.832  -3.238  -0.106  1.00 37.15 ? 6   DT  B C2    1 
ATOM   262 O  O2    . DT  B 1 6 ? -1.074  -3.761  -0.871  1.00 38.01 ? 6   DT  B O2    1 
ATOM   263 N  N3    . DT  B 1 6 ? -1.517  -2.060  0.495   1.00 36.42 ? 6   DT  B N3    1 
ATOM   264 C  C4    . DT  B 1 6 ? -2.310  -1.349  1.376   1.00 37.52 ? 6   DT  B C4    1 
ATOM   265 O  O4    . DT  B 1 6 ? -1.946  -0.276  1.866   1.00 40.02 ? 6   DT  B O4    1 
ATOM   266 C  C5    . DT  B 1 6 ? -3.601  -1.948  1.698   1.00 35.80 ? 6   DT  B C5    1 
ATOM   267 C  C7    . DT  B 1 6 ? -4.524  -1.246  2.635   1.00 35.16 ? 6   DT  B C7    1 
ATOM   268 C  C6    . DT  B 1 6 ? -3.930  -3.115  1.116   1.00 36.20 ? 6   DT  B C6    1 
ATOM   269 P  P     . DT  B 1 7 ? -4.799  -9.337  1.468   1.00 40.66 ? 7   DT  B P     1 
ATOM   270 O  OP1   . DT  B 1 7 ? -4.957  -10.707 0.922   1.00 40.92 ? 7   DT  B OP1   1 
ATOM   271 O  OP2   . DT  B 1 7 ? -5.740  -8.856  2.503   1.00 38.04 ? 7   DT  B OP2   1 
ATOM   272 O  "O5'" . DT  B 1 7 ? -3.324  -9.243  2.109   1.00 39.87 ? 7   DT  B "O5'" 1 
ATOM   273 C  "C5'" . DT  B 1 7 ? -2.211  -9.697  1.409   1.00 41.16 ? 7   DT  B "C5'" 1 
ATOM   274 C  "C4'" . DT  B 1 7 ? -1.011  -9.830  2.342   1.00 41.94 ? 7   DT  B "C4'" 1 
ATOM   275 O  "O4'" . DT  B 1 7 ? -0.656  -8.518  2.854   1.00 40.88 ? 7   DT  B "O4'" 1 
ATOM   276 C  "C3'" . DT  B 1 7 ? -1.228  -10.721 3.574   1.00 42.56 ? 7   DT  B "C3'" 1 
ATOM   277 O  "O3'" . DT  B 1 7 ? -0.056  -11.400 3.901   1.00 45.48 ? 7   DT  B "O3'" 1 
ATOM   278 C  "C2'" . DT  B 1 7 ? -1.570  -9.740  4.670   1.00 41.05 ? 7   DT  B "C2'" 1 
ATOM   279 C  "C1'" . DT  B 1 7 ? -0.769  -8.496  4.262   1.00 40.84 ? 7   DT  B "C1'" 1 
ATOM   280 N  N1    . DT  B 1 7 ? -1.448  -7.230  4.666   1.00 39.15 ? 7   DT  B N1    1 
ATOM   281 C  C2    . DT  B 1 7 ? -0.714  -6.179  5.215   1.00 37.86 ? 7   DT  B C2    1 
ATOM   282 O  O2    . DT  B 1 7 ? 0.484   -6.201  5.365   1.00 37.66 ? 7   DT  B O2    1 
ATOM   283 N  N3    . DT  B 1 7 ? -1.446  -5.081  5.554   1.00 37.25 ? 7   DT  B N3    1 
ATOM   284 C  C4    . DT  B 1 7 ? -2.816  -4.921  5.420   1.00 38.27 ? 7   DT  B C4    1 
ATOM   285 O  O4    . DT  B 1 7 ? -3.385  -3.918  5.796   1.00 38.26 ? 7   DT  B O4    1 
ATOM   286 C  C5    . DT  B 1 7 ? -3.537  -6.049  4.842   1.00 39.56 ? 7   DT  B C5    1 
ATOM   287 C  C7    . DT  B 1 7 ? -5.039  -5.984  4.642   1.00 39.11 ? 7   DT  B C7    1 
ATOM   288 C  C6    . DT  B 1 7 ? -2.819  -7.137  4.497   1.00 40.16 ? 7   DT  B C6    1 
ATOM   289 O  "O5'" . DT  C 1 1 ? -15.825 2.694   -0.849  1.00 54.31 ? 1   DT  C "O5'" 1 
ATOM   290 C  "C5'" . DT  C 1 1 ? -16.427 1.350   -0.783  1.00 55.90 ? 1   DT  C "C5'" 1 
ATOM   291 C  "C4'" . DT  C 1 1 ? -16.887 0.908   -2.168  1.00 55.02 ? 1   DT  C "C4'" 1 
ATOM   292 O  "O4'" . DT  C 1 1 ? -17.926 1.813   -2.624  1.00 53.72 ? 1   DT  C "O4'" 1 
ATOM   293 C  "C3'" . DT  C 1 1 ? -15.813 0.954   -3.249  1.00 52.74 ? 1   DT  C "C3'" 1 
ATOM   294 O  "O3'" . DT  C 1 1 ? -16.058 -0.028  -4.219  1.00 57.53 ? 1   DT  C "O3'" 1 
ATOM   295 C  "C2'" . DT  C 1 1 ? -16.006 2.339   -3.840  1.00 48.95 ? 1   DT  C "C2'" 1 
ATOM   296 C  "C1'" . DT  C 1 1 ? -17.514 2.476   -3.785  1.00 48.88 ? 1   DT  C "C1'" 1 
ATOM   297 N  N1    . DT  C 1 1 ? -18.000 3.866   -3.701  1.00 43.32 ? 1   DT  C N1    1 
ATOM   298 C  C2    . DT  C 1 1 ? -18.185 4.568   -4.887  1.00 43.08 ? 1   DT  C C2    1 
ATOM   299 O  O2    . DT  C 1 1 ? -17.927 4.088   -5.971  1.00 46.09 ? 1   DT  C O2    1 
ATOM   300 N  N3    . DT  C 1 1 ? -18.686 5.843   -4.752  1.00 39.34 ? 1   DT  C N3    1 
ATOM   301 C  C4    . DT  C 1 1 ? -19.021 6.459   -3.561  1.00 38.35 ? 1   DT  C C4    1 
ATOM   302 O  O4    . DT  C 1 1 ? -19.454 7.592   -3.534  1.00 38.05 ? 1   DT  C O4    1 
ATOM   303 C  C5    . DT  C 1 1 ? -18.806 5.663   -2.331  1.00 38.91 ? 1   DT  C C5    1 
ATOM   304 C  C7    . DT  C 1 1 ? -19.135 6.250   -0.980  1.00 38.75 ? 1   DT  C C7    1 
ATOM   305 C  C6    . DT  C 1 1 ? -18.337 4.403   -2.462  1.00 40.22 ? 1   DT  C C6    1 
ATOM   306 P  P     . DA  C 1 2 ? -14.943 -1.141  -4.547  1.00 57.82 ? 2   DA  C P     1 
ATOM   307 O  OP1   . DA  C 1 2 ? -15.515 -2.117  -5.510  1.00 61.98 ? 2   DA  C OP1   1 
ATOM   308 O  OP2   . DA  C 1 2 ? -14.392 -1.652  -3.263  1.00 57.52 ? 2   DA  C OP2   1 
ATOM   309 O  "O5'" . DA  C 1 2 ? -13.804 -0.314  -5.283  1.00 54.51 ? 2   DA  C "O5'" 1 
ATOM   310 C  "C5'" . DA  C 1 2 ? -14.136 0.515   -6.369  1.00 52.92 ? 2   DA  C "C5'" 1 
ATOM   311 C  "C4'" . DA  C 1 2 ? -12.956 1.374   -6.715  1.00 49.31 ? 2   DA  C "C4'" 1 
ATOM   312 O  "O4'" . DA  C 1 2 ? -13.115 2.667   -6.104  1.00 45.94 ? 2   DA  C "O4'" 1 
ATOM   313 C  "C3'" . DA  C 1 2 ? -11.603 0.835   -6.222  1.00 49.06 ? 2   DA  C "C3'" 1 
ATOM   314 O  "O3'" . DA  C 1 2 ? -10.656 0.889   -7.300  1.00 52.27 ? 2   DA  C "O3'" 1 
ATOM   315 C  "C2'" . DA  C 1 2 ? -11.223 1.791   -5.088  1.00 44.49 ? 2   DA  C "C2'" 1 
ATOM   316 C  "C1'" . DA  C 1 2 ? -11.868 3.069   -5.590  1.00 42.17 ? 2   DA  C "C1'" 1 
ATOM   317 N  N9    . DA  C 1 2 ? -12.096 4.076   -4.559  1.00 37.69 ? 2   DA  C N9    1 
ATOM   318 C  C8    . DA  C 1 2 ? -12.360 3.860   -3.237  1.00 36.39 ? 2   DA  C C8    1 
ATOM   319 N  N7    . DA  C 1 2 ? -12.529 4.973   -2.542  1.00 34.57 ? 2   DA  C N7    1 
ATOM   320 C  C5    . DA  C 1 2 ? -12.400 5.985   -3.492  1.00 34.16 ? 2   DA  C C5    1 
ATOM   321 C  C6    . DA  C 1 2 ? -12.489 7.399   -3.435  1.00 30.98 ? 2   DA  C C6    1 
ATOM   322 N  N6    . DA  C 1 2 ? -12.737 8.110   -2.330  1.00 30.28 ? 2   DA  C N6    1 
ATOM   323 N  N1    . DA  C 1 2 ? -12.312 8.072   -4.573  1.00 30.45 ? 2   DA  C N1    1 
ATOM   324 C  C2    . DA  C 1 2 ? -12.077 7.418   -5.683  1.00 32.67 ? 2   DA  C C2    1 
ATOM   325 N  N3    . DA  C 1 2 ? -11.963 6.120   -5.877  1.00 35.37 ? 2   DA  C N3    1 
ATOM   326 C  C4    . DA  C 1 2 ? -12.122 5.448   -4.733  1.00 35.57 ? 2   DA  C C4    1 
ATOM   327 P  P     . DG  C 1 3 ? -9.539  -0.261  -7.476  1.00 56.95 ? 3   DG  C P     1 
ATOM   328 O  OP1   . DG  C 1 3 ? -10.262 -1.492  -7.914  1.00 60.29 ? 3   DG  C OP1   1 
ATOM   329 O  OP2   . DG  C 1 3 ? -8.697  -0.267  -6.235  1.00 55.37 ? 3   DG  C OP2   1 
ATOM   330 O  "O5'" . DG  C 1 3 ? -8.623  0.267   -8.684  1.00 57.10 ? 3   DG  C "O5'" 1 
ATOM   331 C  "C5'" . DG  C 1 3 ? -8.670  -0.390  -9.936  1.00 58.57 ? 3   DG  C "C5'" 1 
ATOM   332 C  "C4'" . DG  C 1 3 ? -7.290  -0.829  -10.353 1.00 57.23 ? 3   DG  C "C4'" 1 
ATOM   333 O  "O4'" . DG  C 1 3 ? -6.508  0.345   -10.611 1.00 52.33 ? 3   DG  C "O4'" 1 
ATOM   334 C  "C3'" . DG  C 1 3 ? -6.504  -1.555  -9.285  1.00 57.98 ? 3   DG  C "C3'" 1 
ATOM   335 O  "O3'" . DG  C 1 3 ? -6.841  -2.965  -9.266  1.00 64.13 ? 3   DG  C "O3'" 1 
ATOM   336 C  "C2'" . DG  C 1 3 ? -5.085  -1.333  -9.758  1.00 54.52 ? 3   DG  C "C2'" 1 
ATOM   337 C  "C1'" . DG  C 1 3 ? -5.155  0.072   -10.314 1.00 49.30 ? 3   DG  C "C1'" 1 
ATOM   338 N  N9    . DG  C 1 3 ? -4.648  1.066   -9.392  1.00 40.29 ? 3   DG  C N9    1 
ATOM   339 C  C8    . DG  C 1 3 ? -5.371  1.848   -8.509  1.00 36.87 ? 3   DG  C C8    1 
ATOM   340 N  N7    . DG  C 1 3 ? -4.627  2.665   -7.817  1.00 33.96 ? 3   DG  C N7    1 
ATOM   341 C  C5    . DG  C 1 3 ? -3.325  2.394   -8.266  1.00 35.59 ? 3   DG  C C5    1 
ATOM   342 C  C6    . DG  C 1 3 ? -2.089  2.963   -7.875  1.00 34.71 ? 3   DG  C C6    1 
ATOM   343 O  O6    . DG  C 1 3 ? -1.888  3.848   -7.018  1.00 34.06 ? 3   DG  C O6    1 
ATOM   344 N  N1    . DG  C 1 3 ? -1.008  2.377   -8.553  1.00 35.43 ? 3   DG  C N1    1 
ATOM   345 C  C2    . DG  C 1 3 ? -1.111  1.375   -9.506  1.00 37.64 ? 3   DG  C C2    1 
ATOM   346 N  N2    . DG  C 1 3 ? 0.049   0.935   -10.087 1.00 38.75 ? 3   DG  C N2    1 
ATOM   347 N  N3    . DG  C 1 3 ? -2.275  0.867   -9.899  1.00 38.68 ? 3   DG  C N3    1 
ATOM   348 C  C4    . DG  C 1 3 ? -3.328  1.412   -9.226  1.00 37.91 ? 3   DG  C C4    1 
ATOM   349 P  P     . DG  C 1 4 ? -6.327  -3.960  -10.422 1.00 69.06 ? 4   DG  C P     1 
ATOM   350 O  OP1   . DG  C 1 4 ? -6.600  -3.273  -11.703 1.00 70.96 ? 4   DG  C OP1   1 
ATOM   351 O  OP2   . DG  C 1 4 ? -6.884  -5.307  -10.151 1.00 73.10 ? 4   DG  C OP2   1 
ATOM   352 O  "O5'" . DG  C 1 4 ? -4.733  -4.039  -10.232 1.00 65.07 ? 4   DG  C "O5'" 1 
ATOM   353 C  "C5'" . DG  C 1 4 ? -3.905  -4.082  -11.386 1.00 62.98 ? 4   DG  C "C5'" 1 
ATOM   354 C  "C4'" . DG  C 1 4 ? -2.451  -4.299  -11.026 1.00 59.02 ? 4   DG  C "C4'" 1 
ATOM   355 O  "O4'" . DG  C 1 4 ? -1.908  -3.117  -10.415 1.00 53.87 ? 4   DG  C "O4'" 1 
ATOM   356 C  "C3'" . DG  C 1 4 ? -2.178  -5.447  -10.064 1.00 58.84 ? 4   DG  C "C3'" 1 
ATOM   357 O  "O3'" . DG  C 1 4 ? -1.103  -6.256  -10.578 1.00 62.33 ? 4   DG  C "O3'" 1 
ATOM   358 C  "C2'" . DG  C 1 4 ? -1.799  -4.763  -8.752  1.00 53.87 ? 4   DG  C "C2'" 1 
ATOM   359 C  "C1'" . DG  C 1 4 ? -1.184  -3.478  -9.247  1.00 50.93 ? 4   DG  C "C1'" 1 
ATOM   360 N  N9    . DG  C 1 4 ? -1.268  -2.369  -8.288  1.00 44.60 ? 4   DG  C N9    1 
ATOM   361 C  C8    . DG  C 1 4 ? -2.415  -1.768  -7.781  1.00 42.12 ? 4   DG  C C8    1 
ATOM   362 N  N7    . DG  C 1 4 ? -2.163  -0.770  -6.971  1.00 39.20 ? 4   DG  C N7    1 
ATOM   363 C  C5    . DG  C 1 4 ? -0.768  -0.713  -6.942  1.00 39.54 ? 4   DG  C C5    1 
ATOM   364 C  C6    . DG  C 1 4 ? 0.075   0.162   -6.262  1.00 35.46 ? 4   DG  C C6    1 
ATOM   365 O  O6    . DG  C 1 4 ? -0.235  1.077   -5.532  1.00 33.95 ? 4   DG  C O6    1 
ATOM   366 N  N1    . DG  C 1 4 ? 1.398   -0.103  -6.488  1.00 35.49 ? 4   DG  C N1    1 
ATOM   367 C  C2    . DG  C 1 4 ? 1.873   -1.070  -7.316  1.00 38.48 ? 4   DG  C C2    1 
ATOM   368 N  N2    . DG  C 1 4 ? 3.202   -1.158  -7.405  1.00 39.33 ? 4   DG  C N2    1 
ATOM   369 N  N3    . DG  C 1 4 ? 1.106   -1.909  -7.990  1.00 41.37 ? 4   DG  C N3    1 
ATOM   370 C  C4    . DG  C 1 4 ? -0.207  -1.675  -7.746  1.00 41.82 ? 4   DG  C C4    1 
ATOM   371 P  P     . DG  C 1 5 ? -0.797  -7.681  -9.907  1.00 64.03 ? 5   DG  C P     1 
ATOM   372 O  OP1   . DG  C 1 5 ? -0.564  -8.642  -11.006 1.00 68.51 ? 5   DG  C OP1   1 
ATOM   373 O  OP2   . DG  C 1 5 ? -1.817  -7.898  -8.845  1.00 63.81 ? 5   DG  C OP2   1 
ATOM   374 O  "O5'" . DG  C 1 5 ? 0.601   -7.467  -9.156  1.00 60.95 ? 5   DG  C "O5'" 1 
ATOM   375 C  "C5'" . DG  C 1 5 ? 1.667   -6.819  -9.817  1.00 58.63 ? 5   DG  C "C5'" 1 
ATOM   376 C  "C4'" . DG  C 1 5 ? 2.817   -6.553  -8.857  1.00 54.37 ? 5   DG  C "C4'" 1 
ATOM   377 O  "O4'" . DG  C 1 5 ? 2.614   -5.319  -8.118  1.00 49.88 ? 5   DG  C "O4'" 1 
ATOM   378 C  "C3'" . DG  C 1 5 ? 3.064   -7.628  -7.815  1.00 53.50 ? 5   DG  C "C3'" 1 
ATOM   379 O  "O3'" . DG  C 1 5 ? 4.456   -7.867  -7.768  1.00 54.97 ? 5   DG  C "O3'" 1 
ATOM   380 C  "C2'" . DG  C 1 5 ? 2.557   -6.991  -6.518  1.00 50.11 ? 5   DG  C "C2'" 1 
ATOM   381 C  "C1'" . DG  C 1 5 ? 2.885   -5.539  -6.747  1.00 47.04 ? 5   DG  C "C1'" 1 
ATOM   382 N  N9    . DG  C 1 5 ? 2.074   -4.616  -5.943  1.00 42.32 ? 5   DG  C N9    1 
ATOM   383 C  C8    . DG  C 1 5 ? 0.694   -4.516  -5.900  1.00 41.14 ? 5   DG  C C8    1 
ATOM   384 N  N7    . DG  C 1 5 ? 0.261   -3.568  -5.109  1.00 39.27 ? 5   DG  C N7    1 
ATOM   385 C  C5    . DG  C 1 5 ? 1.431   -2.999  -4.604  1.00 38.07 ? 5   DG  C C5    1 
ATOM   386 C  C6    . DG  C 1 5 ? 1.613   -1.922  -3.688  1.00 34.43 ? 5   DG  C C6    1 
ATOM   387 O  O6    . DG  C 1 5 ? 0.751   -1.213  -3.115  1.00 33.15 ? 5   DG  C O6    1 
ATOM   388 N  N1    . DG  C 1 5 ? 2.954   -1.654  -3.495  1.00 34.19 ? 5   DG  C N1    1 
ATOM   389 C  C2    . DG  C 1 5 ? 4.001   -2.356  -4.048  1.00 36.73 ? 5   DG  C C2    1 
ATOM   390 N  N2    . DG  C 1 5 ? 5.224   -1.961  -3.683  1.00 38.58 ? 5   DG  C N2    1 
ATOM   391 N  N3    . DG  C 1 5 ? 3.860   -3.365  -4.898  1.00 38.23 ? 5   DG  C N3    1 
ATOM   392 C  C4    . DG  C 1 5 ? 2.551   -3.628  -5.129  1.00 39.55 ? 5   DG  C C4    1 
ATOM   393 P  P     . DT  C 1 6 ? 5.006   -9.258  -7.205  1.00 56.35 ? 6   DT  C P     1 
ATOM   394 O  OP1   . DT  C 1 6 ? 5.144   -10.202 -8.307  1.00 57.22 ? 6   DT  C OP1   1 
ATOM   395 O  OP2   . DT  C 1 6 ? 4.078   -9.566  -6.074  1.00 57.08 ? 6   DT  C OP2   1 
ATOM   396 O  "O5'" . DT  C 1 6 ? 6.436   -8.871  -6.600  1.00 53.99 ? 6   DT  C "O5'" 1 
ATOM   397 C  "C5'" . DT  C 1 6 ? 6.541   -7.618  -5.864  1.00 48.28 ? 6   DT  C "C5'" 1 
ATOM   398 C  "C4'" . DT  C 1 6 ? 7.366   -7.762  -4.613  1.00 44.93 ? 6   DT  C "C4'" 1 
ATOM   399 O  "O4'" . DT  C 1 6 ? 6.575   -8.436  -3.614  1.00 44.53 ? 6   DT  C "O4'" 1 
ATOM   400 C  "C3'" . DT  C 1 6 ? 8.675   -8.538  -4.762  1.00 46.09 ? 6   DT  C "C3'" 1 
ATOM   401 O  "O3'" . DT  C 1 6 ? 9.681   -7.810  -4.082  1.00 46.72 ? 6   DT  C "O3'" 1 
ATOM   402 C  "C2'" . DT  C 1 6 ? 8.360   -9.859  -4.047  1.00 46.27 ? 6   DT  C "C2'" 1 
ATOM   403 C  "C1'" . DT  C 1 6 ? 7.327   -9.409  -2.997  1.00 43.90 ? 6   DT  C "C1'" 1 
ATOM   404 N  N1    . DT  C 1 6 ? 6.411   -10.492 -2.583  1.00 44.53 ? 6   DT  C N1    1 
ATOM   405 C  C2    . DT  C 1 6 ? 6.431   -10.910 -1.275  1.00 43.80 ? 6   DT  C C2    1 
ATOM   406 O  O2    . DT  C 1 6 ? 7.136   -10.403 -0.446  1.00 42.41 ? 6   DT  C O2    1 
ATOM   407 N  N3    . DT  C 1 6 ? 5.603   -11.956 -0.974  1.00 45.47 ? 6   DT  C N3    1 
ATOM   408 C  C4    . DT  C 1 6 ? 4.797   -12.646 -1.852  1.00 47.52 ? 6   DT  C C4    1 
ATOM   409 O  O4    . DT  C 1 6 ? 4.099   -13.593 -1.488  1.00 48.34 ? 6   DT  C O4    1 
ATOM   410 C  C5    . DT  C 1 6 ? 4.817   -12.158 -3.230  1.00 47.95 ? 6   DT  C C5    1 
ATOM   411 C  C7    . DT  C 1 6 ? 3.960   -12.808 -4.266  1.00 50.75 ? 6   DT  C C7    1 
ATOM   412 C  C6    . DT  C 1 6 ? 5.626   -11.122 -3.530  1.00 45.91 ? 6   DT  C C6    1 
ATOM   413 P  P     . DT  C 1 7 ? 11.238  -8.097  -4.346  1.00 54.50 ? 7   DT  C P     1 
ATOM   414 O  OP1   . DT  C 1 7 ? 11.955  -6.962  -3.707  1.00 54.09 ? 7   DT  C OP1   1 
ATOM   415 O  OP2   . DT  C 1 7 ? 11.394  -8.465  -5.789  1.00 57.65 ? 7   DT  C OP2   1 
ATOM   416 O  "O5'" . DT  C 1 7 ? 11.545  -9.427  -3.508  1.00 53.59 ? 7   DT  C "O5'" 1 
ATOM   417 C  "C5'" . DT  C 1 7 ? 11.512  -9.422  -2.086  1.00 50.43 ? 7   DT  C "C5'" 1 
ATOM   418 C  "C4'" . DT  C 1 7 ? 12.048  -10.730 -1.529  1.00 50.32 ? 7   DT  C "C4'" 1 
ATOM   419 O  "O4'" . DT  C 1 7 ? 11.240  -11.825 -1.992  1.00 50.26 ? 7   DT  C "O4'" 1 
ATOM   420 C  "C3'" . DT  C 1 7 ? 13.487  -11.090 -1.917  1.00 53.71 ? 7   DT  C "C3'" 1 
ATOM   421 O  "O3'" . DT  C 1 7 ? 14.365  -10.873 -0.790  1.00 55.67 ? 7   DT  C "O3'" 1 
ATOM   422 C  "C2'" . DT  C 1 7 ? 13.423  -12.588 -2.270  1.00 53.98 ? 7   DT  C "C2'" 1 
ATOM   423 C  "C1'" . DT  C 1 7 ? 11.998  -12.990 -1.892  1.00 51.85 ? 7   DT  C "C1'" 1 
ATOM   424 N  N1    . DT  C 1 7 ? 11.414  -14.005 -2.807  1.00 53.50 ? 7   DT  C N1    1 
ATOM   425 C  C2    . DT  C 1 7 ? 11.012  -15.202 -2.293  1.00 53.65 ? 7   DT  C C2    1 
ATOM   426 O  O2    . DT  C 1 7 ? 11.082  -15.467 -1.107  1.00 52.09 ? 7   DT  C O2    1 
ATOM   427 N  N3    . DT  C 1 7 ? 10.493  -16.076 -3.204  1.00 55.88 ? 7   DT  C N3    1 
ATOM   428 C  C4    . DT  C 1 7 ? 10.356  -15.881 -4.558  1.00 58.46 ? 7   DT  C C4    1 
ATOM   429 O  O4    . DT  C 1 7 ? 9.882   -16.744 -5.295  1.00 61.50 ? 7   DT  C O4    1 
ATOM   430 C  C5    . DT  C 1 7 ? 10.806  -14.593 -5.043  1.00 57.23 ? 7   DT  C C5    1 
ATOM   431 C  C7    . DT  C 1 7 ? 10.712  -14.257 -6.500  1.00 58.34 ? 7   DT  C C7    1 
ATOM   432 C  C6    . DT  C 1 7 ? 11.308  -13.728 -4.153  1.00 54.92 ? 7   DT  C C6    1 
ATOM   433 O  "O5'" . DT  D 1 1 ? -4.822  4.400   -14.198 1.00 63.89 ? 1   DT  D "O5'" 1 
ATOM   434 C  "C5'" . DT  D 1 1 ? -3.740  4.594   -15.142 1.00 64.60 ? 1   DT  D "C5'" 1 
ATOM   435 C  "C4'" . DT  D 1 1 ? -2.421  4.156   -14.520 1.00 61.26 ? 1   DT  D "C4'" 1 
ATOM   436 O  "O4'" . DT  D 1 1 ? -2.227  4.857   -13.261 1.00 57.57 ? 1   DT  D "O4'" 1 
ATOM   437 C  "C3'" . DT  D 1 1 ? -2.323  2.668   -14.192 1.00 58.82 ? 1   DT  D "C3'" 1 
ATOM   438 O  "O3'" . DT  D 1 1 ? -1.000  2.198   -14.449 1.00 60.44 ? 1   DT  D "O3'" 1 
ATOM   439 C  "C2'" . DT  D 1 1 ? -2.663  2.595   -12.697 1.00 54.68 ? 1   DT  D "C2'" 1 
ATOM   440 C  "C1'" . DT  D 1 1 ? -2.232  3.960   -12.161 1.00 53.88 ? 1   DT  D "C1'" 1 
ATOM   441 N  N1    . DT  D 1 1 ? -3.180  4.536   -11.143 1.00 50.65 ? 1   DT  D N1    1 
ATOM   442 C  C2    . DT  D 1 1 ? -2.706  5.420   -10.173 1.00 47.90 ? 1   DT  D C2    1 
ATOM   443 O  O2    . DT  D 1 1 ? -1.528  5.732   -10.048 1.00 47.88 ? 1   DT  D O2    1 
ATOM   444 N  N3    . DT  D 1 1 ? -3.665  5.911   -9.340  1.00 45.82 ? 1   DT  D N3    1 
ATOM   445 C  C4    . DT  D 1 1 ? -5.012  5.629   -9.376  1.00 45.95 ? 1   DT  D C4    1 
ATOM   446 O  O4    . DT  D 1 1 ? -5.791  6.115   -8.587  1.00 45.48 ? 1   DT  D O4    1 
ATOM   447 C  C5    . DT  D 1 1 ? -5.439  4.706   -10.398 1.00 47.50 ? 1   DT  D C5    1 
ATOM   448 C  C7    . DT  D 1 1 ? -6.873  4.318   -10.499 1.00 47.38 ? 1   DT  D C7    1 
ATOM   449 C  C6    . DT  D 1 1 ? -4.525  4.220   -11.232 1.00 49.67 ? 1   DT  D C6    1 
ATOM   450 P  P     . DA  D 1 2 ? -0.757  0.921   -15.391 1.00 63.75 ? 2   DA  D P     1 
ATOM   451 O  OP1   . DA  D 1 2 ? -1.160  1.298   -16.761 1.00 64.77 ? 2   DA  D OP1   1 
ATOM   452 O  OP2   . DA  D 1 2 ? -1.420  -0.211  -14.682 1.00 63.93 ? 2   DA  D OP2   1 
ATOM   453 O  "O5'" . DA  D 1 2 ? 0.826   0.669   -15.306 1.00 62.35 ? 2   DA  D "O5'" 1 
ATOM   454 C  "C5'" . DA  D 1 2 ? 1.654   0.977   -16.396 1.00 63.32 ? 2   DA  D "C5'" 1 
ATOM   455 C  "C4'" . DA  D 1 2 ? 3.108   0.953   -15.968 1.00 62.58 ? 2   DA  D "C4'" 1 
ATOM   456 O  "O4'" . DA  D 1 2 ? 3.372   2.111   -15.139 1.00 60.00 ? 2   DA  D "O4'" 1 
ATOM   457 C  "C3'" . DA  D 1 2 ? 3.531   -0.254  -15.124 1.00 61.44 ? 2   DA  D "C3'" 1 
ATOM   458 O  "O3'" . DA  D 1 2 ? 4.929   -0.567  -15.360 1.00 66.08 ? 2   DA  D "O3'" 1 
ATOM   459 C  "C2'" . DA  D 1 2 ? 3.306   0.226   -13.687 1.00 56.48 ? 2   DA  D "C2'" 1 
ATOM   460 C  "C1'" . DA  D 1 2 ? 3.637   1.715   -13.795 1.00 56.93 ? 2   DA  D "C1'" 1 
ATOM   461 N  N9    . DA  D 1 2 ? 2.841   2.573   -12.915 1.00 53.51 ? 2   DA  D N9    1 
ATOM   462 C  C8    . DA  D 1 2 ? 1.493   2.547   -12.757 1.00 51.02 ? 2   DA  D C8    1 
ATOM   463 N  N7    . DA  D 1 2 ? 1.047   3.446   -11.910 1.00 49.25 ? 2   DA  D N7    1 
ATOM   464 C  C5    . DA  D 1 2 ? 2.193   4.105   -11.485 1.00 50.11 ? 2   DA  D C5    1 
ATOM   465 C  C6    . DA  D 1 2 ? 2.401   5.177   -10.605 1.00 49.30 ? 2   DA  D C6    1 
ATOM   466 N  N6    . DA  D 1 2 ? 1.408   5.768   -9.947  1.00 47.83 ? 2   DA  D N6    1 
ATOM   467 N  N1    . DA  D 1 2 ? 3.678   5.594   -10.392 1.00 49.90 ? 2   DA  D N1    1 
ATOM   468 C  C2    . DA  D 1 2 ? 4.663   4.976   -11.031 1.00 52.33 ? 2   DA  D C2    1 
ATOM   469 N  N3    . DA  D 1 2 ? 4.583   3.975   -11.905 1.00 53.93 ? 2   DA  D N3    1 
ATOM   470 C  C4    . DA  D 1 2 ? 3.305   3.578   -12.085 1.00 52.67 ? 2   DA  D C4    1 
ATOM   471 P  P     . DG  D 1 3 ? 5.610   -1.854  -14.665 1.00 68.61 ? 3   DG  D P     1 
ATOM   472 O  OP1   . DG  D 1 3 ? 6.668   -2.314  -15.600 1.00 72.30 ? 3   DG  D OP1   1 
ATOM   473 O  OP2   . DG  D 1 3 ? 4.528   -2.784  -14.234 1.00 67.10 ? 3   DG  D OP2   1 
ATOM   474 O  "O5'" . DG  D 1 3 ? 6.251   -1.279  -13.321 1.00 66.04 ? 3   DG  D "O5'" 1 
ATOM   475 C  "C5'" . DG  D 1 3 ? 7.079   -0.140  -13.383 1.00 67.19 ? 3   DG  D "C5'" 1 
ATOM   476 C  "C4'" . DG  D 1 3 ? 7.486   0.312   -11.993 1.00 63.59 ? 3   DG  D "C4'" 1 
ATOM   477 O  "O4'" . DG  D 1 3 ? 6.464   1.173   -11.433 1.00 60.37 ? 3   DG  D "O4'" 1 
ATOM   478 C  "C3'" . DG  D 1 3 ? 7.695   -0.811  -10.985 1.00 62.16 ? 3   DG  D "C3'" 1 
ATOM   479 O  "O3'" . DG  D 1 3 ? 8.929   -0.624  -10.338 1.00 63.69 ? 3   DG  D "O3'" 1 
ATOM   480 C  "C2'" . DG  D 1 3 ? 6.528   -0.653  -10.001 1.00 57.48 ? 3   DG  D "C2'" 1 
ATOM   481 C  "C1'" . DG  D 1 3 ? 6.269   0.844   -10.079 1.00 56.49 ? 3   DG  D "C1'" 1 
ATOM   482 N  N9    . DG  D 1 3 ? 4.910   1.234   -9.680  1.00 52.85 ? 3   DG  D N9    1 
ATOM   483 C  C8    . DG  D 1 3 ? 3.725   0.648   -10.066 1.00 51.61 ? 3   DG  D C8    1 
ATOM   484 N  N7    . DG  D 1 3 ? 2.672   1.211   -9.545  1.00 49.47 ? 3   DG  D N7    1 
ATOM   485 C  C5    . DG  D 1 3 ? 3.193   2.237   -8.764  1.00 48.85 ? 3   DG  D C5    1 
ATOM   486 C  C6    . DG  D 1 3 ? 2.539   3.204   -7.969  1.00 47.36 ? 3   DG  D C6    1 
ATOM   487 O  O6    . DG  D 1 3 ? 1.342   3.343   -7.777  1.00 45.28 ? 3   DG  D O6    1 
ATOM   488 N  N1    . DG  D 1 3 ? 3.431   4.063   -7.365  1.00 48.94 ? 3   DG  D N1    1 
ATOM   489 C  C2    . DG  D 1 3 ? 4.794   4.016   -7.528  1.00 50.90 ? 3   DG  D C2    1 
ATOM   490 N  N2    . DG  D 1 3 ? 5.509   4.934   -6.863  1.00 52.04 ? 3   DG  D N2    1 
ATOM   491 N  N3    . DG  D 1 3 ? 5.420   3.118   -8.264  1.00 51.27 ? 3   DG  D N3    1 
ATOM   492 C  C4    . DG  D 1 3 ? 4.563   2.264   -8.843  1.00 50.46 ? 3   DG  D C4    1 
ATOM   493 P  P     . DG  D 1 4 ? 9.584   -1.826  -9.497  1.00 60.54 ? 4   DG  D P     1 
ATOM   494 O  OP1   . DG  D 1 4 ? 10.788  -2.261  -10.253 1.00 64.06 ? 4   DG  D OP1   1 
ATOM   495 O  OP2   . DG  D 1 4 ? 8.495   -2.775  -9.090  1.00 57.29 ? 4   DG  D OP2   1 
ATOM   496 O  "O5'" . DG  D 1 4 ? 10.012  -1.124  -8.127  1.00 56.31 ? 4   DG  D "O5'" 1 
ATOM   497 C  "C5'" . DG  D 1 4 ? 10.646  0.148   -8.130  1.00 55.83 ? 4   DG  D "C5'" 1 
ATOM   498 C  "C4'" . DG  D 1 4 ? 10.442  0.832   -6.785  1.00 53.11 ? 4   DG  D "C4'" 1 
ATOM   499 O  "O4'" . DG  D 1 4 ? 9.091   1.336   -6.726  1.00 50.58 ? 4   DG  D "O4'" 1 
ATOM   500 C  "C3'" . DG  D 1 4 ? 10.614  -0.069  -5.556  1.00 51.55 ? 4   DG  D "C3'" 1 
ATOM   501 O  "O3'" . DG  D 1 4 ? 11.548  0.503   -4.656  1.00 52.45 ? 4   DG  D "O3'" 1 
ATOM   502 C  "C2'" . DG  D 1 4 ? 9.209   -0.139  -4.931  1.00 48.18 ? 4   DG  D "C2'" 1 
ATOM   503 C  "C1'" . DG  D 1 4 ? 8.567   1.144   -5.434  1.00 47.84 ? 4   DG  D "C1'" 1 
ATOM   504 N  N9    . DG  D 1 4 ? 7.098   1.072   -5.512  1.00 45.63 ? 4   DG  D N9    1 
ATOM   505 C  C8    . DG  D 1 4 ? 6.343   0.174   -6.243  1.00 45.41 ? 4   DG  D C8    1 
ATOM   506 N  N7    . DG  D 1 4 ? 5.062   0.362   -6.144  1.00 43.54 ? 4   DG  D N7    1 
ATOM   507 C  C5    . DG  D 1 4 ? 4.957   1.435   -5.285  1.00 42.51 ? 4   DG  D C5    1 
ATOM   508 C  C6    . DG  D 1 4 ? 3.817   2.047   -4.789  1.00 40.83 ? 4   DG  D C6    1 
ATOM   509 O  O6    . DG  D 1 4 ? 2.661   1.758   -5.041  1.00 39.80 ? 4   DG  D O6    1 
ATOM   510 N  N1    . DG  D 1 4 ? 4.111   3.100   -3.930  1.00 40.83 ? 4   DG  D N1    1 
ATOM   511 C  C2    . DG  D 1 4 ? 5.375   3.512   -3.616  1.00 42.66 ? 4   DG  D C2    1 
ATOM   512 N  N2    . DG  D 1 4 ? 5.464   4.560   -2.796  1.00 43.36 ? 4   DG  D N2    1 
ATOM   513 N  N3    . DG  D 1 4 ? 6.476   2.936   -4.072  1.00 43.75 ? 4   DG  D N3    1 
ATOM   514 C  C4    . DG  D 1 4 ? 6.190   1.904   -4.902  1.00 43.81 ? 4   DG  D C4    1 
ATOM   515 P  P     . DG  D 1 5 ? 12.201  -0.416  -3.517  1.00 52.74 ? 5   DG  D P     1 
ATOM   516 O  OP1   . DG  D 1 5 ? 13.660  -0.230  -3.569  1.00 56.27 ? 5   DG  D OP1   1 
ATOM   517 O  OP2   . DG  D 1 5 ? 11.653  -1.786  -3.669  1.00 51.18 ? 5   DG  D OP2   1 
ATOM   518 O  "O5'" . DG  D 1 5 ? 11.659  0.229   -2.165  1.00 50.41 ? 5   DG  D "O5'" 1 
ATOM   519 C  "C5'" . DG  D 1 5 ? 11.942  1.568   -1.882  1.00 51.74 ? 5   DG  D "C5'" 1 
ATOM   520 C  "C4'" . DG  D 1 5 ? 11.109  2.034   -0.715  1.00 50.85 ? 5   DG  D "C4'" 1 
ATOM   521 O  "O4'" . DG  D 1 5 ? 9.742   2.187   -1.134  1.00 49.46 ? 5   DG  D "O4'" 1 
ATOM   522 C  "C3'" . DG  D 1 5 ? 11.083  1.076   0.480   1.00 51.10 ? 5   DG  D "C3'" 1 
ATOM   523 O  "O3'" . DG  D 1 5 ? 11.344  1.787   1.630   1.00 53.26 ? 5   DG  D "O3'" 1 
ATOM   524 C  "C2'" . DG  D 1 5 ? 9.665   0.531   0.492   1.00 48.83 ? 5   DG  D "C2'" 1 
ATOM   525 C  "C1'" . DG  D 1 5 ? 8.898   1.666   -0.142  1.00 47.41 ? 5   DG  D "C1'" 1 
ATOM   526 N  N9    . DG  D 1 5 ? 7.654   1.227   -0.773  1.00 45.28 ? 5   DG  D N9    1 
ATOM   527 C  C8    . DG  D 1 5 ? 7.499   0.245   -1.737  1.00 44.97 ? 5   DG  D C8    1 
ATOM   528 N  N7    . DG  D 1 5 ? 6.251   0.076   -2.122  1.00 42.94 ? 5   DG  D N7    1 
ATOM   529 C  C5    . DG  D 1 5 ? 5.534   1.020   -1.390  1.00 41.87 ? 5   DG  D C5    1 
ATOM   530 C  C6    . DG  D 1 5 ? 4.139   1.312   -1.380  1.00 38.83 ? 5   DG  D C6    1 
ATOM   531 O  O6    . DG  D 1 5 ? 3.224   0.752   -2.011  1.00 37.86 ? 5   DG  D O6    1 
ATOM   532 N  N1    . DG  D 1 5 ? 3.840   2.325   -0.472  1.00 38.70 ? 5   DG  D N1    1 
ATOM   533 C  C2    . DG  D 1 5 ? 4.769   2.981   0.318   1.00 40.11 ? 5   DG  D C2    1 
ATOM   534 N  N2    . DG  D 1 5 ? 4.296   3.920   1.132   1.00 39.84 ? 5   DG  D N2    1 
ATOM   535 N  N3    . DG  D 1 5 ? 6.073   2.742   0.302   1.00 42.16 ? 5   DG  D N3    1 
ATOM   536 C  C4    . DG  D 1 5 ? 6.383   1.737   -0.551  1.00 43.21 ? 5   DG  D C4    1 
ATOM   537 P  P     . DT  D 1 6 ? 10.940  1.198   3.067   1.00 53.20 ? 6   DT  D P     1 
ATOM   538 O  OP1   . DT  D 1 6 ? 11.657  1.983   4.099   1.00 56.45 ? 6   DT  D OP1   1 
ATOM   539 O  OP2   . DT  D 1 6 ? 11.039  -0.277  3.075   1.00 54.19 ? 6   DT  D OP2   1 
ATOM   540 O  "O5'" . DT  D 1 6 ? 9.415   1.598   3.189   1.00 50.35 ? 6   DT  D "O5'" 1 
ATOM   541 C  "C5'" . DT  D 1 6 ? 8.705   1.338   4.361   1.00 49.13 ? 6   DT  D "C5'" 1 
ATOM   542 C  "C4'" . DT  D 1 6 ? 7.347   2.006   4.282   1.00 47.71 ? 6   DT  D "C4'" 1 
ATOM   543 O  "O4'" . DT  D 1 6 ? 6.669   1.644   3.027   1.00 45.06 ? 6   DT  D "O4'" 1 
ATOM   544 C  "C3'" . DT  D 1 6 ? 6.393   1.629   5.413   1.00 48.70 ? 6   DT  D "C3'" 1 
ATOM   545 O  "O3'" . DT  D 1 6 ? 5.625   2.760   5.768   1.00 53.90 ? 6   DT  D "O3'" 1 
ATOM   546 C  "C2'" . DT  D 1 6 ? 5.528   0.555   4.773   1.00 45.40 ? 6   DT  D "C2'" 1 
ATOM   547 C  "C1'" . DT  D 1 6 ? 5.396   1.110   3.357   1.00 43.72 ? 6   DT  D "C1'" 1 
ATOM   548 N  N1    . DT  D 1 6 ? 5.006   0.108   2.354   1.00 41.84 ? 6   DT  D N1    1 
ATOM   549 C  C2    . DT  D 1 6 ? 3.703   0.076   1.911   1.00 39.79 ? 6   DT  D C2    1 
ATOM   550 O  O2    . DT  D 1 6 ? 2.851   0.820   2.336   1.00 38.97 ? 6   DT  D O2    1 
ATOM   551 N  N3    . DT  D 1 6 ? 3.435   -0.870  0.947   1.00 38.75 ? 6   DT  D N3    1 
ATOM   552 C  C4    . DT  D 1 6 ? 4.328   -1.751  0.400   1.00 39.02 ? 6   DT  D C4    1 
ATOM   553 O  O4    . DT  D 1 6 ? 4.002   -2.553  -0.429  1.00 37.79 ? 6   DT  D O4    1 
ATOM   554 C  C5    . DT  D 1 6 ? 5.678   -1.665  0.900   1.00 41.52 ? 6   DT  D C5    1 
ATOM   555 C  C7    . DT  D 1 6 ? 6.730   -2.591  0.364   1.00 43.35 ? 6   DT  D C7    1 
ATOM   556 C  C6    . DT  D 1 6 ? 5.951   -0.742  1.846   1.00 42.28 ? 6   DT  D C6    1 
ATOM   557 P  P     . DT  D 1 7 ? 5.012   2.893   7.244   1.00 60.10 ? 7   DT  D P     1 
ATOM   558 O  OP1   . DT  D 1 7 ? 4.800   4.351   7.460   1.00 63.69 ? 7   DT  D OP1   1 
ATOM   559 O  OP2   . DT  D 1 7 ? 5.843   2.027   8.144   1.00 61.73 ? 7   DT  D OP2   1 
ATOM   560 O  "O5'" . DT  D 1 7 ? 3.563   2.225   7.110   1.00 57.25 ? 7   DT  D "O5'" 1 
ATOM   561 C  "C5'" . DT  D 1 7 ? 2.639   2.691   6.143   1.00 53.84 ? 7   DT  D "C5'" 1 
ATOM   562 C  "C4'" . DT  D 1 7 ? 1.330   1.917   6.256   1.00 50.61 ? 7   DT  D "C4'" 1 
ATOM   563 O  "O4'" . DT  D 1 7 ? 1.526   0.502   5.908   1.00 48.26 ? 7   DT  D "O4'" 1 
ATOM   564 C  "C3'" . DT  D 1 7 ? 0.688   1.922   7.643   1.00 50.21 ? 7   DT  D "C3'" 1 
ATOM   565 O  "O3'" . DT  D 1 7 ? -0.686  2.126   7.504   1.00 48.88 ? 7   DT  D "O3'" 1 
ATOM   566 C  "C2'" . DT  D 1 7 ? 1.001   0.516   8.189   1.00 49.66 ? 7   DT  D "C2'" 1 
ATOM   567 C  "C1'" . DT  D 1 7 ? 0.966   -0.321  6.924   1.00 47.10 ? 7   DT  D "C1'" 1 
ATOM   568 N  N1    . DT  D 1 7 ? 1.758   -1.581  6.984   1.00 44.71 ? 7   DT  D N1    1 
ATOM   569 C  C2    . DT  D 1 7 ? 1.138   -2.761  6.698   1.00 41.98 ? 7   DT  D C2    1 
ATOM   570 O  O2    . DT  D 1 7 ? -0.022  -2.838  6.419   1.00 40.33 ? 7   DT  D O2    1 
ATOM   571 N  N3    . DT  D 1 7 ? 1.931   -3.846  6.711   1.00 43.40 ? 7   DT  D N3    1 
ATOM   572 C  C4    . DT  D 1 7 ? 3.256   -3.884  7.008   1.00 45.82 ? 7   DT  D C4    1 
ATOM   573 O  O4    . DT  D 1 7 ? 3.863   -4.916  6.988   1.00 47.39 ? 7   DT  D O4    1 
ATOM   574 C  C5    . DT  D 1 7 ? 3.874   -2.616  7.336   1.00 46.77 ? 7   DT  D C5    1 
ATOM   575 C  C7    . DT  D 1 7 ? 5.340   -2.547  7.697   1.00 47.88 ? 7   DT  D C7    1 
ATOM   576 C  C6    . DT  D 1 7 ? 3.099   -1.528  7.291   1.00 46.19 ? 7   DT  D C6    1 
HETATM 577 K  K     . K   E 2 . ? 0.798   1.589   -3.047  1.00 32.03 ? 101 K   A K     1 
HETATM 578 RU RU    . RKL F 3 . ? -5.269  7.267   17.261  1.00 42.07 ? 102 RKL A RU    1 
HETATM 579 C  C1    . RKL F 3 . ? -6.928  5.059   16.470  1.00 35.68 ? 102 RKL A C1    1 
HETATM 580 N  N1    . RKL F 3 . ? -5.975  6.864   15.312  1.00 38.76 ? 102 RKL A N1    1 
HETATM 581 C  C2    . RKL F 3 . ? -6.507  4.878   18.769  1.00 37.46 ? 102 RKL A C2    1 
HETATM 582 N  N2    . RKL F 3 . ? -6.362  5.512   17.586  1.00 37.85 ? 102 RKL A N2    1 
HETATM 583 C  C3    . RKL F 3 . ? -7.281  3.718   18.877  1.00 37.41 ? 102 RKL A C3    1 
HETATM 584 N  N3    . RKL F 3 . ? -9.062  2.362   15.311  1.00 37.50 ? 102 RKL A N3    1 
HETATM 585 C  C4    . RKL F 3 . ? -7.889  3.220   17.720  1.00 37.36 ? 102 RKL A C4    1 
HETATM 586 N  N4    . RKL F 3 . ? -8.631  3.681   12.961  1.00 36.10 ? 102 RKL A N4    1 
HETATM 587 C  C5    . RKL F 3 . ? -7.706  3.904   16.498  1.00 36.09 ? 102 RKL A C5    1 
HETATM 588 N  N5    . RKL F 3 . ? -3.402  6.403   16.822  1.00 45.50 ? 102 RKL A N5    1 
HETATM 589 C  C6    . RKL F 3 . ? -8.285  3.460   15.305  1.00 36.38 ? 102 RKL A C6    1 
HETATM 590 N  N6    . RKL F 3 . ? -0.902  5.611   16.093  1.00 47.56 ? 102 RKL A N6    1 
HETATM 591 C  C7    . RKL F 3 . ? -8.064  4.139   14.100  1.00 35.49 ? 102 RKL A C7    1 
HETATM 592 N  N7    . RKL F 3 . ? -2.439  10.926  15.811  1.00 52.15 ? 102 RKL A N7    1 
HETATM 593 C  C8    . RKL F 3 . ? -7.299  5.301   14.089  1.00 35.64 ? 102 RKL A C8    1 
HETATM 594 N  N8    . RKL F 3 . ? -4.156  8.942   16.695  1.00 47.46 ? 102 RKL A N8    1 
HETATM 595 C  C9    . RKL F 3 . ? -7.063  6.037   12.926  1.00 36.17 ? 102 RKL A C9    1 
HETATM 596 N  N9    . RKL F 3 . ? -6.978  8.297   17.894  1.00 47.44 ? 102 RKL A N9    1 
HETATM 597 C  C10   . RKL F 3 . ? -6.737  5.760   15.277  1.00 35.81 ? 102 RKL A C10   1 
HETATM 598 N  N10   . RKL F 3 . ? -8.996  9.628   19.036  1.00 51.53 ? 102 RKL A N10   1 
HETATM 599 C  C11   . RKL F 3 . ? -6.273  7.198   13.004  1.00 36.66 ? 102 RKL A C11   1 
HETATM 600 N  N11   . RKL F 3 . ? -4.530  8.209   21.901  1.00 53.73 ? 102 RKL A N11   1 
HETATM 601 C  C12   . RKL F 3 . ? -5.721  7.606   14.228  1.00 37.32 ? 102 RKL A C12   1 
HETATM 602 N  N12   . RKL F 3 . ? -4.795  7.597   19.272  1.00 47.26 ? 102 RKL A N12   1 
HETATM 603 C  C13   . RKL F 3 . ? -9.354  2.570   12.967  1.00 36.19 ? 102 RKL A C13   1 
HETATM 604 C  C14   . RKL F 3 . ? -9.930  2.118   11.789  1.00 36.49 ? 102 RKL A C14   1 
HETATM 605 C  C15   . RKL F 3 . ? -9.584  1.908   14.157  1.00 38.30 ? 102 RKL A C15   1 
HETATM 606 C  C16   . RKL F 3 . ? -10.371 0.755   14.152  1.00 39.68 ? 102 RKL A C16   1 
HETATM 607 C  C17   . RKL F 3 . ? -10.912 0.288   12.955  1.00 38.67 ? 102 RKL A C17   1 
HETATM 608 C  C18   . RKL F 3 . ? -10.710 0.974   11.773  1.00 36.86 ? 102 RKL A C18   1 
HETATM 609 C  C19   . RKL F 3 . ? -2.516  7.301   16.381  1.00 47.85 ? 102 RKL A C19   1 
HETATM 610 C  C20   . RKL F 3 . ? -3.079  5.119   16.927  1.00 45.40 ? 102 RKL A C20   1 
HETATM 611 C  C21   . RKL F 3 . ? -1.796  4.720   16.545  1.00 46.31 ? 102 RKL A C21   1 
HETATM 612 C  C22   . RKL F 3 . ? -1.238  6.928   16.005  1.00 48.55 ? 102 RKL A C22   1 
HETATM 613 C  C23   . RKL F 3 . ? -0.342  7.904   15.551  1.00 49.50 ? 102 RKL A C23   1 
HETATM 614 C  C24   . RKL F 3 . ? -0.736  9.237   15.474  1.00 50.81 ? 102 RKL A C24   1 
HETATM 615 C  C25   . RKL F 3 . ? -2.027  9.621   15.861  1.00 51.35 ? 102 RKL A C25   1 
HETATM 616 C  C26   . RKL F 3 . ? -2.913  8.636   16.312  1.00 49.32 ? 102 RKL A C26   1 
HETATM 617 C  C27   . RKL F 3 . ? -3.702  11.226  16.194  1.00 51.60 ? 102 RKL A C27   1 
HETATM 618 C  C28   . RKL F 3 . ? -4.574  10.217  16.646  1.00 50.07 ? 102 RKL A C28   1 
HETATM 619 C  C29   . RKL F 3 . ? -6.900  8.622   19.182  1.00 49.03 ? 102 RKL A C29   1 
HETATM 620 C  C30   . RKL F 3 . ? -8.054  8.640   17.179  1.00 49.83 ? 102 RKL A C30   1 
HETATM 621 C  C31   . RKL F 3 . ? -9.040  9.317   17.795  1.00 51.51 ? 102 RKL A C31   1 
HETATM 622 C  C32   . RKL F 3 . ? -7.932  9.314   19.785  1.00 50.92 ? 102 RKL A C32   1 
HETATM 623 C  C33   . RKL F 3 . ? -7.823  9.652   21.142  1.00 51.29 ? 102 RKL A C33   1 
HETATM 624 C  C34   . RKL F 3 . ? -6.689  9.281   21.871  1.00 51.38 ? 102 RKL A C34   1 
HETATM 625 C  C35   . RKL F 3 . ? -5.652  8.584   21.248  1.00 51.55 ? 102 RKL A C35   1 
HETATM 626 C  C36   . RKL F 3 . ? -5.765  8.251   19.909  1.00 49.20 ? 102 RKL A C36   1 
HETATM 627 C  C37   . RKL F 3 . ? -3.561  7.528   21.255  1.00 53.54 ? 102 RKL A C37   1 
HETATM 628 C  C38   . RKL F 3 . ? -3.687  7.215   19.896  1.00 50.72 ? 102 RKL A C38   1 
HETATM 629 H  H2    . RKL F 3 . ? -6.016  5.275   19.649  1.00 44.88 ? 102 RKL A H2    1 
HETATM 630 H  H3    . RKL F 3 . ? -7.405  3.219   19.830  1.00 44.81 ? 102 RKL A H3    1 
HETATM 631 H  H4    . RKL F 3 . ? -8.492  2.321   17.760  1.00 44.75 ? 102 RKL A H4    1 
HETATM 632 H  H9    . RKL F 3 . ? -7.481  5.719   11.979  1.00 43.33 ? 102 RKL A H9    1 
HETATM 633 H  H11   . RKL F 3 . ? -6.088  7.783   12.110  1.00 43.92 ? 102 RKL A H11   1 
HETATM 634 H  H12   . RKL F 3 . ? -5.108  8.496   14.295  1.00 44.71 ? 102 RKL A H12   1 
HETATM 635 H  H14   . RKL F 3 . ? -9.767  2.668   10.870  1.00 43.71 ? 102 RKL A H14   1 
HETATM 636 H  H16   . RKL F 3 . ? -10.560 0.223   15.076  1.00 47.54 ? 102 RKL A H16   1 
HETATM 637 H  H17   . RKL F 3 . ? -11.497 -0.623  12.951  1.00 46.33 ? 102 RKL A H17   1 
HETATM 638 H  H18   . RKL F 3 . ? -11.154 0.623   10.851  1.00 44.15 ? 102 RKL A H18   1 
HETATM 639 H  H20   . RKL F 3 . ? -3.794  4.397   17.301  1.00 54.41 ? 102 RKL A H20   1 
HETATM 640 H  H21   . RKL F 3 . ? -1.519  3.675   16.615  1.00 55.50 ? 102 RKL A H21   1 
HETATM 641 H  H23   . RKL F 3 . ? 0.662   7.622   15.258  1.00 59.32 ? 102 RKL A H23   1 
HETATM 642 H  H24   . RKL F 3 . ? -0.039  9.983   15.113  1.00 60.89 ? 102 RKL A H24   1 
HETATM 643 H  H27   . RKL F 3 . ? -4.045  12.253  16.153  1.00 61.84 ? 102 RKL A H27   1 
HETATM 644 H  H28   . RKL F 3 . ? -5.581  10.469  16.953  1.00 60.01 ? 102 RKL A H28   1 
HETATM 645 H  H30   . RKL F 3 . ? -8.129  8.382   16.135  1.00 59.72 ? 102 RKL A H30   1 
HETATM 646 H  H31   . RKL F 3 . ? -9.902  9.607   17.220  1.00 61.73 ? 102 RKL A H31   1 
HETATM 647 H  H33   . RKL F 3 . ? -8.616  10.199  21.623  1.00 61.47 ? 102 RKL A H33   1 
HETATM 648 H  H34   . RKL F 3 . ? -6.616  9.534   22.915  1.00 61.58 ? 102 RKL A H34   1 
HETATM 649 H  H37   . RKL F 3 . ? -2.673  7.219   21.795  1.00 64.17 ? 102 RKL A H37   1 
HETATM 650 H  H38   . RKL F 3 . ? -2.907  6.678   19.369  1.00 60.79 ? 102 RKL A H38   1 
HETATM 651 RU RU    . RKL G 3 . ? -3.807  -2.041  9.741   1.00 32.77 ? 103 RKL A RU    1 
HETATM 652 C  C1    . RKL G 3 . ? -3.299  -4.763  9.015   1.00 32.01 ? 103 RKL A C1    1 
HETATM 653 N  N1    . RKL G 3 . ? -1.941  -2.946  9.614   1.00 29.73 ? 103 RKL A N1    1 
HETATM 654 C  C2    . RKL G 3 . ? -5.597  -4.371  8.864   1.00 33.79 ? 103 RKL A C2    1 
HETATM 655 N  N2    . RKL G 3 . ? -4.355  -3.939  9.092   1.00 31.69 ? 103 RKL A N2    1 
HETATM 656 C  C3    . RKL G 3 . ? -5.812  -5.718  8.507   1.00 35.51 ? 103 RKL A C3    1 
HETATM 657 N  N3    . RKL G 3 . ? -2.452  -8.227  8.314   1.00 39.11 ? 103 RKL A N3    1 
HETATM 658 C  C4    . RKL G 3 . ? -4.724  -6.601  8.423   1.00 35.72 ? 103 RKL A C4    1 
HETATM 659 N  N4    . RKL G 3 . ? 0.034   -7.225  8.843   1.00 35.60 ? 103 RKL A N4    1 
HETATM 660 C  C5    . RKL G 3 . ? -3.443  -6.108  8.679   1.00 34.89 ? 103 RKL A C5    1 
HETATM 661 N  N5    . RKL G 3 . ? -3.895  -2.562  11.804  1.00 31.03 ? 103 RKL A N5    1 
HETATM 662 C  C6    . RKL G 3 . ? -2.312  -6.935  8.616   1.00 36.50 ? 103 RKL A C6    1 
HETATM 663 N  N6    . RKL G 3 . ? -3.869  -2.902  14.519  1.00 33.99 ? 103 RKL A N6    1 
HETATM 664 C  C7    . RKL G 3 . ? -1.046  -6.431  8.900   1.00 34.43 ? 103 RKL A C7    1 
HETATM 665 N  N7    . RKL G 3 . ? -2.085  1.751   12.151  1.00 33.16 ? 103 RKL A N7    1 
HETATM 666 C  C8    . RKL G 3 . ? -0.894  -5.092  9.241   1.00 32.17 ? 103 RKL A C8    1 
HETATM 667 N  N8    . RKL G 3 . ? -3.022  -0.337  10.632  1.00 33.29 ? 103 RKL A N8    1 
HETATM 668 C  C9    . RKL G 3 . ? 0.374   -4.570  9.518   1.00 31.49 ? 103 RKL A C9    1 
HETATM 669 N  N9    . RKL G 3 . ? -3.766  -1.164  7.843   1.00 31.72 ? 103 RKL A N9    1 
HETATM 670 C  C10   . RKL G 3 . ? -2.031  -4.250  9.297   1.00 30.68 ? 103 RKL A C10   1 
HETATM 671 N  N10   . RKL G 3 . ? -3.989  0.154   5.550   1.00 31.09 ? 103 RKL A N10   1 
HETATM 672 C  C11   . RKL G 3 . ? 0.412   -3.201  9.839   1.00 31.51 ? 103 RKL A C11   1 
HETATM 673 N  N11   . RKL G 3 . ? -8.169  -0.163  9.135   1.00 36.96 ? 103 RKL A N11   1 
HETATM 674 C  C12   . RKL G 3 . ? -0.758  -2.399  9.898   1.00 29.68 ? 103 RKL A C12   1 
HETATM 675 N  N12   . RKL G 3 . ? -5.732  -1.312  9.659   1.00 32.06 ? 103 RKL A N12   1 
HETATM 676 C  C13   . RKL G 3 . ? -0.133  -8.514  8.515   1.00 37.40 ? 103 RKL A C13   1 
HETATM 677 C  C14   . RKL G 3 . ? 0.960   -9.380  8.447   1.00 37.06 ? 103 RKL A C14   1 
HETATM 678 C  C15   . RKL G 3 . ? -1.385  -9.022  8.255   1.00 39.17 ? 103 RKL A C15   1 
HETATM 679 C  C16   . RKL G 3 . ? -1.527  -10.370 7.925   1.00 39.40 ? 103 RKL A C16   1 
HETATM 680 C  C17   . RKL G 3 . ? -0.426  -11.216 7.831   1.00 37.42 ? 103 RKL A C17   1 
HETATM 681 C  C18   . RKL G 3 . ? 0.827   -10.715 8.097   1.00 36.32 ? 103 RKL A C18   1 
HETATM 682 C  C19   . RKL G 3 . ? -3.487  -1.573  12.597  1.00 31.27 ? 103 RKL A C19   1 
HETATM 683 C  C20   . RKL G 3 . ? -4.384  -3.695  12.292  1.00 32.80 ? 103 RKL A C20   1 
HETATM 684 C  C21   . RKL G 3 . ? -4.354  -3.875  13.700  1.00 34.61 ? 103 RKL A C21   1 
HETATM 685 C  C22   . RKL G 3 . ? -3.436  -1.733  13.987  1.00 32.21 ? 103 RKL A C22   1 
HETATM 686 C  C23   . RKL G 3 . ? -2.934  -0.696  14.778  1.00 30.36 ? 103 RKL A C23   1 
HETATM 687 C  C24   . RKL G 3 . ? -2.471  0.478   14.179  1.00 30.93 ? 103 RKL A C24   1 
HETATM 688 C  C25   . RKL G 3 . ? -2.528  0.630   12.768  1.00 31.80 ? 103 RKL A C25   1 
HETATM 689 C  C26   . RKL G 3 . ? -3.022  -0.406  11.977  1.00 31.78 ? 103 RKL A C26   1 
HETATM 690 C  C27   . RKL G 3 . ? -2.109  1.825   10.813  1.00 35.27 ? 103 RKL A C27   1 
HETATM 691 C  C28   . RKL G 3 . ? -2.600  0.770   10.022  1.00 35.39 ? 103 RKL A C28   1 
HETATM 692 C  C29   . RKL G 3 . ? -4.896  -0.560  7.576   1.00 32.02 ? 103 RKL A C29   1 
HETATM 693 C  C30   . RKL G 3 . ? -2.726  -1.065  7.016   1.00 33.14 ? 103 RKL A C30   1 
HETATM 694 C  C31   . RKL G 3 . ? -2.892  -0.410  5.836   1.00 32.92 ? 103 RKL A C31   1 
HETATM 695 C  C32   . RKL G 3 . ? -5.040  0.123   6.382   1.00 32.17 ? 103 RKL A C32   1 
HETATM 696 C  C33   . RKL G 3 . ? -6.277  0.720   6.088   1.00 34.07 ? 103 RKL A C33   1 
HETATM 697 C  C34   . RKL G 3 . ? -7.361  0.642   6.984   1.00 35.95 ? 103 RKL A C34   1 
HETATM 698 C  C35   . RKL G 3 . ? -7.169  -0.035  8.219   1.00 36.99 ? 103 RKL A C35   1 
HETATM 699 C  C36   . RKL G 3 . ? -5.929  -0.639  8.516   1.00 33.59 ? 103 RKL A C36   1 
HETATM 700 C  C37   . RKL G 3 . ? -7.953  -0.841  10.277  1.00 35.33 ? 103 RKL A C37   1 
HETATM 701 C  C38   . RKL G 3 . ? -6.707  -1.427  10.549  1.00 33.02 ? 103 RKL A C38   1 
HETATM 702 H  H2    . RKL G 3 . ? -6.434  -3.690  8.953   1.00 40.47 ? 103 RKL A H2    1 
HETATM 703 H  H3    . RKL G 3 . ? -6.815  -6.072  8.299   1.00 42.53 ? 103 RKL A H3    1 
HETATM 704 H  H4    . RKL G 3 . ? -4.874  -7.643  8.164   1.00 42.79 ? 103 RKL A H4    1 
HETATM 705 H  H9    . RKL G 3 . ? 1.268   -5.180  9.486   1.00 37.71 ? 103 RKL A H9    1 
HETATM 706 H  H11   . RKL G 3 . ? 1.370   -2.741  10.049  1.00 37.73 ? 103 RKL A H11   1 
HETATM 707 H  H12   . RKL G 3 . ? -0.691  -1.353  10.171  1.00 35.54 ? 103 RKL A H12   1 
HETATM 708 H  H14   . RKL G 3 . ? 1.946   -8.995  8.677   1.00 44.40 ? 103 RKL A H14   1 
HETATM 709 H  H16   . RKL G 3 . ? -2.517  -10.766 7.736   1.00 47.20 ? 103 RKL A H16   1 
HETATM 710 H  H17   . RKL G 3 . ? -0.553  -12.256 7.554   1.00 44.83 ? 103 RKL A H17   1 
HETATM 711 H  H18   . RKL G 3 . ? 1.698   -11.353 8.033   1.00 43.51 ? 103 RKL A H18   1 
HETATM 712 H  H20   . RKL G 3 . ? -4.792  -4.456  11.639  1.00 39.29 ? 103 RKL A H20   1 
HETATM 713 H  H21   . RKL G 3 . ? -4.721  -4.799  14.127  1.00 41.46 ? 103 RKL A H21   1 
HETATM 714 H  H23   . RKL G 3 . ? -2.904  -0.802  15.855  1.00 36.36 ? 103 RKL A H23   1 
HETATM 715 H  H24   . RKL G 3 . ? -2.068  1.274   14.793  1.00 37.04 ? 103 RKL A H24   1 
HETATM 716 H  H27   . RKL G 3 . ? -1.741  2.721   10.328  1.00 42.25 ? 103 RKL A H27   1 
HETATM 717 H  H28   . RKL G 3 . ? -2.634  0.855   8.943   1.00 42.39 ? 103 RKL A H28   1 
HETATM 718 H  H30   . RKL G 3 . ? -1.773  -1.493  7.278   1.00 39.69 ? 103 RKL A H30   1 
HETATM 719 H  H31   . RKL G 3 . ? -2.078  -0.370  5.133   1.00 39.43 ? 103 RKL A H31   1 
HETATM 720 H  H33   . RKL G 3 . ? -6.400  1.249   5.158   1.00 40.81 ? 103 RKL A H33   1 
HETATM 721 H  H34   . RKL G 3 . ? -8.311  1.085   6.739   1.00 43.06 ? 103 RKL A H34   1 
HETATM 722 H  H37   . RKL G 3 . ? -8.754  -0.934  11.000  1.00 42.31 ? 103 RKL A H37   1 
HETATM 723 H  H38   . RKL G 3 . ? -6.544  -1.968  11.474  1.00 39.55 ? 103 RKL A H38   1 
HETATM 724 NA NA    . NA  H 4 . ? 1.384   4.860   14.725  1.00 63.77 ? 104 NA  A NA    1 
HETATM 725 K  K     . K   I 2 . ? 0.294   3.951   -5.650  1.00 54.92 ? 101 K   C K     1 
HETATM 726 RU RU    . RKL J 3 . ? 4.789   -17.843 -4.034  1.00 53.74 ? 102 RKL C RU    1 
HETATM 727 C  C1    . RKL J 3 . ? 6.028   -16.883 -1.634  1.00 40.70 ? 102 RKL C C1    1 
HETATM 728 N  N1    . RKL J 3 . ? 5.993   -16.167 -3.862  1.00 43.68 ? 102 RKL C N1    1 
HETATM 729 C  C2    . RKL J 3 . ? 4.804   -18.819 -1.142  1.00 44.06 ? 102 RKL C C2    1 
HETATM 730 N  N2    . RKL J 3 . ? 5.240   -17.900 -1.998  1.00 45.70 ? 102 RKL C N2    1 
HETATM 731 C  C3    . RKL J 3 . ? 5.204   -18.730 0.196   1.00 42.55 ? 102 RKL C C3    1 
HETATM 732 N  N3    . RKL J 3 . ? 7.692   -15.526 1.310   1.00 32.63 ? 102 RKL C N3    1 
HETATM 733 C  C4    . RKL J 3 . ? 6.036   -17.692 0.611   1.00 40.60 ? 102 RKL C C4    1 
HETATM 734 N  N4    . RKL J 3 . ? 8.444   -13.732 -0.605  1.00 33.63 ? 102 RKL C N4    1 
HETATM 735 C  C5    . RKL J 3 . ? 6.459   -16.746 -0.322  1.00 38.45 ? 102 RKL C C5    1 
HETATM 736 N  N5    . RKL J 3 . ? 3.101   -16.621 -3.848  1.00 63.09 ? 102 RKL C N5    1 
HETATM 737 C  C6    . RKL J 3 . ? 7.280   -15.675 0.039   1.00 34.94 ? 102 RKL C C6    1 
HETATM 738 N  N6    . RKL J 3 . ? 0.894   -15.043 -4.003  1.00 71.35 ? 102 RKL C N6    1 
HETATM 739 C  C7    . RKL J 3 . ? 7.657   -14.760 -0.940  1.00 34.47 ? 102 RKL C C7    1 
HETATM 740 N  N7    . RKL J 3 . ? 3.435   -16.894 -8.525  1.00 70.49 ? 102 RKL C N7    1 
HETATM 741 C  C8    . RKL J 3 . ? 7.243   -14.920 -2.267  1.00 37.16 ? 102 RKL C C8    1 
HETATM 742 N  N8    . RKL J 3 . ? 4.335   -17.519 -6.031  1.00 62.90 ? 102 RKL C N8    1 
HETATM 743 C  C9    . RKL J 3 . ? 7.609   -14.029 -3.263  1.00 37.59 ? 102 RKL C C9    1 
HETATM 744 N  N9    . RKL J 3 . ? 6.343   -19.185 -4.424  1.00 55.01 ? 102 RKL C N9    1 
HETATM 745 C  C10   . RKL J 3 . ? 6.416   -15.971 -2.612  1.00 39.63 ? 102 RKL C C10   1 
HETATM 746 N  N10   . RKL J 3 . ? 8.078   -21.145 -4.907  1.00 57.55 ? 102 RKL C N10   1 
HETATM 747 C  C11   . RKL J 3 . ? 7.131   -14.252 -4.559  1.00 37.99 ? 102 RKL C C11   1 
HETATM 748 N  N11   . RKL J 3 . ? 2.728   -22.160 -4.212  1.00 57.75 ? 102 RKL C N11   1 
HETATM 749 C  C12   . RKL J 3 . ? 6.309   -15.341 -4.855  1.00 39.41 ? 102 RKL C C12   1 
HETATM 750 N  N12   . RKL J 3 . ? 3.734   -19.636 -4.094  1.00 55.05 ? 102 RKL C N12   1 
HETATM 751 C  C13   . RKL J 3 . ? 8.853   -13.566 0.654   1.00 34.17 ? 102 RKL C C13   1 
HETATM 752 C  C14   . RKL J 3 . ? 9.678   -12.478 1.007   1.00 34.52 ? 102 RKL C C14   1 
HETATM 753 C  C15   . RKL J 3 . ? 8.470   -14.488 1.632   1.00 33.37 ? 102 RKL C C15   1 
HETATM 754 C  C16   . RKL J 3 . ? 8.901   -14.317 2.953   1.00 34.34 ? 102 RKL C C16   1 
HETATM 755 C  C17   . RKL J 3 . ? 9.727   -13.250 3.319   1.00 34.30 ? 102 RKL C C17   1 
HETATM 756 C  C18   . RKL J 3 . ? 10.102  -12.313 2.347   1.00 34.42 ? 102 RKL C C18   1 
HETATM 757 C  C19   . RKL J 3 . ? 2.608   -16.274 -5.036  1.00 67.63 ? 102 RKL C C19   1 
HETATM 758 C  C20   . RKL J 3 . ? 2.532   -16.208 -2.722  1.00 67.29 ? 102 RKL C C20   1 
HETATM 759 C  C21   . RKL J 3 . ? 1.400   -15.395 -2.808  1.00 70.20 ? 102 RKL C C21   1 
HETATM 760 C  C22   . RKL J 3 . ? 1.483   -15.477 -5.136  1.00 70.72 ? 102 RKL C C22   1 
HETATM 761 C  C23   . RKL J 3 . ? 0.998   -15.140 -6.394  1.00 72.11 ? 102 RKL C C23   1 
HETATM 762 C  C24   . RKL J 3 . ? 1.641   -15.614 -7.543  1.00 72.35 ? 102 RKL C C24   1 
HETATM 763 C  C25   . RKL J 3 . ? 2.779   -16.419 -7.439  1.00 70.85 ? 102 RKL C C25   1 
HETATM 764 C  C26   . RKL J 3 . ? 3.255   -16.745 -6.180  1.00 67.76 ? 102 RKL C C26   1 
HETATM 765 C  C27   . RKL J 3 . ? 4.526   -17.669 -8.367  1.00 68.81 ? 102 RKL C C27   1 
HETATM 766 C  C28   . RKL J 3 . ? 4.995   -17.998 -7.090  1.00 66.22 ? 102 RKL C C28   1 
HETATM 767 C  C29   . RKL J 3 . ? 5.901   -20.434 -4.499  1.00 56.40 ? 102 RKL C C29   1 
HETATM 768 C  C30   . RKL J 3 . ? 7.636   -18.914 -4.591  1.00 55.53 ? 102 RKL C C30   1 
HETATM 769 C  C31   . RKL J 3 . ? 8.473   -19.936 -4.835  1.00 56.64 ? 102 RKL C C31   1 
HETATM 770 C  C32   . RKL J 3 . ? 6.786   -21.460 -4.749  1.00 58.21 ? 102 RKL C C32   1 
HETATM 771 C  C33   . RKL J 3 . ? 6.300   -22.769 -4.830  1.00 60.24 ? 102 RKL C C33   1 
HETATM 772 C  C34   . RKL J 3 . ? 4.932   -23.027 -4.651  1.00 60.44 ? 102 RKL C C34   1 
HETATM 773 C  C35   . RKL J 3 . ? 4.046   -21.968 -4.403  1.00 58.50 ? 102 RKL C C35   1 
HETATM 774 C  C36   . RKL J 3 . ? 4.536   -20.673 -4.328  1.00 56.60 ? 102 RKL C C36   1 
HETATM 775 C  C37   . RKL J 3 . ? 1.934   -21.104 -3.982  1.00 56.83 ? 102 RKL C C37   1 
HETATM 776 C  C38   . RKL J 3 . ? 2.435   -19.809 -3.919  1.00 55.79 ? 102 RKL C C38   1 
HETATM 777 H  H2    . RKL J 3 . ? 4.154   -19.618 -1.473  1.00 52.80 ? 102 RKL C H2    1 
HETATM 778 H  H3    . RKL J 3 . ? 4.865   -19.470 0.911   1.00 50.98 ? 102 RKL C H3    1 
HETATM 779 H  H4    . RKL J 3 . ? 6.350   -17.620 1.645   1.00 48.64 ? 102 RKL C H4    1 
HETATM 780 H  H9    . RKL J 3 . ? 8.248   -13.182 -3.044  1.00 45.04 ? 102 RKL C H9    1 
HETATM 781 H  H11   . RKL J 3 . ? 7.405   -13.563 -5.350  1.00 45.51 ? 102 RKL C H11   1 
HETATM 782 H  H12   . RKL J 3 . ? 5.941   -15.507 -5.859  1.00 47.22 ? 102 RKL C H12   1 
HETATM 783 H  H14   . RKL J 3 . ? 9.986   -11.767 0.250   1.00 41.35 ? 102 RKL C H14   1 
HETATM 784 H  H16   . RKL J 3 . ? 8.587   -15.027 3.707   1.00 41.13 ? 102 RKL C H16   1 
HETATM 785 H  H17   . RKL J 3 . ? 10.073  -13.149 4.340   1.00 41.08 ? 102 RKL C H17   1 
HETATM 786 H  H18   . RKL J 3 . ? 10.715  -11.463 2.621   1.00 41.22 ? 102 RKL C H18   1 
HETATM 787 H  H20   . RKL J 3 . ? 2.936   -16.495 -1.759  1.00 80.67 ? 102 RKL C H20   1 
HETATM 788 H  H21   . RKL J 3 . ? 0.925   -15.042 -1.902  1.00 84.16 ? 102 RKL C H21   1 
HETATM 789 H  H23   . RKL J 3 . ? 0.121   -14.510 -6.486  1.00 86.45 ? 102 RKL C H23   1 
HETATM 790 H  H24   . RKL J 3 . ? 1.254   -15.356 -8.521  1.00 86.74 ? 102 RKL C H24   1 
HETATM 791 H  H27   . RKL J 3 . ? 5.047   -18.042 -9.241  1.00 82.50 ? 102 RKL C H27   1 
HETATM 792 H  H28   . RKL J 3 . ? 5.870   -18.623 -6.964  1.00 79.39 ? 102 RKL C H28   1 
HETATM 793 H  H30   . RKL J 3 . ? 8.001   -17.903 -4.531  1.00 66.56 ? 102 RKL C H30   1 
HETATM 794 H  H31   . RKL J 3 . ? 9.520   -19.725 -4.978  1.00 67.89 ? 102 RKL C H31   1 
HETATM 795 H  H33   . RKL J 3 . ? 6.977   -23.582 -5.028  1.00 72.21 ? 102 RKL C H33   1 
HETATM 796 H  H34   . RKL J 3 . ? 4.563   -24.037 -4.704  1.00 72.45 ? 102 RKL C H34   1 
HETATM 797 H  H37   . RKL J 3 . ? 0.873   -21.265 -3.841  1.00 68.11 ? 102 RKL C H37   1 
HETATM 798 H  H38   . RKL J 3 . ? 1.780   -18.966 -3.733  1.00 66.87 ? 102 RKL C H38   1 
HETATM 799 RU RU    . RKL K 3 . ? 4.211   -7.082  2.012   1.00 37.83 ? 101 RKL D RU    1 
HETATM 800 C  C1    . RKL K 3 . ? 3.325   -9.776  2.454   1.00 38.09 ? 101 RKL D C1    1 
HETATM 801 N  N1    . RKL K 3 . ? 3.915   -8.019  3.873   1.00 40.06 ? 101 RKL D N1    1 
HETATM 802 C  C2    . RKL K 3 . ? 3.369   -9.341  0.146   1.00 36.05 ? 101 RKL D C2    1 
HETATM 803 N  N2    . RKL K 3 . ? 3.530   -8.955  1.406   1.00 36.71 ? 101 RKL D N2    1 
HETATM 804 C  C3    . RKL K 3 . ? 2.904   -10.641 -0.084  1.00 36.91 ? 101 RKL D C3    1 
HETATM 805 N  N3    . RKL K 3 . ? 2.275   -13.139 3.236   1.00 40.69 ? 101 RKL D N3    1 
HETATM 806 C  C4    . RKL K 3 . ? 2.679   -11.529 0.975   1.00 37.85 ? 101 RKL D C4    1 
HETATM 807 N  N4    . RKL K 3 . ? 2.732   -12.193 5.731   1.00 43.11 ? 101 RKL D N4    1 
HETATM 808 C  C5    . RKL K 3 . ? 2.903   -11.078 2.277   1.00 38.42 ? 101 RKL D C5    1 
HETATM 809 N  N5    . RKL K 3 . ? 2.316   -6.190  1.907   1.00 32.23 ? 101 RKL D N5    1 
HETATM 810 C  C6    . RKL K 3 . ? 2.695   -11.885 3.386   1.00 39.84 ? 101 RKL D C6    1 
HETATM 811 N  N6    . RKL K 3 . ? -0.008  -4.754  1.998   1.00 29.04 ? 101 RKL D N6    1 
HETATM 812 C  C7    . RKL K 3 . ? 2.913   -11.396 4.662   1.00 41.45 ? 101 RKL D C7    1 
HETATM 813 N  N7    . RKL K 3 . ? 4.692   -2.716  4.104   1.00 35.02 ? 101 RKL D N7    1 
HETATM 814 C  C8    . RKL K 3 . ? 3.334   -10.090 4.848   1.00 41.64 ? 101 RKL D C8    1 
HETATM 815 N  N8    . RKL K 3 . ? 4.610   -5.233  2.855   1.00 34.13 ? 101 RKL D N8    1 
HETATM 816 C  C9    . RKL K 3 . ? 3.542   -9.553  6.109   1.00 43.35 ? 101 RKL D C9    1 
HETATM 817 N  N9    . RKL K 3 . ? 6.230   -7.632  2.024   1.00 41.75 ? 101 RKL D N9    1 
HETATM 818 C  C10   . RKL K 3 . ? 3.531   -9.288  3.746   1.00 39.80 ? 101 RKL D C10   1 
HETATM 819 N  N10   . RKL K 3 . ? 8.820   -8.229  1.713   1.00 47.50 ? 101 RKL D N10   1 
HETATM 820 C  C11   . RKL K 3 . ? 3.963   -8.229  6.216   1.00 44.03 ? 101 RKL D C11   1 
HETATM 821 N  N11   . RKL K 3 . ? 6.003   -5.505  -2.165  1.00 50.43 ? 101 RKL D N11   1 
HETATM 822 C  C12   . RKL K 3 . ? 4.154   -7.456  5.058   1.00 42.62 ? 101 RKL D C12   1 
HETATM 823 N  N12   . RKL K 3 . ? 4.825   -6.363  0.135   1.00 44.61 ? 101 RKL D N12   1 
HETATM 824 C  C13   . RKL K 3 . ? 2.306   -13.450 5.583   1.00 44.98 ? 101 RKL D C13   1 
HETATM 825 C  C14   . RKL K 3 . ? 2.104   -14.285 6.706   1.00 46.45 ? 101 RKL D C14   1 
HETATM 826 C  C15   . RKL K 3 . ? 2.071   -13.928 4.302   1.00 43.56 ? 101 RKL D C15   1 
HETATM 827 C  C16   . RKL K 3 . ? 1.648   -15.252 4.157   1.00 45.02 ? 101 RKL D C16   1 
HETATM 828 C  C17   . RKL K 3 . ? 1.437   -16.076 5.261   1.00 45.17 ? 101 RKL D C17   1 
HETATM 829 C  C18   . RKL K 3 . ? 1.665   -15.600 6.545   1.00 45.82 ? 101 RKL D C18   1 
HETATM 830 C  C19   . RKL K 3 . ? 2.304   -4.964  2.438   1.00 29.88 ? 101 RKL D C19   1 
HETATM 831 C  C20   . RKL K 3 . ? 1.228   -6.713  1.373   1.00 30.96 ? 101 RKL D C20   1 
HETATM 832 C  C21   . RKL K 3 . ? 0.032   -5.964  1.406   1.00 30.22 ? 101 RKL D C21   1 
HETATM 833 C  C22   . RKL K 3 . ? 1.122   -4.227  2.523   1.00 29.05 ? 101 RKL D C22   1 
HETATM 834 C  C23   . RKL K 3 . ? 1.133   -2.984  3.127   1.00 28.94 ? 101 RKL D C23   1 
HETATM 835 C  C24   . RKL K 3 . ? 2.326   -2.494  3.632   1.00 30.95 ? 101 RKL D C24   1 
HETATM 836 C  C25   . RKL K 3 . ? 3.522   -3.207  3.555   1.00 32.57 ? 101 RKL D C25   1 
HETATM 837 C  C26   . RKL K 3 . ? 3.499   -4.472  2.954   1.00 31.44 ? 101 RKL D C26   1 
HETATM 838 C  C27   . RKL K 3 . ? 5.795   -3.487  3.998   1.00 35.66 ? 101 RKL D C27   1 
HETATM 839 C  C28   . RKL K 3 . ? 5.748   -4.771  3.391   1.00 35.13 ? 101 RKL D C28   1 
HETATM 840 C  C29   . RKL K 3 . ? 6.849   -7.267  0.904   1.00 45.71 ? 101 RKL D C29   1 
HETATM 841 C  C30   . RKL K 3 . ? 6.898   -8.308  2.963   1.00 43.10 ? 101 RKL D C30   1 
HETATM 842 C  C31   . RKL K 3 . ? 8.203   -8.594  2.773   1.00 45.45 ? 101 RKL D C31   1 
HETATM 843 C  C32   . RKL K 3 . ? 8.197   -7.564  0.722   1.00 48.28 ? 101 RKL D C32   1 
HETATM 844 C  C33   . RKL K 3 . ? 8.829   -7.146  -0.468  1.00 50.04 ? 101 RKL D C33   1 
HETATM 845 C  C34   . RKL K 3 . ? 8.087   -6.446  -1.438  1.00 49.98 ? 101 RKL D C34   1 
HETATM 846 C  C35   . RKL K 3 . ? 6.741   -6.153  -1.239  1.00 49.13 ? 101 RKL D C35   1 
HETATM 847 C  C36   . RKL K 3 . ? 6.125   -6.576  -0.079  1.00 46.32 ? 101 RKL D C36   1 
HETATM 848 C  C37   . RKL K 3 . ? 4.698   -5.264  -1.921  1.00 50.78 ? 101 RKL D C37   1 
HETATM 849 C  C38   . RKL K 3 . ? 4.088   -5.692  -0.733  1.00 48.59 ? 101 RKL D C38   1 
HETATM 850 H  H2    . RKL K 3 . ? 3.592   -8.672  -0.678  1.00 43.18 ? 101 RKL D H2    1 
HETATM 851 H  H3    . RKL K 3 . ? 2.714   -10.967 -1.099  1.00 44.22 ? 101 RKL D H3    1 
HETATM 852 H  H4    . RKL K 3 . ? 2.340   -12.540 0.788   1.00 45.34 ? 101 RKL D H4    1 
HETATM 853 H  H9    . RKL K 3 . ? 3.380   -10.152 6.997   1.00 51.94 ? 101 RKL D H9    1 
HETATM 854 H  H11   . RKL K 3 . ? 4.143   -7.795  7.192   1.00 52.76 ? 101 RKL D H11   1 
HETATM 855 H  H12   . RKL K 3 . ? 4.488   -6.428  5.125   1.00 51.06 ? 101 RKL D H12   1 
HETATM 856 H  H14   . RKL K 3 . ? 2.290   -13.900 7.701   1.00 55.67 ? 101 RKL D H14   1 
HETATM 857 H  H16   . RKL K 3 . ? 1.479   -15.647 3.163   1.00 53.95 ? 101 RKL D H16   1 
HETATM 858 H  H17   . RKL K 3 . ? 1.093   -17.093 5.118   1.00 54.13 ? 101 RKL D H17   1 
HETATM 859 H  H18   . RKL K 3 . ? 1.507   -16.236 7.406   1.00 54.90 ? 101 RKL D H18   1 
HETATM 860 H  H20   . RKL K 3 . ? 1.252   -7.696  0.918   1.00 37.08 ? 101 RKL D H20   1 
HETATM 861 H  H21   . RKL K 3 . ? -0.864  -6.366  0.950   1.00 36.19 ? 101 RKL D H21   1 
HETATM 862 H  H23   . RKL K 3 . ? 0.223   -2.401  3.204   1.00 34.65 ? 101 RKL D H23   1 
HETATM 863 H  H24   . RKL K 3 . ? 2.330   -1.521  4.105   1.00 37.06 ? 101 RKL D H24   1 
HETATM 864 H  H27   . RKL K 3 . ? 6.737   -3.120  4.385   1.00 42.72 ? 101 RKL D H27   1 
HETATM 865 H  H28   . RKL K 3 . ? 6.642   -5.380  3.360   1.00 42.09 ? 101 RKL D H28   1 
HETATM 866 H  H30   . RKL K 3 . ? 6.399   -8.622  3.865   1.00 51.65 ? 101 RKL D H30   1 
HETATM 867 H  H31   . RKL K 3 . ? 8.738   -9.142  3.530   1.00 54.46 ? 101 RKL D H31   1 
HETATM 868 H  H33   . RKL K 3 . ? 9.871   -7.362  -0.633  1.00 59.98 ? 101 RKL D H33   1 
HETATM 869 H  H34   . RKL K 3 . ? 8.568   -6.131  -2.348  1.00 59.89 ? 101 RKL D H34   1 
HETATM 870 H  H37   . RKL K 3 . ? 4.110   -4.729  -2.657  1.00 60.86 ? 101 RKL D H37   1 
HETATM 871 H  H38   . RKL K 3 . ? 3.045   -5.478  -0.533  1.00 58.23 ? 101 RKL D H38   1 
HETATM 872 O  O     . HOH L 5 . ? 3.851   6.544   5.026   1.00 49.05 ? 201 HOH A O     1 
HETATM 873 O  O     . HOH L 5 . ? 8.993   10.688  -15.120 0.56 31.02 ? 202 HOH A O     1 
HETATM 874 O  O     . HOH L 5 . ? -7.944  8.047   7.721   0.63 28.20 ? 203 HOH A O     1 
HETATM 875 O  O     . HOH L 5 . ? -4.346  7.808   10.338  0.98 44.27 ? 204 HOH A O     1 
HETATM 876 O  O     . HOH L 5 . ? -9.940  5.385   3.097   1.00 39.56 ? 205 HOH A O     1 
HETATM 877 O  O     . HOH L 5 . ? 7.507   11.288  -17.930 0.99 48.32 ? 206 HOH A O     1 
HETATM 878 O  O     . HOH L 5 . ? -7.044  11.080  14.205  1.00 37.57 ? 207 HOH A O     1 
HETATM 879 O  O     . HOH L 5 . ? 6.827   7.353   0.719   1.00 39.90 ? 208 HOH A O     1 
HETATM 880 O  O     . HOH L 5 . ? 0.032   4.264   10.879  0.58 29.47 ? 209 HOH A O     1 
HETATM 881 O  O     . HOH L 5 . ? -3.065  6.890   2.110   0.97 52.52 ? 210 HOH A O     1 
HETATM 882 O  O     . HOH L 5 . ? -0.193  3.234   13.676  1.00 53.77 ? 211 HOH A O     1 
HETATM 883 O  O     . HOH L 5 . ? 1.322   11.363  -1.243  1.00 49.42 ? 212 HOH A O     1 
HETATM 884 O  O     . HOH L 5 . ? -6.630  3.239   2.975   0.95 35.52 ? 213 HOH A O     1 
HETATM 885 O  O     . HOH L 5 . ? -0.676  7.986   11.876  0.66 33.27 ? 214 HOH A O     1 
HETATM 886 O  O     . HOH L 5 . ? -4.256  2.705   4.029   0.99 44.13 ? 215 HOH A O     1 
HETATM 887 O  O     . HOH L 5 . ? 1.570   4.002   17.062  1.00 45.95 ? 216 HOH A O     1 
HETATM 888 O  O     . HOH L 5 . ? 11.391  12.058  -5.602  1.00 47.49 ? 217 HOH A O     1 
HETATM 889 O  O     . HOH L 5 . ? 0.079   -0.833  12.285  1.00 36.61 ? 218 HOH A O     1 
HETATM 890 O  O     . HOH L 5 . ? -8.214  -3.191  7.051   0.92 41.54 ? 219 HOH A O     1 
HETATM 891 O  O     . HOH L 5 . ? -3.416  9.203   12.590  1.00 45.30 ? 220 HOH A O     1 
HETATM 892 O  O     . HOH L 5 . ? 1.047   6.174   12.758  1.00 39.49 ? 221 HOH A O     1 
HETATM 893 O  O     . HOH L 5 . ? 8.836   7.023   -4.799  1.00 48.23 ? 222 HOH A O     1 
HETATM 894 O  O     . HOH L 5 . ? -6.176  8.879   8.831   0.62 30.47 ? 223 HOH A O     1 
HETATM 895 O  O     . HOH L 5 . ? -10.604 9.888   8.138   1.00 57.46 ? 224 HOH A O     1 
HETATM 896 O  O     . HOH L 5 . ? 4.193   6.413   14.540  0.52 31.15 ? 225 HOH A O     1 
HETATM 897 O  O     . HOH L 5 . ? 13.462  8.576   -2.955  0.67 32.59 ? 226 HOH A O     1 
HETATM 898 O  O     . HOH M 5 . ? -12.730 6.974   0.349   1.00 36.76 ? 101 HOH B O     1 
HETATM 899 O  O     . HOH M 5 . ? -8.012  13.602  -2.089  1.00 38.66 ? 102 HOH B O     1 
HETATM 900 O  O     . HOH M 5 . ? 0.102   0.801   2.917   1.00 32.05 ? 103 HOH B O     1 
HETATM 901 O  O     . HOH M 5 . ? -11.383 3.728   1.842   1.00 36.41 ? 104 HOH B O     1 
HETATM 902 O  O     . HOH M 5 . ? -11.445 10.108  -0.048  0.74 28.69 ? 105 HOH B O     1 
HETATM 903 O  O     . HOH M 5 . ? -6.061  10.591  -4.848  1.00 29.89 ? 106 HOH B O     1 
HETATM 904 O  O     . HOH M 5 . ? 1.565   -3.937  -0.999  0.96 31.69 ? 107 HOH B O     1 
HETATM 905 O  O     . HOH M 5 . ? -5.837  -2.769  5.712   0.99 31.16 ? 108 HOH B O     1 
HETATM 906 O  O     . HOH M 5 . ? -7.847  0.718   1.730   1.00 33.17 ? 109 HOH B O     1 
HETATM 907 O  O     . HOH M 5 . ? -6.427  5.256   1.445   1.00 34.09 ? 110 HOH B O     1 
HETATM 908 O  O     . HOH M 5 . ? -8.420  3.926   -5.504  1.00 49.70 ? 111 HOH B O     1 
HETATM 909 O  O     . HOH M 5 . ? -5.455  -4.556  -3.929  1.00 45.88 ? 112 HOH B O     1 
HETATM 910 O  O     . HOH M 5 . ? 5.449   16.359  -9.981  0.74 33.96 ? 113 HOH B O     1 
HETATM 911 O  O     . HOH M 5 . ? -5.132  -9.666  5.200   1.00 53.32 ? 114 HOH B O     1 
HETATM 912 O  O     . HOH M 5 . ? -11.470 -0.037  2.748   0.56 31.25 ? 115 HOH B O     1 
HETATM 913 O  O     . HOH M 5 . ? -6.852  -3.508  3.003   0.62 29.31 ? 116 HOH B O     1 
HETATM 914 O  O     . HOH M 5 . ? -9.403  12.097  0.230   1.00 53.43 ? 117 HOH B O     1 
HETATM 915 O  O     . HOH M 5 . ? -13.568 2.664   2.933   1.00 45.93 ? 118 HOH B O     1 
HETATM 916 O  O     . HOH M 5 . ? -10.405 9.965   3.945   0.72 39.53 ? 119 HOH B O     1 
HETATM 917 O  O     . HOH M 5 . ? -9.375  16.935  -1.092  1.00 48.11 ? 120 HOH B O     1 
HETATM 918 O  O     . HOH M 5 . ? -13.945 8.053   2.723   0.85 40.06 ? 121 HOH B O     1 
HETATM 919 O  O     . HOH M 5 . ? -7.952  -1.355  3.698   0.85 31.83 ? 122 HOH B O     1 
HETATM 920 O  O     . HOH N 5 . ? -7.543  1.530   -5.534  0.87 32.63 ? 201 HOH C O     1 
HETATM 921 O  O     . HOH N 5 . ? -6.617  -1.448  -5.277  1.00 40.16 ? 202 HOH C O     1 
HETATM 922 O  O     . HOH N 5 . ? -5.684  -3.722  -7.068  1.00 57.64 ? 203 HOH C O     1 
HETATM 923 O  O     . HOH N 5 . ? 0.893   -0.685  -0.344  1.00 31.40 ? 204 HOH C O     1 
HETATM 924 O  O     . HOH N 5 . ? -10.747 5.242   -8.324  0.89 46.45 ? 205 HOH C O     1 
HETATM 925 O  O     . HOH N 5 . ? -17.115 1.827   -7.589  1.00 50.80 ? 206 HOH C O     1 
HETATM 926 O  O     . HOH N 5 . ? 1.060   -24.595 -4.034  0.58 30.88 ? 207 HOH C O     1 
HETATM 927 O  O     . HOH N 5 . ? -0.156  -1.302  -12.059 1.00 45.34 ? 208 HOH C O     1 
HETATM 928 O  O     . HOH N 5 . ? 3.295   -8.664  -3.094  1.00 50.13 ? 209 HOH C O     1 
HETATM 929 O  O     . HOH N 5 . ? 1.808   -6.081  -2.940  1.00 38.17 ? 210 HOH C O     1 
HETATM 930 O  O     . HOH N 5 . ? 9.759   -10.865 -7.512  0.63 31.68 ? 211 HOH C O     1 
HETATM 931 O  O     . HOH N 5 . ? -14.216 0.693   2.656   0.90 46.22 ? 212 HOH C O     1 
HETATM 932 O  O     . HOH O 5 . ? 7.065   3.164   -12.662 0.57 30.46 ? 201 HOH D O     1 
HETATM 933 O  O     . HOH O 5 . ? 9.474   -2.394  -2.272  1.00 41.16 ? 202 HOH D O     1 
HETATM 934 O  O     . HOH O 5 . ? -8.149  5.152   -7.815  0.90 44.96 ? 203 HOH D O     1 
HETATM 935 O  O     . HOH O 5 . ? 8.937   -1.987  3.585   0.64 31.97 ? 204 HOH D O     1 
HETATM 936 O  O     . HOH O 5 . ? -1.446  2.720   4.766   1.00 50.35 ? 205 HOH D O     1 
HETATM 937 O  O     . HOH O 5 . ? -3.040  -0.899  -12.241 0.65 35.21 ? 206 HOH D O     1 
HETATM 938 O  O     . HOH O 5 . ? 5.993   5.602   2.994   0.93 46.74 ? 207 HOH D O     1 
HETATM 939 O  O     . HOH O 5 . ? 7.935   -3.657  -3.727  0.96 46.02 ? 208 HOH D O     1 
HETATM 940 O  O     . HOH O 5 . ? 13.801  -3.177  -1.409  0.66 30.95 ? 209 HOH D O     1 
HETATM 941 O  O     . HOH O 5 . ? 8.962   -4.542  2.493   1.00 43.69 ? 210 HOH D O     1 
HETATM 942 O  O     . HOH O 5 . ? 9.194   -2.990  -18.733 0.63 35.65 ? 211 HOH D O     1 
HETATM 943 O  O     . HOH O 5 . ? 2.842   6.656   -14.603 1.00 55.59 ? 212 HOH D O     1 
HETATM 944 O  O     . HOH O 5 . ? 2.352   2.659   11.250  0.65 30.19 ? 213 HOH D O     1 
HETATM 945 O  O     . HOH O 5 . ? 16.067  -4.328  -3.236  1.00 51.05 ? 214 HOH D O     1 
HETATM 946 O  O     . HOH O 5 . ? 2.551   0.941   -19.761 0.66 32.76 ? 215 HOH D O     1 
# 
loop_
_atom_site_anisotrop.id 
_atom_site_anisotrop.type_symbol 
_atom_site_anisotrop.pdbx_label_atom_id 
_atom_site_anisotrop.pdbx_label_alt_id 
_atom_site_anisotrop.pdbx_label_comp_id 
_atom_site_anisotrop.pdbx_label_asym_id 
_atom_site_anisotrop.pdbx_label_seq_id 
_atom_site_anisotrop.pdbx_PDB_ins_code 
_atom_site_anisotrop.U[1][1] 
_atom_site_anisotrop.U[2][2] 
_atom_site_anisotrop.U[3][3] 
_atom_site_anisotrop.U[1][2] 
_atom_site_anisotrop.U[1][3] 
_atom_site_anisotrop.U[2][3] 
_atom_site_anisotrop.pdbx_auth_seq_id 
_atom_site_anisotrop.pdbx_auth_comp_id 
_atom_site_anisotrop.pdbx_auth_asym_id 
_atom_site_anisotrop.pdbx_auth_atom_id 
1   O "O5'" . DT A 1 ? 0.4092 0.8145 0.7597 -0.1058 0.0634  0.2817  1 DT A "O5'" 
2   C "C5'" . DT A 1 ? 0.3975 0.8392 0.7736 -0.0994 0.0651  0.2923  1 DT A "C5'" 
3   C "C4'" . DT A 1 ? 0.3750 0.8315 0.7802 -0.1104 0.0424  0.2933  1 DT A "C4'" 
4   O "O4'" . DT A 1 ? 0.3779 0.8405 0.8027 -0.1297 0.0299  0.3013  1 DT A "O4'" 
5   C "C3'" . DT A 1 ? 0.3633 0.7928 0.7593 -0.1150 0.0288  0.2802  1 DT A "C3'" 
6   O "O3'" . DT A 1 ? 0.3937 0.8393 0.8110 -0.1173 0.0134  0.2796  1 DT A "O3'" 
7   C "C2'" . DT A 1 ? 0.3543 0.7623 0.7502 -0.1326 0.0168  0.2810  1 DT A "C2'" 
8   C "C1'" . DT A 1 ? 0.3643 0.7972 0.7842 -0.1439 0.0133  0.2941  1 DT A "C1'" 
9   N N1    . DT A 1 ? 0.3720 0.7900 0.7857 -0.1548 0.0151  0.2987  1 DT A N1    
10  C C2    . DT A 1 ? 0.3814 0.7766 0.7962 -0.1717 -0.0011 0.2982  1 DT A C2    
11  O O2    . DT A 1 ? 0.3781 0.7617 0.7977 -0.1788 -0.0176 0.2938  1 DT A O2    
12  N N3    . DT A 1 ? 0.3952 0.7780 0.8028 -0.1794 0.0032  0.3036  1 DT A N3    
13  C C4    . DT A 1 ? 0.4011 0.7919 0.8013 -0.1732 0.0209  0.3086  1 DT A C4    
14  O O4    . DT A 1 ? 0.4174 0.7959 0.8116 -0.1815 0.0233  0.3134  1 DT A O4    
15  C C5    . DT A 1 ? 0.3927 0.8054 0.7914 -0.1562 0.0369  0.3088  1 DT A C5    
16  C C7    . DT A 1 ? 0.4021 0.8203 0.7900 -0.1484 0.0574  0.3146  1 DT A C7    
17  C C6    . DT A 1 ? 0.3751 0.7999 0.7799 -0.1475 0.0337  0.3042  1 DT A C6    
18  P P     . DA A 2 ? 0.4306 0.8669 0.8388 -0.1057 0.0120  0.2679  2 DA A P     
19  O OP1   . DA A 2 ? 0.4504 0.9105 0.8848 -0.1097 -0.0055 0.2703  2 DA A OP1   
20  O OP2   . DA A 2 ? 0.4163 0.8484 0.7981 -0.0864 0.0368  0.2646  2 DA A OP2   
21  O "O5'" . DA A 2 ? 0.4399 0.8387 0.8350 -0.1155 0.0008  0.2585  2 DA A "O5'" 
22  C "C5'" . DA A 2 ? 0.4424 0.8292 0.8514 -0.1340 -0.0211 0.2606  2 DA A "C5'" 
23  C "C4'" . DA A 2 ? 0.4234 0.7766 0.8183 -0.1362 -0.0277 0.2533  2 DA A "C4'" 
24  O "O4'" . DA A 2 ? 0.4256 0.7630 0.8041 -0.1386 -0.0196 0.2559  2 DA A "O4'" 
25  C "C3'" . DA A 2 ? 0.3986 0.7470 0.7798 -0.1206 -0.0186 0.2430  2 DA A "C3'" 
26  O "O3'" . DA A 2 ? 0.4020 0.7291 0.7860 -0.1248 -0.0335 0.2384  2 DA A "O3'" 
27  C "C2'" . DA A 2 ? 0.3963 0.7354 0.7505 -0.1139 0.0006  0.2409  2 DA A "C2'" 
28  C "C1'" . DA A 2 ? 0.4021 0.7283 0.7576 -0.1269 -0.0076 0.2479  2 DA A "C1'" 
29  N N9    . DA A 2 ? 0.3966 0.7225 0.7344 -0.1248 0.0071  0.2500  2 DA A N9    
30  C C8    . DA A 2 ? 0.3938 0.7313 0.7199 -0.1161 0.0248  0.2492  2 DA A C8    
31  N N7    . DA A 2 ? 0.4036 0.7341 0.7135 -0.1180 0.0338  0.2512  2 DA A N7    
32  C C5    . DA A 2 ? 0.4013 0.7187 0.7145 -0.1276 0.0211  0.2546  2 DA A C5    
33  C C6    . DA A 2 ? 0.3843 0.6920 0.6870 -0.1332 0.0221  0.2592  2 DA A C6    
34  N N6    . DA A 2 ? 0.3847 0.6925 0.6702 -0.1312 0.0360  0.2594  2 DA A N6    
35  N N1    . DA A 2 ? 0.3774 0.6736 0.6864 -0.1405 0.0088  0.2647  2 DA A N1    
36  C C2    . DA A 2 ? 0.3782 0.6689 0.7019 -0.1431 -0.0047 0.2649  2 DA A C2    
37  N N3    . DA A 2 ? 0.3844 0.6816 0.7190 -0.1397 -0.0082 0.2592  2 DA A N3    
38  C C4    . DA A 2 ? 0.3962 0.7090 0.7255 -0.1315 0.0054  0.2544  2 DA A C4    
39  P P     . DG A 3 ? 0.4187 0.7335 0.7978 -0.1150 -0.0476 0.2248  3 DG A P     
40  O OP1   . DG A 3 ? 0.4591 0.7296 0.8117 -0.1068 -0.0549 0.2115  3 DG A OP1   
41  O OP2   . DG A 3 ? 0.4009 0.7358 0.8074 -0.1310 -0.0645 0.2338  3 DG A OP2   
42  O "O5'" . DG A 3 ? 0.3814 0.7129 0.7477 -0.0941 -0.0270 0.2174  3 DG A "O5'" 
43  C "C5'" . DG A 3 ? 0.3703 0.7045 0.7338 -0.0814 -0.0323 0.2087  3 DG A "C5'" 
44  C "C4'" . DG A 3 ? 0.3849 0.6758 0.7216 -0.0710 -0.0421 0.1905  3 DG A "C4'" 
45  O "O4'" . DG A 3 ? 0.3740 0.6468 0.6851 -0.0622 -0.0253 0.1831  3 DG A "O4'" 
46  C "C3'" . DG A 3 ? 0.4002 0.6869 0.7253 -0.0543 -0.0456 0.1789  3 DG A "C3'" 
47  O "O3'" . DG A 3 ? 0.4466 0.6961 0.7592 -0.0548 -0.0657 0.1683  3 DG A "O3'" 
48  C "C2'" . DG A 3 ? 0.3848 0.6616 0.6803 -0.0357 -0.0209 0.1691  3 DG A "C2'" 
49  C "C1'" . DG A 3 ? 0.3747 0.6334 0.6602 -0.0433 -0.0157 0.1685  3 DG A "C1'" 
50  N N9    . DG A 3 ? 0.3666 0.6301 0.6325 -0.0391 0.0093  0.1679  3 DG A N9    
51  C C8    . DG A 3 ? 0.3542 0.6414 0.6196 -0.0380 0.0281  0.1765  3 DG A C8    
52  N N7    . DG A 3 ? 0.3461 0.6240 0.5835 -0.0372 0.0479  0.1731  3 DG A N7    
53  C C5    . DG A 3 ? 0.3524 0.6074 0.5774 -0.0386 0.0411  0.1627  3 DG A C5    
54  C C6    . DG A 3 ? 0.3271 0.5698 0.5246 -0.0412 0.0538  0.1560  3 DG A C6    
55  O O6    . DG A 3 ? 0.3314 0.5748 0.5048 -0.0458 0.0731  0.1567  3 DG A O6    
56  N N1    . DG A 3 ? 0.3115 0.5394 0.5085 -0.0391 0.0423  0.1488  3 DG A N1    
57  C C2    . DG A 3 ? 0.3334 0.5501 0.5471 -0.0340 0.0222  0.1472  3 DG A C2    
58  N N2    . DG A 3 ? 0.3473 0.5473 0.5538 -0.0291 0.0165  0.1416  3 DG A N2    
59  N N3    . DG A 3 ? 0.3552 0.5763 0.5891 -0.0345 0.0089  0.1519  3 DG A N3    
60  C C4    . DG A 3 ? 0.3547 0.5998 0.5968 -0.0377 0.0187  0.1601  3 DG A C4    
61  P P     . DG A 4 ? 0.4811 0.7114 0.7731 -0.0373 -0.0731 0.1534  4 DG A P     
62  O OP1   . DG A 4 ? 0.5089 0.7163 0.8024 -0.0505 -0.1013 0.1520  4 DG A OP1   
63  O OP2   . DG A 4 ? 0.4859 0.7521 0.7839 -0.0243 -0.0597 0.1568  4 DG A OP2   
64  O "O5'" . DG A 4 ? 0.4757 0.6675 0.7323 -0.0202 -0.0587 0.1380  4 DG A "O5'" 
65  C "C5'" . DG A 4 ? 0.4851 0.6443 0.7308 -0.0239 -0.0642 0.1349  4 DG A "C5'" 
66  C "C4'" . DG A 4 ? 0.4951 0.6300 0.7113 -0.0063 -0.0489 0.1218  4 DG A "C4'" 
67  O "O4'" . DG A 4 ? 0.4770 0.6355 0.6929 -0.0069 -0.0264 0.1256  4 DG A "O4'" 
68  C "C3'" . DG A 4 ? 0.5217 0.6388 0.7144 0.0120  -0.0468 0.1075  4 DG A "C3'" 
69  O "O3'" . DG A 4 ? 0.5527 0.6260 0.7200 0.0230  -0.0516 0.0960  4 DG A "O3'" 
70  C "C2'" . DG A 4 ? 0.4917 0.6257 0.6724 0.0207  -0.0203 0.1047  4 DG A "C2'" 
71  C "C1'" . DG A 4 ? 0.4561 0.6027 0.6445 0.0087  -0.0103 0.1128  4 DG A "C1'" 
72  N N9    . DG A 4 ? 0.3935 0.5642 0.5785 0.0054  0.0111  0.1175  4 DG A N9    
73  C C8    . DG A 4 ? 0.3690 0.5677 0.5678 0.0021  0.0164  0.1275  4 DG A C8    
74  N N7    . DG A 4 ? 0.3673 0.5742 0.5505 0.0009  0.0386  0.1297  4 DG A N7    
75  C C5    . DG A 4 ? 0.3627 0.5498 0.5230 -0.0001 0.0465  0.1205  4 DG A C5    
76  C C6    . DG A 4 ? 0.3384 0.5228 0.4717 -0.0061 0.0678  0.1182  4 DG A C6    
77  O O6    . DG A 4 ? 0.3112 0.5033 0.4304 -0.0107 0.0851  0.1235  4 DG A O6    
78  N N1    . DG A 4 ? 0.3497 0.5201 0.4694 -0.0071 0.0683  0.1097  4 DG A N1    
79  C C2    . DG A 4 ? 0.3592 0.5166 0.4889 0.0005  0.0523  0.1048  4 DG A C2    
80  N N2    . DG A 4 ? 0.3369 0.4875 0.4540 0.0004  0.0572  0.0994  4 DG A N2    
81  N N3    . DG A 4 ? 0.3766 0.5277 0.5253 0.0069  0.0331  0.1062  4 DG A N3    
82  C C4    . DG A 4 ? 0.3693 0.5373 0.5331 0.0043  0.0305  0.1138  4 DG A C4    
83  P P     . DG A 5 ? 0.5522 0.5944 0.6900 0.0422  -0.0537 0.0803  5 DG A P     
84  O OP1   . DG A 5 ? 0.5922 0.5891 0.7134 0.0444  -0.0717 0.0752  5 DG A OP1   
85  O OP2   . DG A 5 ? 0.5086 0.5763 0.6536 0.0450  -0.0550 0.0815  5 DG A OP2   
86  O "O5'" . DG A 5 ? 0.5202 0.5547 0.6347 0.0557  -0.0280 0.0713  5 DG A "O5'" 
87  C "C5'" . DG A 5 ? 0.4973 0.5223 0.6080 0.0553  -0.0215 0.0724  5 DG A "C5'" 
88  C "C4'" . DG A 5 ? 0.4773 0.4983 0.5652 0.0655  0.0013  0.0633  5 DG A "C4'" 
89  O "O4'" . DG A 5 ? 0.4485 0.5040 0.5446 0.0536  0.0177  0.0695  5 DG A "O4'" 
90  C "C3'" . DG A 5 ? 0.4783 0.4743 0.5366 0.0822  0.0074  0.0489  5 DG A "C3'" 
91  O "O3'" . DG A 5 ? 0.4952 0.4662 0.5289 0.0939  0.0193  0.0395  5 DG A "O3'" 
92  C "C2'" . DG A 5 ? 0.4534 0.4746 0.5089 0.0785  0.0247  0.0501  5 DG A "C2'" 
93  C "C1'" . DG A 5 ? 0.4320 0.4811 0.5021 0.0617  0.0354  0.0598  5 DG A "C1'" 
94  N N9    . DG A 5 ? 0.3853 0.4623 0.4615 0.0515  0.0466  0.0676  5 DG A N9    
95  C C8    . DG A 5 ? 0.3705 0.4665 0.4652 0.0497  0.0390  0.0760  5 DG A C8    
96  N N7    . DG A 5 ? 0.3639 0.4793 0.4554 0.0435  0.0553  0.0824  5 DG A N7    
97  C C5    . DG A 5 ? 0.3644 0.4711 0.4323 0.0372  0.0729  0.0773  5 DG A C5    
98  C C6    . DG A 5 ? 0.3380 0.4510 0.3854 0.0265  0.0945  0.0801  5 DG A C6    
99  O O6    . DG A 5 ? 0.3483 0.4731 0.3932 0.0239  0.1044  0.0880  5 DG A O6    
100 N N1    . DG A 5 ? 0.3231 0.4258 0.3485 0.0183  0.1054  0.0732  5 DG A N1    
101 C C2    . DG A 5 ? 0.3383 0.4305 0.3659 0.0235  0.0978  0.0660  5 DG A C2    
102 N N2    . DG A 5 ? 0.3251 0.4160 0.3336 0.0138  0.1104  0.0617  5 DG A N2    
103 N N3    . DG A 5 ? 0.3541 0.4365 0.3987 0.0366  0.0796  0.0640  5 DG A N3    
104 C C4    . DG A 5 ? 0.3668 0.4545 0.4283 0.0417  0.0675  0.0688  5 DG A C4    
105 P P     . DT A 6 ? 0.5446 0.4744 0.5420 0.1147  0.0228  0.0237  6 DT A P     
106 O OP1   . DT A 6 ? 0.5881 0.4800 0.5763 0.1250  0.0056  0.0205  6 DT A OP1   
107 O OP2   . DT A 6 ? 0.5484 0.4860 0.5397 0.1173  0.0248  0.0212  6 DT A OP2   
108 O "O5'" . DT A 6 ? 0.5447 0.4722 0.5216 0.1178  0.0486  0.0177  6 DT A "O5'" 
109 C "C5'" . DT A 6 ? 0.5208 0.4755 0.4970 0.1048  0.0671  0.0202  6 DT A "C5'" 
110 C "C4'" . DT A 6 ? 0.5077 0.4586 0.4640 0.1040  0.0879  0.0148  6 DT A "C4'" 
111 O "O4'" . DT A 6 ? 0.4994 0.4106 0.4177 0.1214  0.0981  0.0001  6 DT A "O4'" 
112 C "C3'" . DT A 6 ? 0.4999 0.4597 0.4729 0.1049  0.0839  0.0214  6 DT A "C3'" 
113 O "O3'" . DT A 6 ? 0.5309 0.5191 0.5037 0.0905  0.1014  0.0250  6 DT A "O3'" 
114 C "C2'" . DT A 6 ? 0.4864 0.4024 0.4337 0.1277  0.0840  0.0104  6 DT A "C2'" 
115 C "C1'" . DT A 6 ? 0.4804 0.3750 0.3923 0.1317  0.1001  -0.0029 6 DT A "C1'" 
116 N N1    . DT A 6 ? 0.5044 0.3530 0.3890 0.1538  0.0949  -0.0146 6 DT A N1    
117 C C2    . DT A 6 ? 0.5342 0.3551 0.3811 0.1634  0.1147  -0.0267 6 DT A C2    
118 O O2    . DT A 6 ? 0.5528 0.3871 0.3889 0.1507  0.1350  -0.0277 6 DT A O2    
119 N N3    . DT A 6 ? 0.5296 0.3220 0.3610 0.1706  0.1000  -0.0330 6 DT A N3    
120 C C4    . DT A 6 ? 0.5408 0.3143 0.3763 0.1812  0.0774  -0.0334 6 DT A C4    
121 O O4    . DT A 6 ? 0.5543 0.3085 0.3743 0.1827  0.0671  -0.0387 6 DT A O4    
122 C C5    . DT A 6 ? 0.5273 0.3136 0.3915 0.1817  0.0634  -0.0239 6 DT A C5    
123 C C7    . DT A 6 ? 0.5506 0.3158 0.4186 0.1865  0.0355  -0.0229 6 DT A C7    
124 C C6    . DT A 6 ? 0.5014 0.3323 0.3944 0.1627  0.0704  -0.0133 6 DT A C6    
125 P P     . DT A 7 ? 0.5390 0.5650 0.5416 0.0830  0.0982  0.0396  7 DT A P     
126 O OP1   . DT A 7 ? 0.5149 0.5784 0.5184 0.0582  0.1121  0.0443  7 DT A OP1   
127 O OP2   . DT A 7 ? 0.5484 0.5711 0.5748 0.0886  0.0764  0.0484  7 DT A OP2   
128 O "O5'" . DT A 7 ? 0.5779 0.5878 0.5683 0.1017  0.1067  0.0360  7 DT A "O5'" 
129 C "C5'" . DT A 7 ? 0.5867 0.5863 0.5487 0.1012  0.1272  0.0254  7 DT A "C5'" 
130 C "C4'" . DT A 7 ? 0.5853 0.5755 0.5422 0.1203  0.1346  0.0257  7 DT A "C4'" 
131 O "O4'" . DT A 7 ? 0.5738 0.5111 0.5120 0.1455  0.1258  0.0170  7 DT A "O4'" 
132 C "C3'" . DT A 7 ? 0.5954 0.6221 0.5843 0.1249  0.1295  0.0433  7 DT A "C3'" 
133 O "O3'" . DT A 7 ? 0.6362 0.7129 0.6358 0.1073  0.1439  0.0508  7 DT A "O3'" 
134 C "C2'" . DT A 7 ? 0.5786 0.5654 0.5525 0.1568  0.1307  0.0408  7 DT A "C2'" 
135 C "C1'" . DT A 7 ? 0.5742 0.5040 0.5110 0.1652  0.1314  0.0213  7 DT A "C1'" 
136 N N1    . DT A 7 ? 0.5635 0.4406 0.4856 0.1886  0.1160  0.0173  7 DT A N1    
137 C C2    . DT A 7 ? 0.5788 0.4060 0.4653 0.2099  0.1235  0.0053  7 DT A C2    
138 O O2    . DT A 7 ? 0.5806 0.4113 0.4515 0.2038  0.1389  -0.0013 7 DT A O2    
139 N N3    . DT A 7 ? 0.5941 0.3812 0.4682 0.2167  0.1018  0.0028  7 DT A N3    
140 C C4    . DT A 7 ? 0.6060 0.3809 0.4918 0.2205  0.0826  0.0098  7 DT A C4    
141 O O4    . DT A 7 ? 0.6427 0.3823 0.5132 0.2211  0.0652  0.0058  7 DT A O4    
142 C C5    . DT A 7 ? 0.5763 0.4008 0.4994 0.2045  0.0795  0.0230  7 DT A C5    
143 C C7    . DT A 7 ? 0.5780 0.3973 0.5166 0.1991  0.0574  0.0323  7 DT A C7    
144 C C6    . DT A 7 ? 0.5475 0.4232 0.4880 0.1876  0.0950  0.0260  7 DT A C6    
145 O "O5'" . DT B 1 ? 0.5596 0.8051 0.9019 -0.0629 0.1197  0.3246  1 DT B "O5'" 
146 C "C5'" . DT B 1 ? 0.5119 0.7777 0.8180 -0.0302 0.1221  0.3072  1 DT B "C5'" 
147 C "C4'" . DT B 1 ? 0.4780 0.6953 0.7429 -0.0247 0.1007  0.2649  1 DT B "C4'" 
148 O "O4'" . DT B 1 ? 0.4681 0.6941 0.6903 0.0105  0.1060  0.2517  1 DT B "O4'" 
149 C "C3'" . DT B 1 ? 0.4805 0.6942 0.7663 -0.0504 0.0765  0.2399  1 DT B "C3'" 
150 O "O3'" . DT B 1 ? 0.4889 0.6470 0.7426 -0.0515 0.0616  0.2080  1 DT B "O3'" 
151 C "C2'" . DT B 1 ? 0.4528 0.7095 0.7333 -0.0306 0.0783  0.2347  1 DT B "C2'" 
152 C "C1'" . DT B 1 ? 0.4388 0.6864 0.6700 0.0085  0.0947  0.2343  1 DT B "C1'" 
153 N N1    . DT B 1 ? 0.4228 0.7198 0.6541 0.0355  0.1140  0.2530  1 DT B N1    
154 C C2    . DT B 1 ? 0.4272 0.7101 0.6050 0.0724  0.1217  0.2413  1 DT B C2    
155 O O2    . DT B 1 ? 0.4324 0.6695 0.5692 0.0806  0.1109  0.2170  1 DT B O2    
156 N N3    . DT B 1 ? 0.4258 0.7504 0.6016 0.0997  0.1422  0.2592  1 DT B N3    
157 C C4    . DT B 1 ? 0.4251 0.8124 0.6548 0.0943  0.1567  0.2897  1 DT B C4    
158 O O4    . DT B 1 ? 0.4513 0.8758 0.6769 0.1248  0.1776  0.3050  1 DT B O4    
159 C C5    . DT B 1 ? 0.3983 0.8039 0.6914 0.0506  0.1448  0.3024  1 DT B C5    
160 C C7    . DT B 1 ? 0.3804 0.8599 0.7466 0.0370  0.1552  0.3371  1 DT B C7    
161 C C6    . DT B 1 ? 0.4050 0.7601 0.6913 0.0237  0.1236  0.2820  1 DT B C6    
162 P P     . DA B 2 ? 0.5076 0.6195 0.7766 -0.0839 0.0450  0.1957  2 DA B P     
163 O OP1   . DA B 2 ? 0.5359 0.6315 0.8240 -0.0942 0.0555  0.2234  2 DA B OP1   
164 O OP2   . DA B 2 ? 0.5103 0.6414 0.8037 -0.1081 0.0265  0.1849  2 DA B OP2   
165 O "O5'" . DA B 2 ? 0.5057 0.5675 0.7314 -0.0677 0.0390  0.1640  2 DA B "O5'" 
166 C "C5'" . DA B 2 ? 0.5179 0.5372 0.7315 -0.0610 0.0434  0.1666  2 DA B "C5'" 
167 C "C4'" . DA B 2 ? 0.5043 0.5001 0.6853 -0.0388 0.0406  0.1415  2 DA B "C4'" 
168 O "O4'" . DA B 2 ? 0.4816 0.5042 0.6427 -0.0121 0.0478  0.1469  2 DA B "O4'" 
169 C "C3'" . DA B 2 ? 0.4965 0.4850 0.6679 -0.0441 0.0303  0.1115  2 DA B "C3'" 
170 O "O3'" . DA B 2 ? 0.5079 0.4585 0.6634 -0.0333 0.0294  0.0922  2 DA B "O3'" 
171 C "C2'" . DA B 2 ? 0.4542 0.4828 0.6151 -0.0282 0.0332  0.1106  2 DA B "C2'" 
172 C "C1'" . DA B 2 ? 0.4525 0.4871 0.6005 -0.0049 0.0424  0.1250  2 DA B "C1'" 
173 N N9    . DA B 2 ? 0.4356 0.5083 0.5762 0.0101  0.0499  0.1375  2 DA B N9    
174 C C8    . DA B 2 ? 0.4292 0.5392 0.5903 0.0040  0.0579  0.1594  2 DA B C8    
175 N N7    . DA B 2 ? 0.4209 0.5576 0.5657 0.0271  0.0676  0.1674  2 DA B N7    
176 C C5    . DA B 2 ? 0.4257 0.5364 0.5353 0.0464  0.0619  0.1476  2 DA B C5    
177 C C6    . DA B 2 ? 0.4341 0.5459 0.5088 0.0740  0.0640  0.1413  2 DA B C6    
178 N N6    . DA B 2 ? 0.4466 0.5866 0.5109 0.0921  0.0769  0.1547  2 DA B N6    
179 N N1    . DA B 2 ? 0.4230 0.5047 0.4749 0.0830  0.0518  0.1206  2 DA B N1    
180 C C2    . DA B 2 ? 0.4270 0.4865 0.4941 0.0684  0.0427  0.1096  2 DA B C2    
181 N N3    . DA B 2 ? 0.4400 0.4931 0.5340 0.0469  0.0433  0.1133  2 DA B N3    
182 C C4    . DA B 2 ? 0.4296 0.5061 0.5418 0.0354  0.0514  0.1314  2 DA B C4    
183 P P     . DG B 3 ? 0.4815 0.4189 0.6215 -0.0334 0.0251  0.0629  3 DG B P     
184 O OP1   . DG B 3 ? 0.4958 0.3903 0.6306 -0.0264 0.0280  0.0508  3 DG B OP1   
185 O OP2   . DG B 3 ? 0.4892 0.4381 0.6308 -0.0538 0.0159  0.0584  3 DG B OP2   
186 O "O5'" . DG B 3 ? 0.4305 0.3975 0.5605 -0.0146 0.0286  0.0595  3 DG B "O5'" 
187 C "C5'" . DG B 3 ? 0.4191 0.3843 0.5365 -0.0119 0.0290  0.0409  3 DG B "C5'" 
188 C "C4'" . DG B 3 ? 0.3951 0.3704 0.5110 0.0062  0.0324  0.0382  3 DG B "C4'" 
189 O "O4'" . DG B 3 ? 0.3732 0.3720 0.4874 0.0150  0.0307  0.0528  3 DG B "O4'" 
190 C "C3'" . DG B 3 ? 0.3877 0.3684 0.4941 0.0081  0.0350  0.0260  3 DG B "C3'" 
191 O "O3'" . DG B 3 ? 0.3945 0.3731 0.5098 0.0190  0.0378  0.0207  3 DG B "O3'" 
192 C "C2'" . DG B 3 ? 0.3652 0.3714 0.4648 0.0107  0.0318  0.0353  3 DG B "C2'" 
193 C "C1'" . DG B 3 ? 0.3636 0.3780 0.4674 0.0207  0.0303  0.0483  3 DG B "C1'" 
194 N N9    . DG B 3 ? 0.3674 0.4068 0.4681 0.0234  0.0315  0.0634  3 DG B N9    
195 C C8    . DG B 3 ? 0.3645 0.4200 0.4781 0.0100  0.0318  0.0756  3 DG B C8    
196 N N7    . DG B 3 ? 0.3595 0.4443 0.4747 0.0184  0.0364  0.0914  3 DG B N7    
197 C C5    . DG B 3 ? 0.3634 0.4434 0.4561 0.0403  0.0384  0.0862  3 DG B C5    
198 C C6    . DG B 3 ? 0.3468 0.4442 0.4234 0.0613  0.0448  0.0954  3 DG B C6    
199 O O6    . DG B 3 ? 0.3444 0.4728 0.4287 0.0665  0.0536  0.1131  3 DG B O6    
200 N N1    . DG B 3 ? 0.3483 0.4240 0.3989 0.0777  0.0401  0.0818  3 DG B N1    
201 C C2    . DG B 3 ? 0.3677 0.4174 0.4193 0.0721  0.0304  0.0647  3 DG B C2    
202 N N2    . DG B 3 ? 0.3846 0.4176 0.4158 0.0859  0.0222  0.0531  3 DG B N2    
203 N N3    . DG B 3 ? 0.3485 0.3892 0.4205 0.0547  0.0287  0.0591  3 DG B N3    
204 C C4    . DG B 3 ? 0.3614 0.4140 0.4480 0.0408  0.0330  0.0692  3 DG B C4    
205 P P     . DG B 4 ? 0.3863 0.3675 0.5002 0.0206  0.0438  0.0119  4 DG B P     
206 O OP1   . DG B 4 ? 0.3961 0.3727 0.5329 0.0266  0.0492  0.0070  4 DG B OP1   
207 O OP2   . DG B 4 ? 0.3846 0.3603 0.4782 0.0126  0.0483  0.0077  4 DG B OP2   
208 O "O5'" . DG B 4 ? 0.3567 0.3519 0.4660 0.0269  0.0362  0.0170  4 DG B "O5'" 
209 C "C5'" . DG B 4 ? 0.3579 0.3560 0.4758 0.0358  0.0273  0.0182  4 DG B "C5'" 
210 C "C4'" . DG B 4 ? 0.3721 0.3707 0.4800 0.0411  0.0210  0.0156  4 DG B "C4'" 
211 O "O4'" . DG B 4 ? 0.3946 0.3996 0.4783 0.0490  0.0194  0.0230  4 DG B "O4'" 
212 C "C3'" . DG B 4 ? 0.3841 0.3766 0.4928 0.0347  0.0283  0.0115  4 DG B "C3'" 
213 O "O3'" . DG B 4 ? 0.4069 0.3916 0.5236 0.0364  0.0197  0.0063  4 DG B "O3'" 
214 C "C2'" . DG B 4 ? 0.3813 0.3781 0.4647 0.0372  0.0313  0.0177  4 DG B "C2'" 
215 C "C1'" . DG B 4 ? 0.3801 0.3835 0.4513 0.0493  0.0234  0.0225  4 DG B "C1'" 
216 N N9    . DG B 4 ? 0.3488 0.3697 0.4087 0.0532  0.0272  0.0338  4 DG B N9    
217 C C8    . DG B 4 ? 0.3302 0.3642 0.3988 0.0422  0.0306  0.0405  4 DG B C8    
218 N N7    . DG B 4 ? 0.3322 0.3884 0.3987 0.0466  0.0321  0.0529  4 DG B N7    
219 C C5    . DG B 4 ? 0.3456 0.4013 0.3956 0.0658  0.0330  0.0545  4 DG B C5    
220 C C6    . DG B 4 ? 0.3450 0.4219 0.3858 0.0829  0.0388  0.0675  4 DG B C6    
221 O O6    . DG B 4 ? 0.3343 0.4430 0.3900 0.0812  0.0441  0.0834  4 DG B O6    
222 N N1    . DG B 4 ? 0.3577 0.4159 0.3711 0.1038  0.0380  0.0604  4 DG B N1    
223 C C2    . DG B 4 ? 0.3834 0.4082 0.3863 0.1030  0.0282  0.0431  4 DG B C2    
224 N N2    . DG B 4 ? 0.4275 0.4307 0.4003 0.1226  0.0240  0.0351  4 DG B N2    
225 N N3    . DG B 4 ? 0.3664 0.3800 0.3887 0.0846  0.0228  0.0344  4 DG B N3    
226 C C4    . DG B 4 ? 0.3492 0.3789 0.3919 0.0691  0.0276  0.0409  4 DG B C4    
227 P P     . DG B 5 ? 0.4436 0.4174 0.5695 0.0280  0.0275  0.0051  5 DG B P     
228 O OP1   . DG B 5 ? 0.4427 0.4172 0.6046 0.0218  0.0191  0.0003  5 DG B OP1   
229 O OP2   . DG B 5 ? 0.4338 0.4098 0.5524 0.0234  0.0452  0.0098  5 DG B OP2   
230 O "O5'" . DG B 5 ? 0.4516 0.4093 0.5478 0.0362  0.0211  0.0051  5 DG B "O5'" 
231 C "C5'" . DG B 5 ? 0.4597 0.4041 0.5469 0.0439  0.0036  -0.0028 5 DG B "C5'" 
232 C "C4'" . DG B 5 ? 0.4912 0.4118 0.5477 0.0539  0.0028  -0.0035 5 DG B "C4'" 
233 O "O4'" . DG B 5 ? 0.4866 0.4210 0.5148 0.0702  0.0084  0.0037  5 DG B "O4'" 
234 C "C3'" . DG B 5 ? 0.4934 0.4007 0.5538 0.0461  0.0156  0.0033  5 DG B "C3'" 
235 O "O3'" . DG B 5 ? 0.5408 0.4113 0.5875 0.0502  0.0075  -0.0020 5 DG B "O3'" 
236 C "C2'" . DG B 5 ? 0.4839 0.4092 0.5229 0.0556  0.0269  0.0140  5 DG B "C2'" 
237 C "C1'" . DG B 5 ? 0.4824 0.4148 0.4998 0.0735  0.0192  0.0122  5 DG B "C1'" 
238 N N9    . DG B 5 ? 0.4463 0.4104 0.4593 0.0787  0.0264  0.0233  5 DG B N9    
239 C C8    . DG B 5 ? 0.4093 0.3947 0.4378 0.0653  0.0315  0.0283  5 DG B C8    
240 N N7    . DG B 5 ? 0.3972 0.4086 0.4233 0.0694  0.0333  0.0380  5 DG B N7    
241 C C5    . DG B 5 ? 0.4183 0.4311 0.4279 0.0900  0.0333  0.0420  5 DG B C5    
242 C C6    . DG B 5 ? 0.3908 0.4344 0.3984 0.1044  0.0380  0.0558  5 DG B C6    
243 O O6    . DG B 5 ? 0.3479 0.4253 0.3737 0.0968  0.0397  0.0676  5 DG B O6    
244 N N1    . DG B 5 ? 0.4157 0.4467 0.3987 0.1298  0.0408  0.0548  5 DG B N1    
245 C C2    . DG B 5 ? 0.4520 0.4396 0.4130 0.1369  0.0346  0.0395  5 DG B C2    
246 N N2    . DG B 5 ? 0.4761 0.4478 0.4064 0.1642  0.0371  0.0372  5 DG B N2    
247 N N3    . DG B 5 ? 0.4701 0.4311 0.4400 0.1186  0.0266  0.0274  5 DG B N3    
248 C C4    . DG B 5 ? 0.4415 0.4205 0.4374 0.0972  0.0285  0.0309  5 DG B C4    
249 P P     . DT B 6 ? 0.5747 0.4191 0.6202 0.0447  0.0193  0.0077  6 DT B P     
250 O OP1   . DT B 6 ? 0.6175 0.4213 0.6692 0.0382  0.0037  -0.0033 6 DT B OP1   
251 O OP2   . DT B 6 ? 0.5553 0.4212 0.6222 0.0313  0.0373  0.0195  6 DT B OP2   
252 O "O5'" . DT B 6 ? 0.5764 0.4174 0.5817 0.0681  0.0251  0.0153  6 DT B "O5'" 
253 C "C5'" . DT B 6 ? 0.5734 0.3958 0.5486 0.0895  0.0154  0.0069  6 DT B "C5'" 
254 C "C4'" . DT B 6 ? 0.5538 0.3931 0.5048 0.1122  0.0254  0.0193  6 DT B "C4'" 
255 O "O4'" . DT B 6 ? 0.5034 0.3923 0.4655 0.1104  0.0296  0.0261  6 DT B "O4'" 
256 C "C3'" . DT B 6 ? 0.5570 0.3888 0.5040 0.1133  0.0363  0.0351  6 DT B "C3'" 
257 O "O3'" . DT B 6 ? 0.5817 0.3650 0.5062 0.1281  0.0349  0.0343  6 DT B "O3'" 
258 C "C2'" . DT B 6 ? 0.5517 0.4304 0.4933 0.1275  0.0415  0.0479  6 DT B "C2'" 
259 C "C1'" . DT B 6 ? 0.5275 0.4377 0.4791 0.1260  0.0370  0.0404  6 DT B "C1'" 
260 N N1    . DT B 6 ? 0.5038 0.4606 0.4744 0.1138  0.0393  0.0486  6 DT B N1    
261 C C2    . DT B 6 ? 0.4802 0.4770 0.4542 0.1258  0.0408  0.0590  6 DT B C2    
262 O O2    . DT B 6 ? 0.4939 0.4945 0.4559 0.1491  0.0440  0.0630  6 DT B O2    
263 N N3    . DT B 6 ? 0.4531 0.4844 0.4464 0.1094  0.0392  0.0647  6 DT B N3    
264 C C4    . DT B 6 ? 0.4663 0.4918 0.4675 0.0869  0.0375  0.0588  6 DT B C4    
265 O O4    . DT B 6 ? 0.4861 0.5355 0.4989 0.0738  0.0340  0.0613  6 DT B O4    
266 C C5    . DT B 6 ? 0.4587 0.4468 0.4548 0.0798  0.0407  0.0498  6 DT B C5    
267 C C7    . DT B 6 ? 0.4497 0.4327 0.4535 0.0607  0.0448  0.0450  6 DT B C7    
268 C C6    . DT B 6 ? 0.4773 0.4352 0.4628 0.0909  0.0407  0.0462  6 DT B C6    
269 P P     . DT B 7 ? 0.6252 0.3765 0.5433 0.1272  0.0443  0.0503  7 DT B P     
270 O OP1   . DT B 7 ? 0.6564 0.3432 0.5551 0.1378  0.0387  0.0430  7 DT B OP1   
271 O OP2   . DT B 7 ? 0.5795 0.3432 0.5229 0.0998  0.0524  0.0579  7 DT B OP2   
272 O "O5'" . DT B 7 ? 0.6094 0.3948 0.5106 0.1514  0.0512  0.0684  7 DT B "O5'" 
273 C "C5'" . DT B 7 ? 0.6323 0.4185 0.5132 0.1835  0.0503  0.0693  7 DT B "C5'" 
274 C "C4'" . DT B 7 ? 0.6341 0.4507 0.5086 0.2029  0.0554  0.0916  7 DT B "C4'" 
275 O "O4'" . DT B 7 ? 0.5927 0.4723 0.4881 0.1885  0.0531  0.0972  7 DT B "O4'" 
276 C "C3'" . DT B 7 ? 0.6580 0.4397 0.5194 0.2019  0.0604  0.1078  7 DT B "C3'" 
277 O "O3'" . DT B 7 ? 0.6988 0.4854 0.5438 0.2344  0.0620  0.1251  7 DT B "O3'" 
278 C "C2'" . DT B 7 ? 0.6225 0.4408 0.4965 0.1772  0.0615  0.1145  7 DT B "C2'" 
279 C "C1'" . DT B 7 ? 0.5925 0.4754 0.4836 0.1778  0.0544  0.1104  7 DT B "C1'" 
280 N N1    . DT B 7 ? 0.5574 0.4654 0.4648 0.1483  0.0530  0.1027  7 DT B N1    
281 C C2    . DT B 7 ? 0.5219 0.4802 0.4366 0.1431  0.0457  0.1073  7 DT B C2    
282 O O2    . DT B 7 ? 0.5075 0.4996 0.4235 0.1591  0.0387  0.1190  7 DT B O2    
283 N N3    . DT B 7 ? 0.5081 0.4754 0.4317 0.1183  0.0457  0.0973  7 DT B N3    
284 C C4    . DT B 7 ? 0.5277 0.4677 0.4587 0.1007  0.0540  0.0861  7 DT B C4    
285 O O4    . DT B 7 ? 0.5219 0.4719 0.4599 0.0835  0.0556  0.0787  7 DT B O4    
286 C C5    . DT B 7 ? 0.5581 0.4552 0.4895 0.1044  0.0596  0.0837  7 DT B C5    
287 C C7    . DT B 7 ? 0.5537 0.4275 0.5046 0.0839  0.0657  0.0738  7 DT B C7    
288 C C6    . DT B 7 ? 0.5765 0.4558 0.4935 0.1268  0.0578  0.0907  7 DT B C6    
289 O "O5'" . DT C 1 ? 0.5137 0.6325 0.9172 0.0331  0.1444  0.1824  1 DT C "O5'" 
290 C "C5'" . DT C 1 ? 0.5130 0.6171 0.9940 0.0270  0.1482  0.1978  1 DT C "C5'" 
291 C "C4'" . DT C 1 ? 0.4892 0.5826 1.0188 0.0059  0.1032  0.1741  1 DT C "C4'" 
292 O "O4'" . DT C 1 ? 0.4541 0.5621 1.0248 -0.0056 0.0910  0.1752  1 DT C "O4'" 
293 C "C3'" . DT C 1 ? 0.4872 0.5717 0.9451 0.0043  0.0696  0.1349  1 DT C "C3'" 
294 O "O3'" . DT C 1 ? 0.5438 0.6026 1.0394 -0.0052 0.0335  0.1166  1 DT C "O3'" 
295 C "C2'" . DT C 1 ? 0.4423 0.5460 0.8717 -0.0015 0.0555  0.1220  1 DT C "C2'" 
296 C "C1'" . DT C 1 ? 0.4094 0.5180 0.9300 -0.0133 0.0547  0.1405  1 DT C "C1'" 
297 N N1    . DT C 1 ? 0.3338 0.4658 0.8462 -0.0148 0.0603  0.1451  1 DT C N1    
298 C C2    . DT C 1 ? 0.3341 0.4682 0.8346 -0.0272 0.0232  0.1201  1 DT C C2    
299 O O2    . DT C 1 ? 0.3826 0.4979 0.8708 -0.0335 -0.0120 0.0947  1 DT C O2    
300 N N3    . DT C 1 ? 0.2801 0.4353 0.7792 -0.0288 0.0282  0.1262  1 DT C N3    
301 C C4    . DT C 1 ? 0.2603 0.4322 0.7647 -0.0165 0.0661  0.1528  1 DT C C4    
302 O O4    . DT C 1 ? 0.2525 0.4402 0.7531 -0.0167 0.0658  0.1546  1 DT C O4    
303 C C5    . DT C 1 ? 0.2677 0.4338 0.7767 0.0004  0.1060  0.1786  1 DT C C5    
304 C C7    . DT C 1 ? 0.2731 0.4404 0.7587 0.0234  0.1447  0.2039  1 DT C C7    
305 C C6    . DT C 1 ? 0.2878 0.4354 0.8049 -0.0014 0.1012  0.1747  1 DT C C6    
306 P P     . DA C 2 ? 0.5701 0.6041 1.0227 0.0043  0.0213  0.0965  2 DA C P     
307 O OP1   . DA C 2 ? 0.6170 0.6172 1.1208 -0.0039 -0.0216 0.0789  2 DA C OP1   
308 O OP2   . DA C 2 ? 0.5681 0.6049 1.0125 0.0161  0.0602  0.1209  2 DA C OP2   
309 O "O5'" . DA C 2 ? 0.5569 0.6023 0.9121 0.0126  0.0115  0.0693  2 DA C "O5'" 
310 C "C5'" . DA C 2 ? 0.5404 0.5904 0.8798 0.0058  -0.0165 0.0499  2 DA C "C5'" 
311 C "C4'" . DA C 2 ? 0.5166 0.5865 0.7704 0.0158  -0.0116 0.0380  2 DA C "C4'" 
312 O "O4'" . DA C 2 ? 0.4663 0.5662 0.7132 0.0118  0.0069  0.0544  2 DA C "O4'" 
313 C "C3'" . DA C 2 ? 0.5293 0.5998 0.7351 0.0314  0.0085  0.0395  2 DA C "C3'" 
314 O "O3'" . DA C 2 ? 0.5905 0.6603 0.7354 0.0427  -0.0070 0.0172  2 DA C "O3'" 
315 C "C2'" . DA C 2 ? 0.4687 0.5663 0.6555 0.0342  0.0386  0.0617  2 DA C "C2'" 
316 C "C1'" . DA C 2 ? 0.4324 0.5484 0.6213 0.0238  0.0262  0.0593  2 DA C "C1'" 
317 N N9    . DA C 2 ? 0.3692 0.5038 0.5590 0.0241  0.0470  0.0798  2 DA C N9    
318 C C8    . DA C 2 ? 0.3480 0.4787 0.5559 0.0313  0.0752  0.1025  2 DA C C8    
319 N N7    . DA C 2 ? 0.3255 0.4696 0.5183 0.0358  0.0868  0.1148  2 DA C N7    
320 C C5    . DA C 2 ? 0.3215 0.4822 0.4942 0.0270  0.0630  0.0999  2 DA C C5    
321 C C6    . DA C 2 ? 0.2817 0.4596 0.4357 0.0257  0.0566  0.1019  2 DA C C6    
322 N N6    . DA C 2 ? 0.2755 0.4541 0.4209 0.0364  0.0728  0.1175  2 DA C N6    
323 N N1    . DA C 2 ? 0.2750 0.4664 0.4156 0.0157  0.0317  0.0874  2 DA C N1    
324 C C2    . DA C 2 ? 0.3060 0.4920 0.4434 0.0111  0.0157  0.0713  2 DA C C2    
325 N N3    . DA C 2 ? 0.3432 0.5099 0.4907 0.0143  0.0171  0.0645  2 DA C N3    
326 C C4    . DA C 2 ? 0.3423 0.4981 0.5111 0.0204  0.0406  0.0798  2 DA C C4    
327 P P     . DG C 3 ? 0.6672 0.7191 0.7777 0.0608  -0.0050 0.0057  3 DG C P     
328 O OP1   . DG C 3 ? 0.7102 0.7217 0.8586 0.0598  -0.0305 -0.0089 3 DG C OP1   
329 O OP2   . DG C 3 ? 0.6449 0.7128 0.7463 0.0661  0.0269  0.0265  3 DG C OP2   
330 O "O5'" . DG C 3 ? 0.6883 0.7513 0.7302 0.0754  -0.0146 -0.0112 3 DG C "O5'" 
331 C "C5'" . DG C 3 ? 0.7262 0.7585 0.7406 0.0889  -0.0421 -0.0380 3 DG C "C5'" 
332 C "C4'" . DG C 3 ? 0.7280 0.7624 0.6841 0.1147  -0.0306 -0.0449 3 DG C "C4'" 
333 O "O4'" . DG C 3 ? 0.6649 0.7395 0.5841 0.1193  -0.0143 -0.0324 3 DG C "O4'" 
334 C "C3'" . DG C 3 ? 0.7321 0.7700 0.7007 0.1188  -0.0064 -0.0318 3 DG C "C3'" 
335 O "O3'" . DG C 3 ? 0.8167 0.8123 0.8075 0.1237  -0.0219 -0.0461 3 DG C "O3'" 
336 C "C2'" . DG C 3 ? 0.6993 0.7596 0.6126 0.1412  0.0100  -0.0301 3 DG C "C2'" 
337 C "C1'" . DG C 3 ? 0.6289 0.7205 0.5239 0.1358  0.0097  -0.0224 3 DG C "C1'" 
338 N N9    . DG C 3 ? 0.4964 0.6272 0.4074 0.1242  0.0303  0.0045  3 DG C N9    
339 C C8    . DG C 3 ? 0.4375 0.5793 0.3840 0.1023  0.0315  0.0182  3 DG C C8    
340 N N7    . DG C 3 ? 0.3909 0.5618 0.3376 0.1002  0.0454  0.0390  3 DG C N7    
341 C C5    . DG C 3 ? 0.4164 0.6003 0.3357 0.1193  0.0555  0.0422  3 DG C C5    
342 C C6    . DG C 3 ? 0.3953 0.6096 0.3139 0.1252  0.0683  0.0640  3 DG C C6    
343 O O6    . DG C 3 ? 0.3758 0.6064 0.3121 0.1148  0.0685  0.0822  3 DG C O6    
344 N N1    . DG C 3 ? 0.4093 0.6311 0.3056 0.1475  0.0795  0.0641  3 DG C N1    
345 C C2    . DG C 3 ? 0.4553 0.6535 0.3216 0.1658  0.0775  0.0421  3 DG C C2    
346 N N2    . DG C 3 ? 0.4734 0.6830 0.3158 0.1921  0.0929  0.0464  3 DG C N2    
347 N N3    . DG C 3 ? 0.4816 0.6453 0.3428 0.1609  0.0594  0.0183  3 DG C N3    
348 C C4    . DG C 3 ? 0.4617 0.6225 0.3560 0.1357  0.0497  0.0215  3 DG C C4    
349 P P     . DG C 4 ? 0.9079 0.8669 0.8491 0.1526  -0.0430 -0.0761 4 DG C P     
350 O OP1   . DG C 4 ? 0.9482 0.9031 0.8447 0.1620  -0.0631 -0.0926 4 DG C OP1   
351 O OP2   . DG C 4 ? 0.9598 0.8741 0.9435 0.1506  -0.0637 -0.0866 4 DG C OP2   
352 O "O5'" . DG C 4 ? 0.8634 0.8480 0.7611 0.1742  -0.0115 -0.0669 4 DG C "O5'" 
353 C "C5'" . DG C 4 ? 0.8599 0.8424 0.6906 0.2055  -0.0118 -0.0815 4 DG C "C5'" 
354 C "C4'" . DG C 4 ? 0.8077 0.8157 0.6191 0.2236  0.0195  -0.0676 4 DG C "C4'" 
355 O "O4'" . DG C 4 ? 0.7204 0.7801 0.5463 0.2101  0.0449  -0.0375 4 DG C "O4'" 
356 C "C3'" . DG C 4 ? 0.8011 0.7899 0.6446 0.2220  0.0242  -0.0661 4 DG C "C3'" 
357 O "O3'" . DG C 4 ? 0.8627 0.8411 0.6645 0.2557  0.0318  -0.0769 4 DG C "O3'" 
358 C "C2'" . DG C 4 ? 0.7132 0.7406 0.5929 0.2013  0.0499  -0.0343 4 DG C "C2'" 
359 C "C1'" . DG C 4 ? 0.6702 0.7412 0.5237 0.2058  0.0639  -0.0201 4 DG C "C1'" 
360 N N9    . DG C 4 ? 0.5690 0.6723 0.4534 0.1821  0.0744  0.0054  4 DG C N9    
361 C C8    . DG C 4 ? 0.5284 0.6297 0.4422 0.1571  0.0653  0.0096  4 DG C C8    
362 N N7    . DG C 4 ? 0.4775 0.6067 0.4050 0.1453  0.0758  0.0318  4 DG C N7    
363 C C5    . DG C 4 ? 0.4790 0.6306 0.3928 0.1606  0.0898  0.0441  4 DG C C5    
364 C C6    . DG C 4 ? 0.4140 0.5949 0.3384 0.1575  0.0981  0.0682  4 DG C C6    
365 O O6    . DG C 4 ? 0.3872 0.5769 0.3260 0.1428  0.0940  0.0810  4 DG C O6    
366 N N1    . DG C 4 ? 0.4107 0.6085 0.3291 0.1757  0.1097  0.0776  4 DG C N1    
367 C C2    . DG C 4 ? 0.4587 0.6480 0.3552 0.1980  0.1167  0.0646  4 DG C C2    
368 N N2    . DG C 4 ? 0.4608 0.6734 0.3603 0.2156  0.1314  0.0803  4 DG C N2    
369 N N3    . DG C 4 ? 0.5131 0.6700 0.3887 0.2045  0.1074  0.0383  4 DG C N3    
370 C C4    . DG C 4 ? 0.5201 0.6594 0.4094 0.1832  0.0922  0.0297  4 DG C C4    
371 P P     . DG C 5 ? 0.8876 0.8342 0.7112 0.2618  0.0291  -0.0838 5 DG C P     
372 O OP1   . DG C 5 ? 0.9749 0.8800 0.7483 0.2974  0.0104  -0.1149 5 DG C OP1   
373 O OP2   . DG C 5 ? 0.8679 0.8012 0.7555 0.2291  0.0195  -0.0745 5 DG C OP2   
374 O "O5'" . DG C 5 ? 0.8336 0.8215 0.6607 0.2680  0.0646  -0.0577 5 DG C "O5'" 
375 C "C5'" . DG C 5 ? 0.8042 0.8287 0.5948 0.2905  0.0863  -0.0473 5 DG C "C5'" 
376 C "C4'" . DG C 5 ? 0.7286 0.7907 0.5467 0.2870  0.1126  -0.0178 5 DG C "C4'" 
377 O "O4'" . DG C 5 ? 0.6503 0.7457 0.4991 0.2588  0.1179  0.0069  5 DG C "O4'" 
378 C "C3'" . DG C 5 ? 0.7158 0.7544 0.5624 0.2831  0.1121  -0.0177 5 DG C "C3'" 
379 O "O3'" . DG C 5 ? 0.7288 0.7887 0.5710 0.3053  0.1326  -0.0053 5 DG C "O3'" 
380 C "C2'" . DG C 5 ? 0.6555 0.7045 0.5438 0.2496  0.1128  0.0032  5 DG C "C2'" 
381 C "C1'" . DG C 5 ? 0.6029 0.6970 0.4874 0.2442  0.1228  0.0224  5 DG C "C1'" 
382 N N9    . DG C 5 ? 0.5328 0.6343 0.4410 0.2158  0.1175  0.0354  5 DG C N9    
383 C C8    . DG C 5 ? 0.5209 0.6028 0.4395 0.1975  0.1037  0.0256  5 DG C C8    
384 N N7    . DG C 5 ? 0.4867 0.5824 0.4230 0.1781  0.1052  0.0422  5 DG C N7    
385 C C5    . DG C 5 ? 0.4626 0.5848 0.3989 0.1833  0.1156  0.0624  5 DG C C5    
386 C C6    . DG C 5 ? 0.4072 0.5462 0.3548 0.1720  0.1156  0.0834  5 DG C C6    
387 O O6    . DG C 5 ? 0.3901 0.5256 0.3439 0.1569  0.1105  0.0885  5 DG C O6    
388 N N1    . DG C 5 ? 0.3953 0.5559 0.3478 0.1822  0.1199  0.0997  5 DG C N1    
389 C C2    . DG C 5 ? 0.4252 0.5945 0.3757 0.2015  0.1293  0.0989  5 DG C C2    
390 N N2    . DG C 5 ? 0.4349 0.6270 0.4041 0.2079  0.1316  0.1204  5 DG C N2    
391 N N3    . DG C 5 ? 0.4551 0.6095 0.3879 0.2154  0.1336  0.0789  5 DG C N3    
392 C C4    . DG C 5 ? 0.4829 0.6119 0.4079 0.2050  0.1238  0.0600  5 DG C C4    
393 P P     . DT C 6 ? 0.7528 0.7832 0.6053 0.3176  0.1321  -0.0131 6 DT C P     
394 O OP1   . DT C 6 ? 0.7875 0.7886 0.5981 0.3514  0.1254  -0.0409 6 DT C OP1   
395 O OP2   . DT C 6 ? 0.7587 0.7630 0.6470 0.2878  0.1183  -0.0113 6 DT C OP2   
396 O "O5'" . DT C 6 ? 0.7018 0.7731 0.5766 0.3238  0.1554  0.0169  6 DT C "O5'" 
397 C "C5'" . DT C 6 ? 0.6085 0.7142 0.5118 0.3001  0.1598  0.0449  6 DT C "C5'" 
398 C "C4'" . DT C 6 ? 0.5537 0.6631 0.4904 0.2938  0.1630  0.0652  6 DT C "C4'" 
399 O "O4'" . DT C 6 ? 0.5593 0.6286 0.5042 0.2770  0.1507  0.0572  6 DT C "O4'" 
400 C "C3'" . DT C 6 ? 0.5648 0.6790 0.5075 0.3158  0.1728  0.0696  6 DT C "C3'" 
401 O "O3'" . DT C 6 ? 0.5515 0.6948 0.5287 0.3072  0.1750  0.0995  6 DT C "O3'" 
402 C "C2'" . DT C 6 ? 0.5815 0.6505 0.5261 0.3189  0.1651  0.0534  6 DT C "C2'" 
403 C "C1'" . DT C 6 ? 0.5531 0.6055 0.5094 0.2874  0.1527  0.0593  6 DT C "C1'" 
404 N N1    . DT C 6 ? 0.5761 0.5825 0.5333 0.2800  0.1417  0.0432  6 DT C N1    
405 C C2    . DT C 6 ? 0.5684 0.5530 0.5430 0.2701  0.1397  0.0557  6 DT C C2    
406 O O2    . DT C 6 ? 0.5439 0.5409 0.5267 0.2677  0.1427  0.0759  6 DT C O2    
407 N N3    . DT C 6 ? 0.5997 0.5449 0.5831 0.2646  0.1317  0.0453  6 DT C N3    
408 C C4    . DT C 6 ? 0.6339 0.5562 0.6153 0.2673  0.1198  0.0217  6 DT C C4    
409 O O4    . DT C 6 ? 0.6494 0.5361 0.6512 0.2607  0.1098  0.0171  6 DT C O4    
410 C C5    . DT C 6 ? 0.6422 0.5828 0.5968 0.2798  0.1178  0.0047  6 DT C C5    
411 C C7    . DT C 6 ? 0.6918 0.6013 0.6353 0.2867  0.0978  -0.0242 6 DT C C7    
412 C C6    . DT C 6 ? 0.6065 0.5895 0.5483 0.2864  0.1317  0.0172  6 DT C C6    
413 P P     . DT C 7 ? 0.6368 0.8005 0.6336 0.3211  0.1846  0.1159  7 DT C P     
414 O OP1   . DT C 7 ? 0.6073 0.8019 0.6461 0.3074  0.1803  0.1481  7 DT C OP1   
415 O OP2   . DT C 7 ? 0.6864 0.8541 0.6497 0.3413  0.1956  0.1037  7 DT C OP2   
416 O "O5'" . DT C 7 ? 0.6340 0.7637 0.6384 0.3290  0.1807  0.1056  7 DT C "O5'" 
417 C "C5'" . DT C 7 ? 0.5922 0.7048 0.6193 0.3172  0.1694  0.1158  7 DT C "C5'" 
418 C "C4'" . DT C 7 ? 0.5985 0.6815 0.6319 0.3276  0.1671  0.1086  7 DT C "C4'" 
419 O "O4'" . DT C 7 ? 0.6184 0.6675 0.6237 0.3373  0.1671  0.0799  7 DT C "O4'" 
420 C "C3'" . DT C 7 ? 0.6271 0.7315 0.6820 0.3414  0.1751  0.1186  7 DT C "C3'" 
421 O "O3'" . DT C 7 ? 0.6386 0.7448 0.7317 0.3339  0.1643  0.1405  7 DT C "O3'" 
422 C "C2'" . DT C 7 ? 0.6484 0.7205 0.6822 0.3590  0.1771  0.0926  7 DT C "C2'" 
423 C "C1'" . DT C 7 ? 0.6421 0.6740 0.6538 0.3513  0.1669  0.0731  7 DT C "C1'" 
424 N N1    . DT C 7 ? 0.6824 0.6863 0.6641 0.3672  0.1648  0.0423  7 DT C N1    
425 C C2    . DT C 7 ? 0.6989 0.6575 0.6821 0.3703  0.1536  0.0272  7 DT C C2    
426 O O2    . DT C 7 ? 0.6778 0.6190 0.6822 0.3601  0.1485  0.0398  7 DT C O2    
427 N N3    . DT C 7 ? 0.7453 0.6747 0.7031 0.3864  0.1452  -0.0024 7 DT C N3    
428 C C4    . DT C 7 ? 0.7868 0.7251 0.7093 0.4015  0.1471  -0.0191 7 DT C C4    
429 O O4    . DT C 7 ? 0.8462 0.7482 0.7425 0.4177  0.1326  -0.0480 7 DT C O4    
430 C C5    . DT C 7 ? 0.7559 0.7443 0.6740 0.3975  0.1634  0.0007  7 DT C C5    
431 C C7    . DT C 7 ? 0.7805 0.7799 0.6561 0.4142  0.1680  -0.0108 7 DT C C7    
432 C C6    . DT C 7 ? 0.7052 0.7245 0.6570 0.3796  0.1711  0.0305  7 DT C C6    
433 O "O5'" . DT D 1 ? 0.7870 0.9435 0.6970 0.1752  0.0667  0.2033  1 DT D "O5'" 
434 C "C5'" . DT D 1 ? 0.7842 1.0057 0.6645 0.1815  0.0767  0.2165  1 DT D "C5'" 
435 C "C4'" . DT D 1 ? 0.7350 0.9826 0.6097 0.1897  0.0928  0.1990  1 DT D "C4'" 
436 O "O4'" . DT D 1 ? 0.6825 0.9024 0.6025 0.1677  0.1030  0.2061  1 DT D "O4'" 
437 C "C3'" . DT D 1 ? 0.7194 0.9486 0.5670 0.2148  0.0830  0.1553  1 DT D "C3'" 
438 O "O3'" . DT D 1 ? 0.7295 1.0125 0.5545 0.2331  0.0958  0.1444  1 DT D "O3'" 
439 C "C2'" . DT D 1 ? 0.6727 0.8480 0.5571 0.2009  0.0827  0.1442  1 DT D "C2'" 
440 C "C1'" . DT D 1 ? 0.6475 0.8308 0.5691 0.1746  0.1003  0.1733  1 DT D "C1'" 
441 N N1    . DT D 1 ? 0.6128 0.7403 0.5715 0.1560  0.0991  0.1763  1 DT D N1    
442 C C2    . DT D 1 ? 0.5717 0.6881 0.5602 0.1363  0.1112  0.1847  1 DT D C2    
443 O O2    . DT D 1 ? 0.5601 0.7084 0.5508 0.1299  0.1203  0.1929  1 DT D O2    
444 N N3    . DT D 1 ? 0.5523 0.6198 0.5687 0.1253  0.1112  0.1828  1 DT D N3    
445 C C4    . DT D 1 ? 0.5621 0.5976 0.5862 0.1307  0.1023  0.1784  1 DT D C4    
446 O O4    . DT D 1 ? 0.5587 0.5584 0.6108 0.1229  0.1067  0.1772  1 DT D O4    
447 C C5    . DT D 1 ? 0.5865 0.6347 0.5838 0.1474  0.0868  0.1742  1 DT D C5    
448 C C7    . DT D 1 ? 0.5915 0.6078 0.6008 0.1517  0.0721  0.1732  1 DT D C7    
449 C C6    . DT D 1 ? 0.6113 0.7014 0.5744 0.1596  0.0851  0.1712  1 DT D C6    
450 P P     . DA D 2 ? 0.7821 1.0880 0.5521 0.2712  0.0852  0.1103  2 DA D P     
451 O OP1   . DA D 2 ? 0.7964 1.1337 0.5309 0.2758  0.0811  0.1271  2 DA D OP1   
452 O OP2   . DA D 2 ? 0.8051 1.0467 0.5773 0.2807  0.0618  0.0752  2 DA D OP2   
453 O "O5'" . DA D 2 ? 0.7445 1.1127 0.5119 0.2871  0.1072  0.1044  2 DA D "O5'" 
454 C "C5'" . DA D 2 ? 0.7387 1.1876 0.4796 0.3004  0.1252  0.1204  2 DA D "C5'" 
455 C "C4'" . DA D 2 ? 0.7038 1.2078 0.4663 0.3062  0.1478  0.1248  2 DA D "C4'" 
456 O "O4'" . DA D 2 ? 0.6546 1.1552 0.4698 0.2677  0.1576  0.1631  2 DA D "O4'" 
457 C "C3'" . DA D 2 ? 0.6967 1.1719 0.4658 0.3270  0.1398  0.0834  2 DA D "C3'" 
458 O "O3'" . DA D 2 ? 0.7308 1.2771 0.5029 0.3482  0.1581  0.0807  2 DA D "O3'" 
459 C "C2'" . DA D 2 ? 0.6355 1.0560 0.4544 0.2919  0.1355  0.0959  2 DA D "C2'" 
460 C "C1'" . DA D 2 ? 0.6197 1.0775 0.4660 0.2604  0.1530  0.1453  2 DA D "C1'" 
461 N N9    . DA D 2 ? 0.5856 0.9828 0.4648 0.2253  0.1456  0.1616  2 DA D N9    
462 C C8    . DA D 2 ? 0.5765 0.9098 0.4521 0.2186  0.1295  0.1522  2 DA D C8    
463 N N7    . DA D 2 ? 0.5559 0.8490 0.4665 0.1893  0.1293  0.1686  2 DA D N7    
464 C C5    . DA D 2 ? 0.5468 0.8739 0.4830 0.1739  0.1425  0.1893  2 DA D C5    
465 C C6    . DA D 2 ? 0.5308 0.8371 0.5052 0.1432  0.1450  0.2098  2 DA D C6    
466 N N6    . DA D 2 ? 0.5270 0.7719 0.5186 0.1260  0.1382  0.2088  2 DA D N6    
467 N N1    . DA D 2 ? 0.5168 0.8670 0.5122 0.1322  0.1536  0.2297  2 DA D N1    
468 C C2    . DA D 2 ? 0.5295 0.9472 0.5116 0.1528  0.1634  0.2307  2 DA D C2    
469 N N3    . DA D 2 ? 0.5527 0.9990 0.4974 0.1860  0.1657  0.2097  2 DA D N3    
470 C C4    . DA D 2 ? 0.5620 0.9559 0.4831 0.1943  0.1528  0.1883  2 DA D C4    
471 P P     . DG D 3 ? 0.7649 1.2932 0.5487 0.3728  0.1483  0.0409  3 DG D P     
472 O OP1   . DG D 3 ? 0.7963 1.3831 0.5679 0.3973  0.1532  0.0319  3 DG D OP1   
473 O OP2   . DG D 3 ? 0.7775 1.2257 0.5462 0.3836  0.1207  0.0038  3 DG D OP2   
474 O "O5'" . DG D 3 ? 0.7136 1.2429 0.5528 0.3438  0.1598  0.0660  3 DG D "O5'" 
475 C "C5'" . DG D 3 ? 0.7001 1.2831 0.5696 0.3172  0.1778  0.1109  3 DG D "C5'" 
476 C "C4'" . DG D 3 ? 0.6450 1.2087 0.5624 0.2877  0.1797  0.1282  3 DG D "C4'" 
477 O "O4'" . DG D 3 ? 0.6228 1.1217 0.5493 0.2515  0.1692  0.1428  3 DG D "O4'" 
478 C "C3'" . DG D 3 ? 0.6365 1.1590 0.5661 0.2992  0.1642  0.0945  3 DG D "C3'" 
479 O "O3'" . DG D 3 ? 0.6290 1.1916 0.5993 0.2890  0.1730  0.1134  3 DG D "O3'" 
480 C "C2'" . DG D 3 ? 0.6061 1.0385 0.5392 0.2709  0.1447  0.0882  3 DG D "C2'" 
481 C "C1'" . DG D 3 ? 0.5880 1.0246 0.5340 0.2365  0.1550  0.1270  3 DG D "C1'" 
482 N N9    . DG D 3 ? 0.5675 0.9325 0.5080 0.2168  0.1430  0.1240  3 DG D N9    
483 C C8    . DG D 3 ? 0.5746 0.8982 0.4882 0.2307  0.1295  0.1020  3 DG D C8    
484 N N7    . DG D 3 ? 0.5625 0.8322 0.4851 0.2083  0.1231  0.1081  3 DG D N7    
485 C C5    . DG D 3 ? 0.5444 0.8150 0.4967 0.1794  0.1322  0.1311  3 DG D C5    
486 C C6    . DG D 3 ? 0.5346 0.7586 0.5064 0.1510  0.1312  0.1422  3 DG D C6    
487 O O6    . DG D 3 ? 0.5241 0.7018 0.4947 0.1462  0.1255  0.1364  3 DG D O6    
488 N N1    . DG D 3 ? 0.5421 0.7785 0.5387 0.1280  0.1369  0.1617  3 DG D N1    
489 C C2    . DG D 3 ? 0.5443 0.8375 0.5520 0.1297  0.1432  0.1750  3 DG D C2    
490 N N2    . DG D 3 ? 0.5488 0.8437 0.5847 0.1023  0.1430  0.1961  3 DG D N2    
491 N N3    . DG D 3 ? 0.5365 0.8808 0.5306 0.1574  0.1480  0.1671  3 DG D N3    
492 C C4    . DG D 3 ? 0.5419 0.8692 0.5060 0.1822  0.1420  0.1426  3 DG D C4    
493 P P     . DG D 4 ? 0.5864 1.1368 0.5769 0.3067  0.1604  0.0861  4 DG D P     
494 O OP1   . DG D 4 ? 0.6047 1.2279 0.6012 0.3349  0.1725  0.0854  4 DG D OP1   
495 O OP2   . DG D 4 ? 0.5794 1.0491 0.5484 0.3151  0.1348  0.0490  4 DG D OP2   
496 O "O5'" . DG D 4 ? 0.5268 1.0546 0.5583 0.2628  0.1545  0.1127  4 DG D "O5'" 
497 C "C5'" . DG D 4 ? 0.4980 1.0674 0.5559 0.2333  0.1679  0.1560  4 DG D "C5'" 
498 C "C4'" . DG D 4 ? 0.4774 0.9867 0.5539 0.1896  0.1530  0.1679  4 DG D "C4'" 
499 O "O4'" . DG D 4 ? 0.4753 0.9204 0.5262 0.1748  0.1475  0.1607  4 DG D "O4'" 
500 C "C3'" . DG D 4 ? 0.4682 0.9359 0.5544 0.1872  0.1341  0.1463  4 DG D "C3'" 
501 O "O3'" . DG D 4 ? 0.4643 0.9433 0.5853 0.1569  0.1287  0.1716  4 DG D "O3'" 
502 C "C2'" . DG D 4 ? 0.4633 0.8460 0.5213 0.1742  0.1205  0.1251  4 DG D "C2'" 
503 C "C1'" . DG D 4 ? 0.4645 0.8396 0.5138 0.1556  0.1309  0.1448  4 DG D "C1'" 
504 N N9    . DG D 4 ? 0.4651 0.7824 0.4861 0.1576  0.1258  0.1263  4 DG D N9    
505 C C8    . DG D 4 ? 0.4741 0.7819 0.4695 0.1868  0.1220  0.1026  4 DG D C8    
506 N N7    . DG D 4 ? 0.4723 0.7287 0.4531 0.1792  0.1165  0.0955  4 DG D N7    
507 C C5    . DG D 4 ? 0.4633 0.6933 0.4584 0.1463  0.1191  0.1118  4 DG D C5    
508 C C6    . DG D 4 ? 0.4609 0.6381 0.4523 0.1291  0.1174  0.1107  4 DG D C6    
509 O O6    . DG D 4 ? 0.4619 0.6095 0.4408 0.1377  0.1135  0.0998  4 DG D O6    
510 N N1    . DG D 4 ? 0.4618 0.6215 0.4680 0.1002  0.1197  0.1237  4 DG D N1    
511 C C2    . DG D 4 ? 0.4690 0.6586 0.4934 0.0861  0.1197  0.1397  4 DG D C2    
512 N N2    . DG D 4 ? 0.4843 0.6442 0.5189 0.0577  0.1166  0.1484  4 DG D N2    
513 N N3    . DG D 4 ? 0.4613 0.7061 0.4950 0.0999  0.1216  0.1461  4 DG D N3    
514 C C4    . DG D 4 ? 0.4613 0.7244 0.4787 0.1317  0.1230  0.1299  4 DG D C4    
515 P P     . DG D 5 ? 0.4657 0.9311 0.6072 0.1550  0.1101  0.1609  5 DG D P     
516 O OP1   . DG D 5 ? 0.4716 1.0084 0.6581 0.1527  0.1151  0.1898  5 DG D OP1   
517 O OP2   . DG D 5 ? 0.4600 0.9019 0.5827 0.1888  0.1016  0.1244  5 DG D OP2   
518 O "O5'" . DG D 5 ? 0.4637 0.8569 0.5949 0.1124  0.0935  0.1628  5 DG D "O5'" 
519 C "C5'" . DG D 5 ? 0.4771 0.8684 0.6203 0.0777  0.0938  0.1902  5 DG D "C5'" 
520 C "C4'" . DG D 5 ? 0.5002 0.8133 0.6185 0.0482  0.0802  0.1779  5 DG D "C4'" 
521 O "O4'" . DG D 5 ? 0.5061 0.7799 0.5931 0.0574  0.0890  0.1605  5 DG D "O4'" 
522 C "C3'" . DG D 5 ? 0.5181 0.7970 0.6265 0.0438  0.0621  0.1595  5 DG D "C3'" 
523 O "O3'" . DG D 5 ? 0.5572 0.8035 0.6628 0.0078  0.0477  0.1674  5 DG D "O3'" 
524 C "C2'" . DG D 5 ? 0.5169 0.7480 0.5906 0.0575  0.0642  0.1320  5 DG D "C2'" 
525 C "C1'" . DG D 5 ? 0.5078 0.7243 0.5695 0.0520  0.0787  0.1367  5 DG D "C1'" 
526 N N9    . DG D 5 ? 0.4952 0.6906 0.5347 0.0740  0.0859  0.1183  5 DG D N9    
527 C C8    . DG D 5 ? 0.4838 0.7041 0.5208 0.1075  0.0886  0.1069  5 DG D C8    
528 N N7    . DG D 5 ? 0.4754 0.6643 0.4918 0.1181  0.0903  0.0932  5 DG D N7    
529 C C5    . DG D 5 ? 0.4789 0.6248 0.4870 0.0922  0.0928  0.0964  5 DG D C5    
530 C C6    . DG D 5 ? 0.4592 0.5639 0.4523 0.0908  0.0966  0.0883  5 DG D C6    
531 O O6    . DG D 5 ? 0.4527 0.5485 0.4372 0.1092  0.0954  0.0789  5 DG D O6    
532 N N1    . DG D 5 ? 0.4701 0.5405 0.4598 0.0656  0.0999  0.0908  5 DG D N1    
533 C C2    . DG D 5 ? 0.4860 0.5563 0.4816 0.0423  0.0958  0.0988  5 DG D C2    
534 N N2    . DG D 5 ? 0.4995 0.5287 0.4854 0.0229  0.0973  0.0941  5 DG D N2    
535 N N3    . DG D 5 ? 0.4941 0.6021 0.5057 0.0396  0.0893  0.1104  5 DG D N3    
536 C C4    . DG D 5 ? 0.4921 0.6388 0.5108 0.0660  0.0898  0.1090  5 DG D C4    
537 P P     . DT D 6 ? 0.5825 0.7777 0.6612 -0.0078 0.0295  0.1495  6 DT D P     
538 O OP1   . DT D 6 ? 0.6283 0.8077 0.7086 -0.0444 0.0123  0.1625  6 DT D OP1   
539 O OP2   . DT D 6 ? 0.5870 0.7979 0.6742 0.0156  0.0220  0.1397  6 DT D OP2   
540 O "O5'" . DT D 6 ? 0.5777 0.7183 0.6172 -0.0082 0.0398  0.1287  6 DT D "O5'" 
541 C "C5'" . DT D 6 ? 0.5883 0.6831 0.5954 -0.0216 0.0315  0.1129  6 DT D "C5'" 
542 C "C4'" . DT D 6 ? 0.5926 0.6472 0.5730 -0.0200 0.0466  0.0982  6 DT D "C4'" 
543 O "O4'" . DT D 6 ? 0.5509 0.6209 0.5402 0.0088  0.0605  0.0952  6 DT D "O4'" 
544 C "C3'" . DT D 6 ? 0.6295 0.6457 0.5753 -0.0277 0.0443  0.0818  6 DT D "C3'" 
545 O "O3'" . DT D 6 ? 0.7156 0.6938 0.6385 -0.0380 0.0551  0.0706  6 DT D "O3'" 
546 C "C2'" . DT D 6 ? 0.5834 0.6072 0.5346 -0.0015 0.0493  0.0761  6 DT D "C2'" 
547 C "C1'" . DT D 6 ? 0.5511 0.5908 0.5192 0.0163  0.0635  0.0797  6 DT D "C1'" 
548 N N1    . DT D 6 ? 0.5176 0.5756 0.4964 0.0452  0.0638  0.0761  6 DT D N1    
549 C C2    . DT D 6 ? 0.5014 0.5391 0.4713 0.0570  0.0720  0.0683  6 DT D C2    
550 O O2    . DT D 6 ? 0.5049 0.5138 0.4620 0.0464  0.0818  0.0648  6 DT D O2    
551 N N3    . DT D 6 ? 0.4809 0.5327 0.4586 0.0831  0.0668  0.0636  6 DT D N3    
552 C C4    . DT D 6 ? 0.4693 0.5525 0.4610 0.1015  0.0566  0.0620  6 DT D C4    
553 O O4    . DT D 6 ? 0.4513 0.5398 0.4447 0.1261  0.0502  0.0526  6 DT D O4    
554 C C5    . DT D 6 ? 0.4879 0.5965 0.4933 0.0905  0.0523  0.0712  6 DT D C5    
555 C C7    . DT D 6 ? 0.4903 0.6389 0.5178 0.1132  0.0434  0.0698  6 DT D C7    
556 C C6    . DT D 6 ? 0.5041 0.5990 0.5032 0.0612  0.0549  0.0797  6 DT D C6    
557 P P     . DT D 7 ? 0.8207 0.7621 0.7008 -0.0548 0.0537  0.0542  7 DT D P     
558 O OP1   . DT D 7 ? 0.8827 0.7885 0.7488 -0.0656 0.0598  0.0428  7 DT D OP1   
559 O OP2   . DT D 7 ? 0.8389 0.7945 0.7120 -0.0696 0.0330  0.0619  7 DT D OP2   
560 O "O5'" . DT D 7 ? 0.7888 0.7251 0.6613 -0.0357 0.0686  0.0464  7 DT D "O5'" 
561 C "C5'" . DT D 7 ? 0.7433 0.6730 0.6295 -0.0179 0.0858  0.0431  7 DT D "C5'" 
562 C "C4'" . DT D 7 ? 0.7047 0.6323 0.5861 -0.0048 0.0943  0.0399  7 DT D "C4'" 
563 O "O4'" . DT D 7 ? 0.6611 0.6131 0.5595 0.0051  0.0795  0.0502  7 DT D "O4'" 
564 C "C3'" . DT D 7 ? 0.7159 0.6281 0.5635 -0.0167 0.1003  0.0306  7 DT D "C3'" 
565 O "O3'" . DT D 7 ? 0.7012 0.6049 0.5511 -0.0035 0.1193  0.0258  7 DT D "O3'" 
566 C "C2'" . DT D 7 ? 0.7020 0.6358 0.5492 -0.0225 0.0821  0.0431  7 DT D "C2'" 
567 C "C1'" . DT D 7 ? 0.6516 0.6024 0.5357 -0.0022 0.0741  0.0526  7 DT D "C1'" 
568 N N1    . DT D 7 ? 0.6094 0.5799 0.5093 -0.0025 0.0495  0.0635  7 DT D N1    
569 C C2    . DT D 7 ? 0.5666 0.5432 0.4853 0.0095  0.0376  0.0708  7 DT D C2    
570 O O2    . DT D 7 ? 0.5468 0.5161 0.4696 0.0183  0.0459  0.0714  7 DT D O2    
571 N N3    . DT D 7 ? 0.5738 0.5638 0.5114 0.0115  0.0126  0.0784  7 DT D N3    
572 C C4    . DT D 7 ? 0.5988 0.6016 0.5404 0.0027  0.0006  0.0814  7 DT D C4    
573 O O4    . DT D 7 ? 0.6069 0.6218 0.5721 0.0078  -0.0221 0.0882  7 DT D O4    
574 C C5    . DT D 7 ? 0.6186 0.6183 0.5400 -0.0128 0.0139  0.0769  7 DT D C5    
575 C C7    . DT D 7 ? 0.6247 0.6401 0.5542 -0.0263 -0.0009 0.0842  7 DT D C7    
576 C C6    . DT D 7 ? 0.6244 0.6054 0.5253 -0.0145 0.0364  0.0671  7 DT D C6    
# 
